data_1E6I
# 
_entry.id   1E6I 
# 
_audit_conform.dict_name       mmcif_pdbx.dic 
_audit_conform.dict_version    5.398 
_audit_conform.dict_location   http://mmcif.pdb.org/dictionaries/ascii/mmcif_pdbx.dic 
# 
loop_
_database_2.database_id 
_database_2.database_code 
_database_2.pdbx_database_accession 
_database_2.pdbx_DOI 
PDB   1E6I         pdb_00001e6i 10.2210/pdb1e6i/pdb 
PDBE  EBI-5262     ?            ?                   
WWPDB D_1290005262 ?            ?                   
# 
loop_
_pdbx_audit_revision_history.ordinal 
_pdbx_audit_revision_history.data_content_type 
_pdbx_audit_revision_history.major_revision 
_pdbx_audit_revision_history.minor_revision 
_pdbx_audit_revision_history.revision_date 
1 'Structure model' 1 0 2000-11-24 
2 'Structure model' 1 1 2012-11-28 
3 'Structure model' 1 2 2024-11-13 
# 
_pdbx_audit_revision_details.ordinal             1 
_pdbx_audit_revision_details.revision_ordinal    1 
_pdbx_audit_revision_details.data_content_type   'Structure model' 
_pdbx_audit_revision_details.provider            repository 
_pdbx_audit_revision_details.type                'Initial release' 
_pdbx_audit_revision_details.description         ? 
_pdbx_audit_revision_details.details             ? 
# 
loop_
_pdbx_audit_revision_group.ordinal 
_pdbx_audit_revision_group.revision_ordinal 
_pdbx_audit_revision_group.data_content_type 
_pdbx_audit_revision_group.group 
1  2 'Structure model' 'Atomic model'              
2  2 'Structure model' 'Database references'       
3  2 'Structure model' 'Derived calculations'      
4  2 'Structure model' 'Non-polymer description'   
5  2 'Structure model' Other                       
6  2 'Structure model' 'Source and taxonomy'       
7  2 'Structure model' 'Structure summary'         
8  2 'Structure model' 'Version format compliance' 
9  3 'Structure model' 'Data collection'           
10 3 'Structure model' 'Database references'       
11 3 'Structure model' 'Derived calculations'      
12 3 'Structure model' Other                       
13 3 'Structure model' 'Structure summary'         
# 
loop_
_pdbx_audit_revision_category.ordinal 
_pdbx_audit_revision_category.revision_ordinal 
_pdbx_audit_revision_category.data_content_type 
_pdbx_audit_revision_category.category 
1 3 'Structure model' chem_comp_atom            
2 3 'Structure model' chem_comp_bond            
3 3 'Structure model' database_2                
4 3 'Structure model' pdbx_database_status      
5 3 'Structure model' pdbx_entry_details        
6 3 'Structure model' pdbx_modification_feature 
7 3 'Structure model' struct_conn               
# 
loop_
_pdbx_audit_revision_item.ordinal 
_pdbx_audit_revision_item.revision_ordinal 
_pdbx_audit_revision_item.data_content_type 
_pdbx_audit_revision_item.item 
1 3 'Structure model' '_database_2.pdbx_DOI'                         
2 3 'Structure model' '_database_2.pdbx_database_accession'          
3 3 'Structure model' '_pdbx_database_status.status_code_sf'         
4 3 'Structure model' '_pdbx_entry_details.has_protein_modification' 
5 3 'Structure model' '_struct_conn.pdbx_leaving_atom_flag'          
# 
_pdbx_database_status.status_code                     REL 
_pdbx_database_status.entry_id                        1E6I 
_pdbx_database_status.deposit_site                    PDBE 
_pdbx_database_status.process_site                    PDBE 
_pdbx_database_status.SG_entry                        . 
_pdbx_database_status.recvd_initial_deposition_date   2000-08-18 
_pdbx_database_status.pdb_format_compatible           Y 
_pdbx_database_status.status_code_sf                  REL 
_pdbx_database_status.status_code_mr                  ? 
_pdbx_database_status.status_code_cs                  ? 
_pdbx_database_status.methods_development_category    ? 
_pdbx_database_status.status_code_nmr_data            ? 
# 
_pdbx_database_related.db_name        PDB 
_pdbx_database_related.db_id          1YGH 
_pdbx_database_related.content_type   unspecified 
_pdbx_database_related.details        'HAT DOMAIN OF GCN5 FROM SACCHAROMYCES CEREVISIAE' 
# 
loop_
_audit_author.name 
_audit_author.pdbx_ordinal 
'Owen, D.J.'    1 
'Travers, A.A.' 2 
'Evans, P.R.'   3 
# 
_citation.id                        primary 
_citation.title                     
'The Structural Basis for the Recognition of Acetylated Histone H4 by the Bromodomain of Histone Acetyltransferase Gcn5P' 
_citation.journal_abbrev            'Embo J.' 
_citation.journal_volume            19 
_citation.page_first                6141 
_citation.page_last                 ? 
_citation.year                      2000 
_citation.journal_id_ASTM           EMJODG 
_citation.country                   UK 
_citation.journal_id_ISSN           0261-4189 
_citation.journal_id_CSD            0897 
_citation.book_publisher            ? 
_citation.pdbx_database_id_PubMed   11080160 
_citation.pdbx_database_id_DOI      10.1093/EMBOJ/19.22.6141 
# 
loop_
_citation_author.citation_id 
_citation_author.name 
_citation_author.ordinal 
_citation_author.identifier_ORCID 
primary 'Owen, D.J.'    1 ? 
primary 'Ornaghi, P.'   2 ? 
primary 'Yang, J.C.'    3 ? 
primary 'Lowe, N.'      4 ? 
primary 'Evans, P.R.'   5 ? 
primary 'Ballario, P.'  6 ? 
primary 'Neuhaus, D.'   7 ? 
primary 'Filetici, P.'  8 ? 
primary 'Travers, A.A.' 9 ? 
# 
loop_
_entity.id 
_entity.type 
_entity.src_method 
_entity.pdbx_description 
_entity.formula_weight 
_entity.pdbx_number_of_molecules 
_entity.pdbx_ec 
_entity.pdbx_mutation 
_entity.pdbx_fragment 
_entity.details 
1 polymer man 'TRANSCRIPTIONAL ACTIVATOR GCN5' 14406.266 1   ? ? BROMODOMAIN                       ?                               
2 polymer syn 'HISTONE H4'                     1837.202  1   ? ? 'ACETYLATED TAIL, RESIDUES 16-30' 'LYSINE 16 IS ACETYLATED ON NZ' 
3 water   nat water                            18.015    109 ? ? ?                                 ?                               
# 
loop_
_entity_poly.entity_id 
_entity_poly.type 
_entity_poly.nstd_linkage 
_entity_poly.nstd_monomer 
_entity_poly.pdbx_seq_one_letter_code 
_entity_poly.pdbx_seq_one_letter_code_can 
_entity_poly.pdbx_strand_id 
_entity_poly.pdbx_target_identifier 
1 'polypeptide(L)' no no  
;AMANIAQRPKRGPHDAAIQNILTELQNHAAAWPFLQPVNKEEVPDYYDFIKEPMDLSTMEIKLESNKYQKMEDFIYDARL
VFNNCRMYNGENTSYYKYANRLEKFFNNKVKEIPEYSHLID
;
;AMANIAQRPKRGPHDAAIQNILTELQNHAAAWPFLQPVNKEEVPDYYDFIKEPMDLSTMEIKLESNKYQKMEDFIYDARL
VFNNCRMYNGENTSYYKYANRLEKFFNNKVKEIPEYSHLID
;
A ? 
2 'polypeptide(L)' no yes 'A(ALY)RHRKILRNSIQGI' AKRHRKILRNSIQGI P ? 
# 
_pdbx_entity_nonpoly.entity_id   3 
_pdbx_entity_nonpoly.name        water 
_pdbx_entity_nonpoly.comp_id     HOH 
# 
loop_
_entity_poly_seq.entity_id 
_entity_poly_seq.num 
_entity_poly_seq.mon_id 
_entity_poly_seq.hetero 
1 1   ALA n 
1 2   MET n 
1 3   ALA n 
1 4   ASN n 
1 5   ILE n 
1 6   ALA n 
1 7   GLN n 
1 8   ARG n 
1 9   PRO n 
1 10  LYS n 
1 11  ARG n 
1 12  GLY n 
1 13  PRO n 
1 14  HIS n 
1 15  ASP n 
1 16  ALA n 
1 17  ALA n 
1 18  ILE n 
1 19  GLN n 
1 20  ASN n 
1 21  ILE n 
1 22  LEU n 
1 23  THR n 
1 24  GLU n 
1 25  LEU n 
1 26  GLN n 
1 27  ASN n 
1 28  HIS n 
1 29  ALA n 
1 30  ALA n 
1 31  ALA n 
1 32  TRP n 
1 33  PRO n 
1 34  PHE n 
1 35  LEU n 
1 36  GLN n 
1 37  PRO n 
1 38  VAL n 
1 39  ASN n 
1 40  LYS n 
1 41  GLU n 
1 42  GLU n 
1 43  VAL n 
1 44  PRO n 
1 45  ASP n 
1 46  TYR n 
1 47  TYR n 
1 48  ASP n 
1 49  PHE n 
1 50  ILE n 
1 51  LYS n 
1 52  GLU n 
1 53  PRO n 
1 54  MET n 
1 55  ASP n 
1 56  LEU n 
1 57  SER n 
1 58  THR n 
1 59  MET n 
1 60  GLU n 
1 61  ILE n 
1 62  LYS n 
1 63  LEU n 
1 64  GLU n 
1 65  SER n 
1 66  ASN n 
1 67  LYS n 
1 68  TYR n 
1 69  GLN n 
1 70  LYS n 
1 71  MET n 
1 72  GLU n 
1 73  ASP n 
1 74  PHE n 
1 75  ILE n 
1 76  TYR n 
1 77  ASP n 
1 78  ALA n 
1 79  ARG n 
1 80  LEU n 
1 81  VAL n 
1 82  PHE n 
1 83  ASN n 
1 84  ASN n 
1 85  CYS n 
1 86  ARG n 
1 87  MET n 
1 88  TYR n 
1 89  ASN n 
1 90  GLY n 
1 91  GLU n 
1 92  ASN n 
1 93  THR n 
1 94  SER n 
1 95  TYR n 
1 96  TYR n 
1 97  LYS n 
1 98  TYR n 
1 99  ALA n 
1 100 ASN n 
1 101 ARG n 
1 102 LEU n 
1 103 GLU n 
1 104 LYS n 
1 105 PHE n 
1 106 PHE n 
1 107 ASN n 
1 108 ASN n 
1 109 LYS n 
1 110 VAL n 
1 111 LYS n 
1 112 GLU n 
1 113 ILE n 
1 114 PRO n 
1 115 GLU n 
1 116 TYR n 
1 117 SER n 
1 118 HIS n 
1 119 LEU n 
1 120 ILE n 
1 121 ASP n 
2 1   ALA n 
2 2   ALY n 
2 3   ARG n 
2 4   HIS n 
2 5   ARG n 
2 6   LYS n 
2 7   ILE n 
2 8   LEU n 
2 9   ARG n 
2 10  ASN n 
2 11  SER n 
2 12  ILE n 
2 13  GLN n 
2 14  GLY n 
2 15  ILE n 
# 
_entity_src_gen.entity_id                          1 
_entity_src_gen.pdbx_src_id                        1 
_entity_src_gen.pdbx_alt_source_flag               sample 
_entity_src_gen.pdbx_seq_type                      ? 
_entity_src_gen.pdbx_beg_seq_num                   ? 
_entity_src_gen.pdbx_end_seq_num                   ? 
_entity_src_gen.gene_src_common_name               ? 
_entity_src_gen.gene_src_genus                     ? 
_entity_src_gen.pdbx_gene_src_gene                 GCN5 
_entity_src_gen.gene_src_species                   ? 
_entity_src_gen.gene_src_strain                    ? 
_entity_src_gen.gene_src_tissue                    ? 
_entity_src_gen.gene_src_tissue_fraction           ? 
_entity_src_gen.gene_src_details                   ? 
_entity_src_gen.pdbx_gene_src_fragment             ? 
_entity_src_gen.pdbx_gene_src_scientific_name      'SACCHAROMYCES CEREVISIAE' 
_entity_src_gen.pdbx_gene_src_ncbi_taxonomy_id     4932 
_entity_src_gen.pdbx_gene_src_variant              ? 
_entity_src_gen.pdbx_gene_src_cell_line            ? 
_entity_src_gen.pdbx_gene_src_atcc                 ? 
_entity_src_gen.pdbx_gene_src_organ                ? 
_entity_src_gen.pdbx_gene_src_organelle            ? 
_entity_src_gen.pdbx_gene_src_cell                 ? 
_entity_src_gen.pdbx_gene_src_cellular_location    ? 
_entity_src_gen.host_org_common_name               ? 
_entity_src_gen.pdbx_host_org_scientific_name      'ESCHERICHIA COLI' 
_entity_src_gen.pdbx_host_org_ncbi_taxonomy_id     562 
_entity_src_gen.host_org_genus                     ? 
_entity_src_gen.pdbx_host_org_gene                 ? 
_entity_src_gen.pdbx_host_org_organ                ? 
_entity_src_gen.host_org_species                   ? 
_entity_src_gen.pdbx_host_org_tissue               ? 
_entity_src_gen.pdbx_host_org_tissue_fraction      ? 
_entity_src_gen.pdbx_host_org_strain               ? 
_entity_src_gen.pdbx_host_org_variant              ? 
_entity_src_gen.pdbx_host_org_cell_line            ? 
_entity_src_gen.pdbx_host_org_atcc                 ? 
_entity_src_gen.pdbx_host_org_culture_collection   ? 
_entity_src_gen.pdbx_host_org_cell                 ? 
_entity_src_gen.pdbx_host_org_organelle            ? 
_entity_src_gen.pdbx_host_org_cellular_location    ? 
_entity_src_gen.pdbx_host_org_vector_type          ? 
_entity_src_gen.pdbx_host_org_vector               ? 
_entity_src_gen.host_org_details                   ? 
_entity_src_gen.expression_system_id               ? 
_entity_src_gen.plasmid_name                       PET30A 
_entity_src_gen.plasmid_details                    ? 
_entity_src_gen.pdbx_description                   ? 
# 
_pdbx_entity_src_syn.entity_id              2 
_pdbx_entity_src_syn.pdbx_src_id            1 
_pdbx_entity_src_syn.pdbx_alt_source_flag   sample 
_pdbx_entity_src_syn.pdbx_beg_seq_num       ? 
_pdbx_entity_src_syn.pdbx_end_seq_num       ? 
_pdbx_entity_src_syn.organism_scientific    'SACCHAROMYCES CEREVISIAE' 
_pdbx_entity_src_syn.organism_common_name   ? 
_pdbx_entity_src_syn.ncbi_taxonomy_id       4932 
_pdbx_entity_src_syn.details                ? 
# 
loop_
_chem_comp.id 
_chem_comp.type 
_chem_comp.mon_nstd_flag 
_chem_comp.name 
_chem_comp.pdbx_synonyms 
_chem_comp.formula 
_chem_comp.formula_weight 
ALA 'L-peptide linking' y ALANINE             ? 'C3 H7 N O2'     89.093  
ALY 'L-peptide linking' n 'N(6)-ACETYLLYSINE' ? 'C8 H16 N2 O3'   188.224 
ARG 'L-peptide linking' y ARGININE            ? 'C6 H15 N4 O2 1' 175.209 
ASN 'L-peptide linking' y ASPARAGINE          ? 'C4 H8 N2 O3'    132.118 
ASP 'L-peptide linking' y 'ASPARTIC ACID'     ? 'C4 H7 N O4'     133.103 
CYS 'L-peptide linking' y CYSTEINE            ? 'C3 H7 N O2 S'   121.158 
GLN 'L-peptide linking' y GLUTAMINE           ? 'C5 H10 N2 O3'   146.144 
GLU 'L-peptide linking' y 'GLUTAMIC ACID'     ? 'C5 H9 N O4'     147.129 
GLY 'peptide linking'   y GLYCINE             ? 'C2 H5 N O2'     75.067  
HIS 'L-peptide linking' y HISTIDINE           ? 'C6 H10 N3 O2 1' 156.162 
HOH non-polymer         . WATER               ? 'H2 O'           18.015  
ILE 'L-peptide linking' y ISOLEUCINE          ? 'C6 H13 N O2'    131.173 
LEU 'L-peptide linking' y LEUCINE             ? 'C6 H13 N O2'    131.173 
LYS 'L-peptide linking' y LYSINE              ? 'C6 H15 N2 O2 1' 147.195 
MET 'L-peptide linking' y METHIONINE          ? 'C5 H11 N O2 S'  149.211 
PHE 'L-peptide linking' y PHENYLALANINE       ? 'C9 H11 N O2'    165.189 
PRO 'L-peptide linking' y PROLINE             ? 'C5 H9 N O2'     115.130 
SER 'L-peptide linking' y SERINE              ? 'C3 H7 N O3'     105.093 
THR 'L-peptide linking' y THREONINE           ? 'C4 H9 N O3'     119.119 
TRP 'L-peptide linking' y TRYPTOPHAN          ? 'C11 H12 N2 O2'  204.225 
TYR 'L-peptide linking' y TYROSINE            ? 'C9 H11 N O3'    181.189 
VAL 'L-peptide linking' y VALINE              ? 'C5 H11 N O2'    117.146 
# 
loop_
_pdbx_poly_seq_scheme.asym_id 
_pdbx_poly_seq_scheme.entity_id 
_pdbx_poly_seq_scheme.seq_id 
_pdbx_poly_seq_scheme.mon_id 
_pdbx_poly_seq_scheme.ndb_seq_num 
_pdbx_poly_seq_scheme.pdb_seq_num 
_pdbx_poly_seq_scheme.auth_seq_num 
_pdbx_poly_seq_scheme.pdb_mon_id 
_pdbx_poly_seq_scheme.auth_mon_id 
_pdbx_poly_seq_scheme.pdb_strand_id 
_pdbx_poly_seq_scheme.pdb_ins_code 
_pdbx_poly_seq_scheme.hetero 
A 1 1   ALA 1   319 ?   ?   ?   A . n 
A 1 2   MET 2   320 ?   ?   ?   A . n 
A 1 3   ALA 3   321 ?   ?   ?   A . n 
A 1 4   ASN 4   322 ?   ?   ?   A . n 
A 1 5   ILE 5   323 ?   ?   ?   A . n 
A 1 6   ALA 6   324 ?   ?   ?   A . n 
A 1 7   GLN 7   325 ?   ?   ?   A . n 
A 1 8   ARG 8   326 ?   ?   ?   A . n 
A 1 9   PRO 9   327 ?   ?   ?   A . n 
A 1 10  LYS 10  328 ?   ?   ?   A . n 
A 1 11  ARG 11  329 329 ARG ARG A . n 
A 1 12  GLY 12  330 330 GLY GLY A . n 
A 1 13  PRO 13  331 331 PRO PRO A . n 
A 1 14  HIS 14  332 332 HIS HIS A . n 
A 1 15  ASP 15  333 333 ASP ASP A . n 
A 1 16  ALA 16  334 334 ALA ALA A . n 
A 1 17  ALA 17  335 335 ALA ALA A . n 
A 1 18  ILE 18  336 336 ILE ILE A . n 
A 1 19  GLN 19  337 337 GLN GLN A . n 
A 1 20  ASN 20  338 338 ASN ASN A . n 
A 1 21  ILE 21  339 339 ILE ILE A . n 
A 1 22  LEU 22  340 340 LEU LEU A . n 
A 1 23  THR 23  341 341 THR THR A . n 
A 1 24  GLU 24  342 342 GLU GLU A . n 
A 1 25  LEU 25  343 343 LEU LEU A . n 
A 1 26  GLN 26  344 344 GLN GLN A . n 
A 1 27  ASN 27  345 345 ASN ASN A . n 
A 1 28  HIS 28  346 346 HIS HIS A . n 
A 1 29  ALA 29  347 347 ALA ALA A . n 
A 1 30  ALA 30  348 348 ALA ALA A . n 
A 1 31  ALA 31  349 349 ALA ALA A . n 
A 1 32  TRP 32  350 350 TRP TRP A . n 
A 1 33  PRO 33  351 351 PRO PRO A . n 
A 1 34  PHE 34  352 352 PHE PHE A . n 
A 1 35  LEU 35  353 353 LEU LEU A . n 
A 1 36  GLN 36  354 354 GLN GLN A . n 
A 1 37  PRO 37  355 355 PRO PRO A . n 
A 1 38  VAL 38  356 356 VAL VAL A . n 
A 1 39  ASN 39  357 357 ASN ASN A . n 
A 1 40  LYS 40  358 358 LYS LYS A . n 
A 1 41  GLU 41  359 359 GLU GLU A . n 
A 1 42  GLU 42  360 360 GLU GLU A . n 
A 1 43  VAL 43  361 361 VAL VAL A . n 
A 1 44  PRO 44  362 362 PRO PRO A . n 
A 1 45  ASP 45  363 363 ASP ASP A . n 
A 1 46  TYR 46  364 364 TYR TYR A . n 
A 1 47  TYR 47  365 365 TYR TYR A . n 
A 1 48  ASP 48  366 366 ASP ASP A . n 
A 1 49  PHE 49  367 367 PHE PHE A . n 
A 1 50  ILE 50  368 368 ILE ILE A . n 
A 1 51  LYS 51  369 369 LYS LYS A . n 
A 1 52  GLU 52  370 370 GLU GLU A . n 
A 1 53  PRO 53  371 371 PRO PRO A . n 
A 1 54  MET 54  372 372 MET MET A . n 
A 1 55  ASP 55  373 373 ASP ASP A . n 
A 1 56  LEU 56  374 374 LEU LEU A . n 
A 1 57  SER 57  375 375 SER SER A . n 
A 1 58  THR 58  376 376 THR THR A . n 
A 1 59  MET 59  377 377 MET MET A . n 
A 1 60  GLU 60  378 378 GLU GLU A . n 
A 1 61  ILE 61  379 379 ILE ILE A . n 
A 1 62  LYS 62  380 380 LYS LYS A . n 
A 1 63  LEU 63  381 381 LEU LEU A . n 
A 1 64  GLU 64  382 382 GLU GLU A . n 
A 1 65  SER 65  383 383 SER SER A . n 
A 1 66  ASN 66  384 384 ASN ASN A . n 
A 1 67  LYS 67  385 385 LYS LYS A . n 
A 1 68  TYR 68  386 386 TYR TYR A . n 
A 1 69  GLN 69  387 387 GLN GLN A . n 
A 1 70  LYS 70  388 388 LYS LYS A . n 
A 1 71  MET 71  389 389 MET MET A . n 
A 1 72  GLU 72  390 390 GLU GLU A . n 
A 1 73  ASP 73  391 391 ASP ASP A . n 
A 1 74  PHE 74  392 392 PHE PHE A . n 
A 1 75  ILE 75  393 393 ILE ILE A . n 
A 1 76  TYR 76  394 394 TYR TYR A . n 
A 1 77  ASP 77  395 395 ASP ASP A . n 
A 1 78  ALA 78  396 396 ALA ALA A . n 
A 1 79  ARG 79  397 397 ARG ARG A . n 
A 1 80  LEU 80  398 398 LEU LEU A . n 
A 1 81  VAL 81  399 399 VAL VAL A . n 
A 1 82  PHE 82  400 400 PHE PHE A . n 
A 1 83  ASN 83  401 401 ASN ASN A . n 
A 1 84  ASN 84  402 402 ASN ASN A . n 
A 1 85  CYS 85  403 403 CYS CYS A . n 
A 1 86  ARG 86  404 404 ARG ARG A . n 
A 1 87  MET 87  405 405 MET MET A . n 
A 1 88  TYR 88  406 406 TYR TYR A . n 
A 1 89  ASN 89  407 407 ASN ASN A . n 
A 1 90  GLY 90  408 408 GLY GLY A . n 
A 1 91  GLU 91  409 409 GLU GLU A . n 
A 1 92  ASN 92  410 410 ASN ASN A . n 
A 1 93  THR 93  411 411 THR THR A . n 
A 1 94  SER 94  412 412 SER SER A . n 
A 1 95  TYR 95  413 413 TYR TYR A . n 
A 1 96  TYR 96  414 414 TYR TYR A . n 
A 1 97  LYS 97  415 415 LYS LYS A . n 
A 1 98  TYR 98  416 416 TYR TYR A . n 
A 1 99  ALA 99  417 417 ALA ALA A . n 
A 1 100 ASN 100 418 418 ASN ASN A . n 
A 1 101 ARG 101 419 419 ARG ARG A . n 
A 1 102 LEU 102 420 420 LEU LEU A . n 
A 1 103 GLU 103 421 421 GLU GLU A . n 
A 1 104 LYS 104 422 422 LYS LYS A . n 
A 1 105 PHE 105 423 423 PHE PHE A . n 
A 1 106 PHE 106 424 424 PHE PHE A . n 
A 1 107 ASN 107 425 425 ASN ASN A . n 
A 1 108 ASN 108 426 426 ASN ASN A . n 
A 1 109 LYS 109 427 427 LYS LYS A . n 
A 1 110 VAL 110 428 428 VAL VAL A . n 
A 1 111 LYS 111 429 429 LYS LYS A . n 
A 1 112 GLU 112 430 430 GLU GLU A . n 
A 1 113 ILE 113 431 431 ILE ILE A . n 
A 1 114 PRO 114 432 432 PRO PRO A . n 
A 1 115 GLU 115 433 433 GLU GLU A . n 
A 1 116 TYR 116 434 434 TYR TYR A . n 
A 1 117 SER 117 435 435 SER SER A . n 
A 1 118 HIS 118 436 436 HIS HIS A . n 
A 1 119 LEU 119 437 437 LEU LEU A . n 
A 1 120 ILE 120 438 438 ILE ILE A . n 
A 1 121 ASP 121 439 439 ASP ASP A . n 
B 2 1   ALA 1   15  15  ALA ALA P . n 
B 2 2   ALY 2   16  16  ALY ALY P . n 
B 2 3   ARG 3   17  17  ARG ARG P . n 
B 2 4   HIS 4   18  18  HIS HIS P . n 
B 2 5   ARG 5   19  19  ARG ARG P . n 
B 2 6   LYS 6   20  20  LYS LYS P . n 
B 2 7   ILE 7   21  ?   ?   ?   P . n 
B 2 8   LEU 8   22  ?   ?   ?   P . n 
B 2 9   ARG 9   23  ?   ?   ?   P . n 
B 2 10  ASN 10  24  ?   ?   ?   P . n 
B 2 11  SER 11  25  ?   ?   ?   P . n 
B 2 12  ILE 12  26  ?   ?   ?   P . n 
B 2 13  GLN 13  27  ?   ?   ?   P . n 
B 2 14  GLY 14  28  ?   ?   ?   P . n 
B 2 15  ILE 15  29  ?   ?   ?   P . n 
# 
loop_
_pdbx_nonpoly_scheme.asym_id 
_pdbx_nonpoly_scheme.entity_id 
_pdbx_nonpoly_scheme.mon_id 
_pdbx_nonpoly_scheme.ndb_seq_num 
_pdbx_nonpoly_scheme.pdb_seq_num 
_pdbx_nonpoly_scheme.auth_seq_num 
_pdbx_nonpoly_scheme.pdb_mon_id 
_pdbx_nonpoly_scheme.auth_mon_id 
_pdbx_nonpoly_scheme.pdb_strand_id 
_pdbx_nonpoly_scheme.pdb_ins_code 
C 3 HOH 1  2001 2001 HOH HOH A . 
C 3 HOH 2  2002 2002 HOH HOH A . 
C 3 HOH 3  2003 2003 HOH HOH A . 
C 3 HOH 4  2004 2004 HOH HOH A . 
C 3 HOH 5  2005 2005 HOH HOH A . 
C 3 HOH 6  2006 2006 HOH HOH A . 
C 3 HOH 7  2007 2007 HOH HOH A . 
C 3 HOH 8  2008 2008 HOH HOH A . 
C 3 HOH 9  2009 2009 HOH HOH A . 
C 3 HOH 10 2010 2010 HOH HOH A . 
C 3 HOH 11 2011 2011 HOH HOH A . 
C 3 HOH 12 2012 2012 HOH HOH A . 
C 3 HOH 13 2013 2013 HOH HOH A . 
C 3 HOH 14 2014 2014 HOH HOH A . 
C 3 HOH 15 2015 2015 HOH HOH A . 
C 3 HOH 16 2016 2016 HOH HOH A . 
C 3 HOH 17 2017 2017 HOH HOH A . 
C 3 HOH 18 2018 2018 HOH HOH A . 
C 3 HOH 19 2019 2019 HOH HOH A . 
C 3 HOH 20 2020 2020 HOH HOH A . 
C 3 HOH 21 2021 2021 HOH HOH A . 
C 3 HOH 22 2022 2022 HOH HOH A . 
C 3 HOH 23 2023 2023 HOH HOH A . 
C 3 HOH 24 2024 2024 HOH HOH A . 
C 3 HOH 25 2025 2025 HOH HOH A . 
C 3 HOH 26 2026 2026 HOH HOH A . 
C 3 HOH 27 2027 2027 HOH HOH A . 
C 3 HOH 28 2028 2028 HOH HOH A . 
C 3 HOH 29 2029 2029 HOH HOH A . 
C 3 HOH 30 2030 2030 HOH HOH A . 
C 3 HOH 31 2031 2031 HOH HOH A . 
C 3 HOH 32 2032 2032 HOH HOH A . 
C 3 HOH 33 2033 2033 HOH HOH A . 
C 3 HOH 34 2034 2034 HOH HOH A . 
C 3 HOH 35 2035 2035 HOH HOH A . 
C 3 HOH 36 2036 2036 HOH HOH A . 
C 3 HOH 37 2037 2037 HOH HOH A . 
C 3 HOH 38 2038 2038 HOH HOH A . 
C 3 HOH 39 2039 2039 HOH HOH A . 
C 3 HOH 40 2040 2040 HOH HOH A . 
C 3 HOH 41 2041 2041 HOH HOH A . 
C 3 HOH 42 2042 2042 HOH HOH A . 
C 3 HOH 43 2043 2043 HOH HOH A . 
C 3 HOH 44 2044 2044 HOH HOH A . 
C 3 HOH 45 2045 2045 HOH HOH A . 
C 3 HOH 46 2046 2046 HOH HOH A . 
C 3 HOH 47 2047 2047 HOH HOH A . 
C 3 HOH 48 2048 2048 HOH HOH A . 
C 3 HOH 49 2049 2049 HOH HOH A . 
C 3 HOH 50 2050 2050 HOH HOH A . 
C 3 HOH 51 2051 2051 HOH HOH A . 
C 3 HOH 52 2052 2052 HOH HOH A . 
C 3 HOH 53 2053 2053 HOH HOH A . 
C 3 HOH 54 2054 2054 HOH HOH A . 
C 3 HOH 55 2055 2055 HOH HOH A . 
C 3 HOH 56 2056 2056 HOH HOH A . 
C 3 HOH 57 2057 2057 HOH HOH A . 
C 3 HOH 58 2058 2058 HOH HOH A . 
C 3 HOH 59 2059 2059 HOH HOH A . 
C 3 HOH 60 2060 2060 HOH HOH A . 
C 3 HOH 61 2061 2061 HOH HOH A . 
C 3 HOH 62 2062 2062 HOH HOH A . 
C 3 HOH 63 2063 2063 HOH HOH A . 
C 3 HOH 64 2064 2064 HOH HOH A . 
C 3 HOH 65 2065 2065 HOH HOH A . 
C 3 HOH 66 2066 2066 HOH HOH A . 
C 3 HOH 67 2067 2067 HOH HOH A . 
C 3 HOH 68 2068 2068 HOH HOH A . 
C 3 HOH 69 2069 2069 HOH HOH A . 
C 3 HOH 70 2070 2070 HOH HOH A . 
C 3 HOH 71 2071 2071 HOH HOH A . 
C 3 HOH 72 2072 2072 HOH HOH A . 
C 3 HOH 73 2073 2073 HOH HOH A . 
C 3 HOH 74 2074 2074 HOH HOH A . 
C 3 HOH 75 2075 2075 HOH HOH A . 
C 3 HOH 76 2076 2076 HOH HOH A . 
C 3 HOH 77 2077 2077 HOH HOH A . 
C 3 HOH 78 2078 2078 HOH HOH A . 
C 3 HOH 79 2079 2079 HOH HOH A . 
C 3 HOH 80 2080 2080 HOH HOH A . 
C 3 HOH 81 2081 2081 HOH HOH A . 
C 3 HOH 82 2082 2082 HOH HOH A . 
C 3 HOH 83 2083 2083 HOH HOH A . 
C 3 HOH 84 2084 2084 HOH HOH A . 
C 3 HOH 85 2085 2085 HOH HOH A . 
C 3 HOH 86 2086 2086 HOH HOH A . 
C 3 HOH 87 2087 2087 HOH HOH A . 
C 3 HOH 88 2088 2088 HOH HOH A . 
C 3 HOH 89 2089 2089 HOH HOH A . 
C 3 HOH 90 2090 2090 HOH HOH A . 
C 3 HOH 91 2091 2091 HOH HOH A . 
C 3 HOH 92 2092 2092 HOH HOH A . 
C 3 HOH 93 2093 2093 HOH HOH A . 
C 3 HOH 94 2094 2094 HOH HOH A . 
C 3 HOH 95 2095 2095 HOH HOH A . 
C 3 HOH 96 2096 2096 HOH HOH A . 
C 3 HOH 97 2097 2097 HOH HOH A . 
C 3 HOH 98 2098 2098 HOH HOH A . 
C 3 HOH 99 2099 2099 HOH HOH A . 
D 3 HOH 1  2001 2001 HOH HOH P . 
D 3 HOH 2  2002 2002 HOH HOH P . 
D 3 HOH 3  2003 2003 HOH HOH P . 
D 3 HOH 4  2004 2004 HOH HOH P . 
D 3 HOH 5  2005 2005 HOH HOH P . 
D 3 HOH 6  2006 2006 HOH HOH P . 
D 3 HOH 7  2007 2007 HOH HOH P . 
D 3 HOH 8  2008 2008 HOH HOH P . 
D 3 HOH 9  2009 2009 HOH HOH P . 
D 3 HOH 10 2010 2010 HOH HOH P . 
# 
loop_
_pdbx_unobs_or_zero_occ_atoms.id 
_pdbx_unobs_or_zero_occ_atoms.PDB_model_num 
_pdbx_unobs_or_zero_occ_atoms.polymer_flag 
_pdbx_unobs_or_zero_occ_atoms.occupancy_flag 
_pdbx_unobs_or_zero_occ_atoms.auth_asym_id 
_pdbx_unobs_or_zero_occ_atoms.auth_comp_id 
_pdbx_unobs_or_zero_occ_atoms.auth_seq_id 
_pdbx_unobs_or_zero_occ_atoms.PDB_ins_code 
_pdbx_unobs_or_zero_occ_atoms.auth_atom_id 
_pdbx_unobs_or_zero_occ_atoms.label_alt_id 
_pdbx_unobs_or_zero_occ_atoms.label_asym_id 
_pdbx_unobs_or_zero_occ_atoms.label_comp_id 
_pdbx_unobs_or_zero_occ_atoms.label_seq_id 
_pdbx_unobs_or_zero_occ_atoms.label_atom_id 
1  1 Y 1 A ASP 439 ? CA  ? A ASP 121 CA  
2  1 Y 1 A ASP 439 ? C   ? A ASP 121 C   
3  1 Y 1 A ASP 439 ? O   ? A ASP 121 O   
4  1 Y 1 A ASP 439 ? CB  ? A ASP 121 CB  
5  1 Y 1 A ASP 439 ? CG  ? A ASP 121 CG  
6  1 Y 1 A ASP 439 ? OD1 ? A ASP 121 OD1 
7  1 Y 1 A ASP 439 ? OD2 ? A ASP 121 OD2 
8  1 Y 1 P LYS 20  ? CA  ? B LYS 6   CA  
9  1 Y 1 P LYS 20  ? C   ? B LYS 6   C   
10 1 Y 1 P LYS 20  ? O   ? B LYS 6   O   
11 1 Y 1 P LYS 20  ? CB  ? B LYS 6   CB  
12 1 Y 1 P LYS 20  ? CG  ? B LYS 6   CG  
13 1 Y 1 P LYS 20  ? CD  ? B LYS 6   CD  
14 1 Y 1 P LYS 20  ? CE  ? B LYS 6   CE  
15 1 Y 1 P LYS 20  ? NZ  ? B LYS 6   NZ  
# 
loop_
_software.name 
_software.classification 
_software.version 
_software.citation_id 
_software.pdbx_ordinal 
REFMAC refinement       . ? 1 
MOSFLM 'data reduction' . ? 2 
SCALA  'data scaling'   . ? 3 
SHARP  phasing          . ? 4 
# 
_cell.entry_id           1E6I 
_cell.length_a           43.680 
_cell.length_b           71.920 
_cell.length_c           89.200 
_cell.angle_alpha        90.00 
_cell.angle_beta         90.00 
_cell.angle_gamma        90.00 
_cell.Z_PDB              8 
_cell.pdbx_unique_axis   ? 
# 
_symmetry.entry_id                         1E6I 
_symmetry.space_group_name_H-M             'C 2 2 21' 
_symmetry.pdbx_full_space_group_name_H-M   ? 
_symmetry.cell_setting                     ? 
_symmetry.Int_Tables_number                20 
# 
_exptl.entry_id          1E6I 
_exptl.method            'X-RAY DIFFRACTION' 
_exptl.crystals_number   1 
# 
_exptl_crystal.id                    1 
_exptl_crystal.density_meas          ? 
_exptl_crystal.density_Matthews      2.16 
_exptl_crystal.density_percent_sol   47 
_exptl_crystal.description           ? 
# 
_exptl_crystal_grow.crystal_id      1 
_exptl_crystal_grow.method          ? 
_exptl_crystal_grow.temp            ? 
_exptl_crystal_grow.temp_details    ? 
_exptl_crystal_grow.pH              7.50 
_exptl_crystal_grow.pdbx_pH_range   ? 
_exptl_crystal_grow.pdbx_details    
'2.2M AMMONIUM SULPHATE, 20% V/V GLYCEROL, 4MM DITHIOTHREITOL, 100 MM HEPES PH 7.5, 125MM NACL 5:1 PEPTIDE:PROTEIN' 
# 
_diffrn.id                     1 
_diffrn.ambient_temp           100.0 
_diffrn.ambient_temp_details   ? 
_diffrn.crystal_id             1 
# 
_diffrn_detector.diffrn_id              1 
_diffrn_detector.detector               'IMAGE PLATE' 
_diffrn_detector.type                   MARRESEARCH 
_diffrn_detector.pdbx_collection_date   2000-07-10 
_diffrn_detector.details                'OSMIC MIRRORS' 
# 
_diffrn_radiation.diffrn_id                        1 
_diffrn_radiation.wavelength_id                    1 
_diffrn_radiation.pdbx_monochromatic_or_laue_m_l   M 
_diffrn_radiation.monochromator                    'OSMIC MIRRORS' 
_diffrn_radiation.pdbx_diffrn_protocol             'SINGLE WAVELENGTH' 
_diffrn_radiation.pdbx_scattering_type             x-ray 
# 
_diffrn_radiation_wavelength.id           1 
_diffrn_radiation_wavelength.wavelength   1.5418 
_diffrn_radiation_wavelength.wt           1.0 
# 
_diffrn_source.diffrn_id                   1 
_diffrn_source.source                      'ROTATING ANODE' 
_diffrn_source.type                        RIGAKU 
_diffrn_source.pdbx_synchrotron_site       ? 
_diffrn_source.pdbx_synchrotron_beamline   ? 
_diffrn_source.pdbx_wavelength             1.5418 
_diffrn_source.pdbx_wavelength_list        ? 
# 
_reflns.pdbx_diffrn_id               1 
_reflns.pdbx_ordinal                 1 
_reflns.entry_id                     1E6I 
_reflns.observed_criterion_sigma_I   ? 
_reflns.observed_criterion_sigma_F   ? 
_reflns.d_resolution_low             19.100 
_reflns.d_resolution_high            1.870 
_reflns.number_obs                   88913 
_reflns.number_all                   ? 
_reflns.percent_possible_obs         99.8 
_reflns.pdbx_Rmerge_I_obs            0.07300 
_reflns.pdbx_Rsym_value              0.07300 
_reflns.pdbx_netI_over_sigmaI        24.5000 
_reflns.B_iso_Wilson_estimate        27 
_reflns.pdbx_redundancy              7.400 
# 
_reflns_shell.pdbx_diffrn_id         1 
_reflns_shell.pdbx_ordinal           1 
_reflns_shell.d_res_high             1.87 
_reflns_shell.d_res_low              1.98 
_reflns_shell.percent_possible_all   99.5 
_reflns_shell.Rmerge_I_obs           0.20400 
_reflns_shell.pdbx_Rsym_value        0.20400 
_reflns_shell.meanI_over_sigI_obs    8.700 
_reflns_shell.pdbx_redundancy        7.00 
# 
_refine.pdbx_refine_id                           'X-RAY DIFFRACTION' 
_refine.entry_id                                 1E6I 
_refine.pdbx_diffrn_id                           1 
_refine.pdbx_TLS_residual_ADP_flag               ? 
_refine.ls_number_reflns_obs                     11944 
_refine.ls_number_reflns_all                     ? 
_refine.pdbx_ls_sigma_I                          ? 
_refine.pdbx_ls_sigma_F                          0.0 
_refine.pdbx_data_cutoff_high_absF               ? 
_refine.pdbx_data_cutoff_low_absF                ? 
_refine.pdbx_data_cutoff_high_rms_absF           ? 
_refine.ls_d_res_low                             19 
_refine.ls_d_res_high                            1.87 
_refine.ls_percent_reflns_obs                    99.8 
_refine.ls_R_factor_obs                          ? 
_refine.ls_R_factor_all                          ? 
_refine.ls_R_factor_R_work                       0.187 
_refine.ls_R_factor_R_free                       0.209 
_refine.ls_R_factor_R_free_error                 ? 
_refine.ls_R_factor_R_free_error_details         ? 
_refine.ls_percent_reflns_R_free                 4.8 
_refine.ls_number_reflns_R_free                  572 
_refine.ls_number_parameters                     ? 
_refine.ls_number_restraints                     ? 
_refine.occupancy_min                            ? 
_refine.occupancy_max                            ? 
_refine.correlation_coeff_Fo_to_Fc               ? 
_refine.correlation_coeff_Fo_to_Fc_free          ? 
_refine.B_iso_mean                               21 
_refine.aniso_B[1][1]                            -1.0 
_refine.aniso_B[2][2]                            0.40 
_refine.aniso_B[3][3]                            0.6 
_refine.aniso_B[1][2]                            0 
_refine.aniso_B[1][3]                            0 
_refine.aniso_B[2][3]                            0 
_refine.solvent_model_details                    ? 
_refine.solvent_model_param_ksol                 ? 
_refine.solvent_model_param_bsol                 ? 
_refine.pdbx_solvent_vdw_probe_radii             ? 
_refine.pdbx_solvent_ion_probe_radii             ? 
_refine.pdbx_solvent_shrinkage_radii             ? 
_refine.pdbx_ls_cross_valid_method               THROUGHOUT 
_refine.details                                  REFMAC5 
_refine.pdbx_starting_model                      ? 
_refine.pdbx_method_to_determine_struct          SIRAS 
_refine.pdbx_isotropic_thermal_model             ? 
_refine.pdbx_stereochemistry_target_values       ? 
_refine.pdbx_stereochem_target_val_spec_case     ? 
_refine.pdbx_R_Free_selection_details            RANDOM 
_refine.pdbx_overall_ESU_R                       0.29 
_refine.pdbx_overall_ESU_R_Free                  0.18 
_refine.overall_SU_ML                            0.24 
_refine.pdbx_overall_phase_error                 ? 
_refine.overall_SU_B                             8 
_refine.overall_SU_R_Cruickshank_DPI             ? 
_refine.pdbx_overall_SU_R_free_Cruickshank_DPI   ? 
_refine.pdbx_overall_SU_R_Blow_DPI               ? 
_refine.pdbx_overall_SU_R_free_Blow_DPI          ? 
# 
_refine_hist.pdbx_refine_id                   'X-RAY DIFFRACTION' 
_refine_hist.cycle_id                         LAST 
_refine_hist.pdbx_number_atoms_protein        981 
_refine_hist.pdbx_number_atoms_nucleic_acid   0 
_refine_hist.pdbx_number_atoms_ligand         0 
_refine_hist.number_atoms_solvent             109 
_refine_hist.number_atoms_total               1090 
_refine_hist.d_res_high                       1.87 
_refine_hist.d_res_low                        19 
# 
loop_
_refine_ls_restr.type 
_refine_ls_restr.dev_ideal 
_refine_ls_restr.dev_ideal_target 
_refine_ls_restr.weight 
_refine_ls_restr.number 
_refine_ls_restr.pdbx_refine_id 
_refine_ls_restr.pdbx_restraint_function 
p_bond_d            0.016 0.021 ? ? 'X-RAY DIFFRACTION' ? 
p_angle_d           3.9   3     ? ? 'X-RAY DIFFRACTION' ? 
p_angle_deg         ?     ?     ? ? 'X-RAY DIFFRACTION' ? 
p_planar_d          ?     ?     ? ? 'X-RAY DIFFRACTION' ? 
p_hb_or_metal_coord ?     ?     ? ? 'X-RAY DIFFRACTION' ? 
p_mcbond_it         2.3   4     ? ? 'X-RAY DIFFRACTION' ? 
p_mcangle_it        3.6   6     ? ? 'X-RAY DIFFRACTION' ? 
p_scbond_it         3.4   5     ? ? 'X-RAY DIFFRACTION' ? 
p_scangle_it        5.3   8     ? ? 'X-RAY DIFFRACTION' ? 
p_plane_restr       0.006 0.02  ? ? 'X-RAY DIFFRACTION' ? 
p_chiral_restr      0.094 0.200 ? ? 'X-RAY DIFFRACTION' ? 
p_singtor_nbd       0.31  0.3   ? ? 'X-RAY DIFFRACTION' ? 
p_multtor_nbd       ?     ?     ? ? 'X-RAY DIFFRACTION' ? 
p_xhyhbond_nbd      ?     ?     ? ? 'X-RAY DIFFRACTION' ? 
p_xyhbond_nbd       ?     ?     ? ? 'X-RAY DIFFRACTION' ? 
p_planar_tor        ?     ?     ? ? 'X-RAY DIFFRACTION' ? 
p_staggered_tor     ?     ?     ? ? 'X-RAY DIFFRACTION' ? 
p_orthonormal_tor   ?     ?     ? ? 'X-RAY DIFFRACTION' ? 
p_transverse_tor    ?     ?     ? ? 'X-RAY DIFFRACTION' ? 
p_special_tor       ?     ?     ? ? 'X-RAY DIFFRACTION' ? 
# 
_struct.entry_id                  1E6I 
_struct.title                     'Bromodomain from GCN5 complexed with acetylated H4 peptide' 
_struct.pdbx_model_details        ? 
_struct.pdbx_CASP_flag            ? 
_struct.pdbx_model_type_details   ? 
# 
_struct_keywords.entry_id        1E6I 
_struct_keywords.pdbx_keywords   'GENE REGULATION' 
_struct_keywords.text            'GENE REGULATION, HISTONE BINDING, N-ACETYL LYSINE' 
# 
loop_
_struct_asym.id 
_struct_asym.pdbx_blank_PDB_chainid_flag 
_struct_asym.pdbx_modified 
_struct_asym.entity_id 
_struct_asym.details 
A N N 1 ? 
B N N 2 ? 
C N N 3 ? 
D N N 3 ? 
# 
loop_
_struct_ref.id 
_struct_ref.db_name 
_struct_ref.db_code 
_struct_ref.entity_id 
_struct_ref.pdbx_seq_one_letter_code 
_struct_ref.pdbx_align_begin 
_struct_ref.pdbx_db_accession 
_struct_ref.pdbx_db_isoform 
1 UNP GCN5_YEAST 1 ? ? Q03330 ? 
2 UNP H4_YEAST   2 ? ? P02309 ? 
# 
loop_
_struct_ref_seq.align_id 
_struct_ref_seq.ref_id 
_struct_ref_seq.pdbx_PDB_id_code 
_struct_ref_seq.pdbx_strand_id 
_struct_ref_seq.seq_align_beg 
_struct_ref_seq.pdbx_seq_align_beg_ins_code 
_struct_ref_seq.seq_align_end 
_struct_ref_seq.pdbx_seq_align_end_ins_code 
_struct_ref_seq.pdbx_db_accession 
_struct_ref_seq.db_align_beg 
_struct_ref_seq.pdbx_db_align_beg_ins_code 
_struct_ref_seq.db_align_end 
_struct_ref_seq.pdbx_db_align_end_ins_code 
_struct_ref_seq.pdbx_auth_seq_align_beg 
_struct_ref_seq.pdbx_auth_seq_align_end 
1 1 1E6I A 1 ? 121 ? Q03330 319 ? 439 ? 319 439 
2 2 1E6I P 1 ? 15  ? P02309 16  ? 30  ? 15  29  
# 
loop_
_struct_ref_seq_dif.align_id 
_struct_ref_seq_dif.pdbx_pdb_id_code 
_struct_ref_seq_dif.mon_id 
_struct_ref_seq_dif.pdbx_pdb_strand_id 
_struct_ref_seq_dif.seq_num 
_struct_ref_seq_dif.pdbx_pdb_ins_code 
_struct_ref_seq_dif.pdbx_seq_db_name 
_struct_ref_seq_dif.pdbx_seq_db_accession_code 
_struct_ref_seq_dif.db_mon_id 
_struct_ref_seq_dif.pdbx_seq_db_seq_num 
_struct_ref_seq_dif.details 
_struct_ref_seq_dif.pdbx_auth_seq_num 
_struct_ref_seq_dif.pdbx_ordinal 
1 1E6I ALA A 1  ? UNP Q03330 GLU 319 'cloning artifact' 319 1 
1 1E6I ALA A 3  ? UNP Q03330 ASP 321 'cloning artifact' 321 2 
1 1E6I ASN A 4  ? UNP Q03330 ALA 322 'cloning artifact' 322 3 
1 1E6I ILE A 5  ? UNP Q03330 LEU 323 'cloning artifact' 323 4 
2 1E6I ASN P 10 ? UNP P02309 ASP 25  conflict           24  5 
2 1E6I SER P 11 ? UNP P02309 ASN 26  conflict           25  6 
# 
_pdbx_struct_assembly.id                   1 
_pdbx_struct_assembly.details              software_defined_assembly 
_pdbx_struct_assembly.method_details       PISA 
_pdbx_struct_assembly.oligomeric_details   dimeric 
_pdbx_struct_assembly.oligomeric_count     2 
# 
loop_
_pdbx_struct_assembly_prop.biol_id 
_pdbx_struct_assembly_prop.type 
_pdbx_struct_assembly_prop.value 
_pdbx_struct_assembly_prop.details 
1 'ABSA (A^2)' 880  ? 
1 MORE         -4.5 ? 
1 'SSA (A^2)'  7090 ? 
# 
_pdbx_struct_assembly_gen.assembly_id       1 
_pdbx_struct_assembly_gen.oper_expression   1 
_pdbx_struct_assembly_gen.asym_id_list      A,B,C,D 
# 
_pdbx_struct_oper_list.id                   1 
_pdbx_struct_oper_list.type                 'identity operation' 
_pdbx_struct_oper_list.name                 1_555 
_pdbx_struct_oper_list.symmetry_operation   x,y,z 
_pdbx_struct_oper_list.matrix[1][1]         1.0000000000 
_pdbx_struct_oper_list.matrix[1][2]         0.0000000000 
_pdbx_struct_oper_list.matrix[1][3]         0.0000000000 
_pdbx_struct_oper_list.vector[1]            0.0000000000 
_pdbx_struct_oper_list.matrix[2][1]         0.0000000000 
_pdbx_struct_oper_list.matrix[2][2]         1.0000000000 
_pdbx_struct_oper_list.matrix[2][3]         0.0000000000 
_pdbx_struct_oper_list.vector[2]            0.0000000000 
_pdbx_struct_oper_list.matrix[3][1]         0.0000000000 
_pdbx_struct_oper_list.matrix[3][2]         0.0000000000 
_pdbx_struct_oper_list.matrix[3][3]         1.0000000000 
_pdbx_struct_oper_list.vector[3]            0.0000000000 
# 
_struct_biol.id   1 
# 
loop_
_struct_conf.conf_type_id 
_struct_conf.id 
_struct_conf.pdbx_PDB_helix_id 
_struct_conf.beg_label_comp_id 
_struct_conf.beg_label_asym_id 
_struct_conf.beg_label_seq_id 
_struct_conf.pdbx_beg_PDB_ins_code 
_struct_conf.end_label_comp_id 
_struct_conf.end_label_asym_id 
_struct_conf.end_label_seq_id 
_struct_conf.pdbx_end_PDB_ins_code 
_struct_conf.beg_auth_comp_id 
_struct_conf.beg_auth_asym_id 
_struct_conf.beg_auth_seq_id 
_struct_conf.end_auth_comp_id 
_struct_conf.end_auth_asym_id 
_struct_conf.end_auth_seq_id 
_struct_conf.pdbx_PDB_helix_class 
_struct_conf.details 
_struct_conf.pdbx_PDB_helix_length 
HELX_P HELX_P1 1 HIS A 14  ? HIS A 28  ? HIS A 332 HIS A 346 1 ? 15 
HELX_P HELX_P2 2 ALA A 31  ? LEU A 35  ? ALA A 349 LEU A 353 5 ? 5  
HELX_P HELX_P3 3 ASP A 45  ? ILE A 50  ? ASP A 363 ILE A 368 1 ? 6  
HELX_P HELX_P4 4 ASP A 55  ? SER A 65  ? ASP A 373 SER A 383 1 ? 11 
HELX_P HELX_P5 5 LYS A 70  ? ASN A 89  ? LYS A 388 ASN A 407 1 ? 20 
HELX_P HELX_P6 6 THR A 93  ? GLU A 112 ? THR A 411 GLU A 430 1 ? 20 
HELX_P HELX_P7 7 ILE A 113 ? ILE A 120 ? ILE A 431 ILE A 438 5 ? 8  
# 
_struct_conf_type.id          HELX_P 
_struct_conf_type.criteria    ? 
_struct_conf_type.reference   ? 
# 
loop_
_struct_conn.id 
_struct_conn.conn_type_id 
_struct_conn.pdbx_leaving_atom_flag 
_struct_conn.pdbx_PDB_id 
_struct_conn.ptnr1_label_asym_id 
_struct_conn.ptnr1_label_comp_id 
_struct_conn.ptnr1_label_seq_id 
_struct_conn.ptnr1_label_atom_id 
_struct_conn.pdbx_ptnr1_label_alt_id 
_struct_conn.pdbx_ptnr1_PDB_ins_code 
_struct_conn.pdbx_ptnr1_standard_comp_id 
_struct_conn.ptnr1_symmetry 
_struct_conn.ptnr2_label_asym_id 
_struct_conn.ptnr2_label_comp_id 
_struct_conn.ptnr2_label_seq_id 
_struct_conn.ptnr2_label_atom_id 
_struct_conn.pdbx_ptnr2_label_alt_id 
_struct_conn.pdbx_ptnr2_PDB_ins_code 
_struct_conn.ptnr1_auth_asym_id 
_struct_conn.ptnr1_auth_comp_id 
_struct_conn.ptnr1_auth_seq_id 
_struct_conn.ptnr2_auth_asym_id 
_struct_conn.ptnr2_auth_comp_id 
_struct_conn.ptnr2_auth_seq_id 
_struct_conn.ptnr2_symmetry 
_struct_conn.pdbx_ptnr3_label_atom_id 
_struct_conn.pdbx_ptnr3_label_seq_id 
_struct_conn.pdbx_ptnr3_label_comp_id 
_struct_conn.pdbx_ptnr3_label_asym_id 
_struct_conn.pdbx_ptnr3_label_alt_id 
_struct_conn.pdbx_ptnr3_PDB_ins_code 
_struct_conn.details 
_struct_conn.pdbx_dist_value 
_struct_conn.pdbx_value_order 
_struct_conn.pdbx_role 
covale1 covale both ? B ALA 1 C ? ? ? 1_555 B ALY 2 N ? ? P ALA 15 P ALY 16 1_555 ? ? ? ? ? ? ? 1.323 ? ? 
covale2 covale both ? B ALY 2 C ? ? ? 1_555 B ARG 3 N ? ? P ALY 16 P ARG 17 1_555 ? ? ? ? ? ? ? 1.323 ? ? 
# 
_struct_conn_type.id          covale 
_struct_conn_type.criteria    ? 
_struct_conn_type.reference   ? 
# 
_pdbx_modification_feature.ordinal                            1 
_pdbx_modification_feature.label_comp_id                      ALY 
_pdbx_modification_feature.label_asym_id                      B 
_pdbx_modification_feature.label_seq_id                       2 
_pdbx_modification_feature.label_alt_id                       ? 
_pdbx_modification_feature.modified_residue_label_comp_id     . 
_pdbx_modification_feature.modified_residue_label_asym_id     . 
_pdbx_modification_feature.modified_residue_label_seq_id      . 
_pdbx_modification_feature.modified_residue_label_alt_id      . 
_pdbx_modification_feature.auth_comp_id                       ALY 
_pdbx_modification_feature.auth_asym_id                       P 
_pdbx_modification_feature.auth_seq_id                        16 
_pdbx_modification_feature.PDB_ins_code                       ? 
_pdbx_modification_feature.symmetry                           1_555 
_pdbx_modification_feature.modified_residue_auth_comp_id      . 
_pdbx_modification_feature.modified_residue_auth_asym_id      . 
_pdbx_modification_feature.modified_residue_auth_seq_id       . 
_pdbx_modification_feature.modified_residue_PDB_ins_code      . 
_pdbx_modification_feature.modified_residue_symmetry          . 
_pdbx_modification_feature.comp_id_linking_atom               . 
_pdbx_modification_feature.modified_residue_id_linking_atom   . 
_pdbx_modification_feature.modified_residue_id                LYS 
_pdbx_modification_feature.ref_pcm_id                         1 
_pdbx_modification_feature.ref_comp_id                        ALY 
_pdbx_modification_feature.type                               Acetylation 
_pdbx_modification_feature.category                           'Named protein modification' 
# 
_pdbx_entry_details.entry_id                   1E6I 
_pdbx_entry_details.compound_details           
;HISTONE ACETYLTRANSFERASE (HAT) ACTION TO PROMOTE
 TRANSCRIPTIONAL ACTIVATION. BINDS PREFERENTIALLY TO
 LYSINE 14 OF H3 AND WITH  A SOMEWHAT LOWER PREFERENCE
 TO LYSINES 8 AND 16 OF HISTONE H4.
;
_pdbx_entry_details.source_details             ? 
_pdbx_entry_details.nonpolymer_details         ? 
_pdbx_entry_details.sequence_details           
;RESIDUES 319-324 (NOT VISIBLE) DERIVED FROM THE VECTOR
K16 IS ACETYLATED
;
_pdbx_entry_details.has_ligand_of_interest     ? 
_pdbx_entry_details.has_protein_modification   Y 
# 
loop_
_pdbx_validate_close_contact.id 
_pdbx_validate_close_contact.PDB_model_num 
_pdbx_validate_close_contact.auth_atom_id_1 
_pdbx_validate_close_contact.auth_asym_id_1 
_pdbx_validate_close_contact.auth_comp_id_1 
_pdbx_validate_close_contact.auth_seq_id_1 
_pdbx_validate_close_contact.PDB_ins_code_1 
_pdbx_validate_close_contact.label_alt_id_1 
_pdbx_validate_close_contact.auth_atom_id_2 
_pdbx_validate_close_contact.auth_asym_id_2 
_pdbx_validate_close_contact.auth_comp_id_2 
_pdbx_validate_close_contact.auth_seq_id_2 
_pdbx_validate_close_contact.PDB_ins_code_2 
_pdbx_validate_close_contact.label_alt_id_2 
_pdbx_validate_close_contact.dist 
1 1 O   A HOH 2007 ? ? O A HOH 2084 ? ? 2.08 
2 1 O   A HOH 2033 ? ? O A HOH 2045 ? ? 2.11 
3 1 NE2 P HIS 18   ? ? O P HOH 2007 ? ? 2.18 
# 
_pdbx_validate_torsion.id              1 
_pdbx_validate_torsion.PDB_model_num   1 
_pdbx_validate_torsion.auth_comp_id    TYR 
_pdbx_validate_torsion.auth_asym_id    A 
_pdbx_validate_torsion.auth_seq_id     386 
_pdbx_validate_torsion.PDB_ins_code    ? 
_pdbx_validate_torsion.label_alt_id    ? 
_pdbx_validate_torsion.phi             -109.53 
_pdbx_validate_torsion.psi             67.22 
# 
_pdbx_struct_mod_residue.id               1 
_pdbx_struct_mod_residue.label_asym_id    B 
_pdbx_struct_mod_residue.label_comp_id    ALY 
_pdbx_struct_mod_residue.label_seq_id     2 
_pdbx_struct_mod_residue.auth_asym_id     P 
_pdbx_struct_mod_residue.auth_comp_id     ALY 
_pdbx_struct_mod_residue.auth_seq_id      16 
_pdbx_struct_mod_residue.PDB_ins_code     ? 
_pdbx_struct_mod_residue.parent_comp_id   LYS 
_pdbx_struct_mod_residue.details          'N(6)-ACETYLLYSINE' 
# 
_pdbx_struct_special_symmetry.id              1 
_pdbx_struct_special_symmetry.PDB_model_num   1 
_pdbx_struct_special_symmetry.auth_asym_id    A 
_pdbx_struct_special_symmetry.auth_comp_id    HOH 
_pdbx_struct_special_symmetry.auth_seq_id     2094 
_pdbx_struct_special_symmetry.PDB_ins_code    ? 
_pdbx_struct_special_symmetry.label_asym_id   C 
_pdbx_struct_special_symmetry.label_comp_id   HOH 
_pdbx_struct_special_symmetry.label_seq_id    . 
# 
loop_
_pdbx_unobs_or_zero_occ_residues.id 
_pdbx_unobs_or_zero_occ_residues.PDB_model_num 
_pdbx_unobs_or_zero_occ_residues.polymer_flag 
_pdbx_unobs_or_zero_occ_residues.occupancy_flag 
_pdbx_unobs_or_zero_occ_residues.auth_asym_id 
_pdbx_unobs_or_zero_occ_residues.auth_comp_id 
_pdbx_unobs_or_zero_occ_residues.auth_seq_id 
_pdbx_unobs_or_zero_occ_residues.PDB_ins_code 
_pdbx_unobs_or_zero_occ_residues.label_asym_id 
_pdbx_unobs_or_zero_occ_residues.label_comp_id 
_pdbx_unobs_or_zero_occ_residues.label_seq_id 
1  1 Y 1 A ALA 319 ? A ALA 1  
2  1 Y 1 A MET 320 ? A MET 2  
3  1 Y 1 A ALA 321 ? A ALA 3  
4  1 Y 1 A ASN 322 ? A ASN 4  
5  1 Y 1 A ILE 323 ? A ILE 5  
6  1 Y 1 A ALA 324 ? A ALA 6  
7  1 Y 1 A GLN 325 ? A GLN 7  
8  1 Y 1 A ARG 326 ? A ARG 8  
9  1 Y 1 A PRO 327 ? A PRO 9  
10 1 Y 1 A LYS 328 ? A LYS 10 
11 1 Y 1 P ILE 21  ? B ILE 7  
12 1 Y 1 P LEU 22  ? B LEU 8  
13 1 Y 1 P ARG 23  ? B ARG 9  
14 1 Y 1 P ASN 24  ? B ASN 10 
15 1 Y 1 P SER 25  ? B SER 11 
16 1 Y 1 P ILE 26  ? B ILE 12 
17 1 Y 1 P GLN 27  ? B GLN 13 
18 1 Y 1 P GLY 28  ? B GLY 14 
19 1 Y 1 P ILE 29  ? B ILE 15 
# 
loop_
_chem_comp_atom.comp_id 
_chem_comp_atom.atom_id 
_chem_comp_atom.type_symbol 
_chem_comp_atom.pdbx_aromatic_flag 
_chem_comp_atom.pdbx_stereo_config 
_chem_comp_atom.pdbx_ordinal 
ALA N    N N N 1   
ALA CA   C N S 2   
ALA C    C N N 3   
ALA O    O N N 4   
ALA CB   C N N 5   
ALA OXT  O N N 6   
ALA H    H N N 7   
ALA H2   H N N 8   
ALA HA   H N N 9   
ALA HB1  H N N 10  
ALA HB2  H N N 11  
ALA HB3  H N N 12  
ALA HXT  H N N 13  
ALY OH   O N N 14  
ALY CH   C N N 15  
ALY CH3  C N N 16  
ALY NZ   N N N 17  
ALY CE   C N N 18  
ALY CD   C N N 19  
ALY CG   C N N 20  
ALY CB   C N N 21  
ALY CA   C N S 22  
ALY N    N N N 23  
ALY C    C N N 24  
ALY O    O N N 25  
ALY OXT  O N N 26  
ALY HH31 H N N 27  
ALY HH32 H N N 28  
ALY HH33 H N N 29  
ALY HZ   H N N 30  
ALY HE3  H N N 31  
ALY HE2  H N N 32  
ALY HD3  H N N 33  
ALY HD2  H N N 34  
ALY HG3  H N N 35  
ALY HG2  H N N 36  
ALY HB3  H N N 37  
ALY HB2  H N N 38  
ALY HA   H N N 39  
ALY H    H N N 40  
ALY H2   H N N 41  
ALY HXT  H N N 42  
ARG N    N N N 43  
ARG CA   C N S 44  
ARG C    C N N 45  
ARG O    O N N 46  
ARG CB   C N N 47  
ARG CG   C N N 48  
ARG CD   C N N 49  
ARG NE   N N N 50  
ARG CZ   C N N 51  
ARG NH1  N N N 52  
ARG NH2  N N N 53  
ARG OXT  O N N 54  
ARG H    H N N 55  
ARG H2   H N N 56  
ARG HA   H N N 57  
ARG HB2  H N N 58  
ARG HB3  H N N 59  
ARG HG2  H N N 60  
ARG HG3  H N N 61  
ARG HD2  H N N 62  
ARG HD3  H N N 63  
ARG HE   H N N 64  
ARG HH11 H N N 65  
ARG HH12 H N N 66  
ARG HH21 H N N 67  
ARG HH22 H N N 68  
ARG HXT  H N N 69  
ASN N    N N N 70  
ASN CA   C N S 71  
ASN C    C N N 72  
ASN O    O N N 73  
ASN CB   C N N 74  
ASN CG   C N N 75  
ASN OD1  O N N 76  
ASN ND2  N N N 77  
ASN OXT  O N N 78  
ASN H    H N N 79  
ASN H2   H N N 80  
ASN HA   H N N 81  
ASN HB2  H N N 82  
ASN HB3  H N N 83  
ASN HD21 H N N 84  
ASN HD22 H N N 85  
ASN HXT  H N N 86  
ASP N    N N N 87  
ASP CA   C N S 88  
ASP C    C N N 89  
ASP O    O N N 90  
ASP CB   C N N 91  
ASP CG   C N N 92  
ASP OD1  O N N 93  
ASP OD2  O N N 94  
ASP OXT  O N N 95  
ASP H    H N N 96  
ASP H2   H N N 97  
ASP HA   H N N 98  
ASP HB2  H N N 99  
ASP HB3  H N N 100 
ASP HD2  H N N 101 
ASP HXT  H N N 102 
CYS N    N N N 103 
CYS CA   C N R 104 
CYS C    C N N 105 
CYS O    O N N 106 
CYS CB   C N N 107 
CYS SG   S N N 108 
CYS OXT  O N N 109 
CYS H    H N N 110 
CYS H2   H N N 111 
CYS HA   H N N 112 
CYS HB2  H N N 113 
CYS HB3  H N N 114 
CYS HG   H N N 115 
CYS HXT  H N N 116 
GLN N    N N N 117 
GLN CA   C N S 118 
GLN C    C N N 119 
GLN O    O N N 120 
GLN CB   C N N 121 
GLN CG   C N N 122 
GLN CD   C N N 123 
GLN OE1  O N N 124 
GLN NE2  N N N 125 
GLN OXT  O N N 126 
GLN H    H N N 127 
GLN H2   H N N 128 
GLN HA   H N N 129 
GLN HB2  H N N 130 
GLN HB3  H N N 131 
GLN HG2  H N N 132 
GLN HG3  H N N 133 
GLN HE21 H N N 134 
GLN HE22 H N N 135 
GLN HXT  H N N 136 
GLU N    N N N 137 
GLU CA   C N S 138 
GLU C    C N N 139 
GLU O    O N N 140 
GLU CB   C N N 141 
GLU CG   C N N 142 
GLU CD   C N N 143 
GLU OE1  O N N 144 
GLU OE2  O N N 145 
GLU OXT  O N N 146 
GLU H    H N N 147 
GLU H2   H N N 148 
GLU HA   H N N 149 
GLU HB2  H N N 150 
GLU HB3  H N N 151 
GLU HG2  H N N 152 
GLU HG3  H N N 153 
GLU HE2  H N N 154 
GLU HXT  H N N 155 
GLY N    N N N 156 
GLY CA   C N N 157 
GLY C    C N N 158 
GLY O    O N N 159 
GLY OXT  O N N 160 
GLY H    H N N 161 
GLY H2   H N N 162 
GLY HA2  H N N 163 
GLY HA3  H N N 164 
GLY HXT  H N N 165 
HIS N    N N N 166 
HIS CA   C N S 167 
HIS C    C N N 168 
HIS O    O N N 169 
HIS CB   C N N 170 
HIS CG   C Y N 171 
HIS ND1  N Y N 172 
HIS CD2  C Y N 173 
HIS CE1  C Y N 174 
HIS NE2  N Y N 175 
HIS OXT  O N N 176 
HIS H    H N N 177 
HIS H2   H N N 178 
HIS HA   H N N 179 
HIS HB2  H N N 180 
HIS HB3  H N N 181 
HIS HD1  H N N 182 
HIS HD2  H N N 183 
HIS HE1  H N N 184 
HIS HE2  H N N 185 
HIS HXT  H N N 186 
HOH O    O N N 187 
HOH H1   H N N 188 
HOH H2   H N N 189 
ILE N    N N N 190 
ILE CA   C N S 191 
ILE C    C N N 192 
ILE O    O N N 193 
ILE CB   C N S 194 
ILE CG1  C N N 195 
ILE CG2  C N N 196 
ILE CD1  C N N 197 
ILE OXT  O N N 198 
ILE H    H N N 199 
ILE H2   H N N 200 
ILE HA   H N N 201 
ILE HB   H N N 202 
ILE HG12 H N N 203 
ILE HG13 H N N 204 
ILE HG21 H N N 205 
ILE HG22 H N N 206 
ILE HG23 H N N 207 
ILE HD11 H N N 208 
ILE HD12 H N N 209 
ILE HD13 H N N 210 
ILE HXT  H N N 211 
LEU N    N N N 212 
LEU CA   C N S 213 
LEU C    C N N 214 
LEU O    O N N 215 
LEU CB   C N N 216 
LEU CG   C N N 217 
LEU CD1  C N N 218 
LEU CD2  C N N 219 
LEU OXT  O N N 220 
LEU H    H N N 221 
LEU H2   H N N 222 
LEU HA   H N N 223 
LEU HB2  H N N 224 
LEU HB3  H N N 225 
LEU HG   H N N 226 
LEU HD11 H N N 227 
LEU HD12 H N N 228 
LEU HD13 H N N 229 
LEU HD21 H N N 230 
LEU HD22 H N N 231 
LEU HD23 H N N 232 
LEU HXT  H N N 233 
LYS N    N N N 234 
LYS CA   C N S 235 
LYS C    C N N 236 
LYS O    O N N 237 
LYS CB   C N N 238 
LYS CG   C N N 239 
LYS CD   C N N 240 
LYS CE   C N N 241 
LYS NZ   N N N 242 
LYS OXT  O N N 243 
LYS H    H N N 244 
LYS H2   H N N 245 
LYS HA   H N N 246 
LYS HB2  H N N 247 
LYS HB3  H N N 248 
LYS HG2  H N N 249 
LYS HG3  H N N 250 
LYS HD2  H N N 251 
LYS HD3  H N N 252 
LYS HE2  H N N 253 
LYS HE3  H N N 254 
LYS HZ1  H N N 255 
LYS HZ2  H N N 256 
LYS HZ3  H N N 257 
LYS HXT  H N N 258 
MET N    N N N 259 
MET CA   C N S 260 
MET C    C N N 261 
MET O    O N N 262 
MET CB   C N N 263 
MET CG   C N N 264 
MET SD   S N N 265 
MET CE   C N N 266 
MET OXT  O N N 267 
MET H    H N N 268 
MET H2   H N N 269 
MET HA   H N N 270 
MET HB2  H N N 271 
MET HB3  H N N 272 
MET HG2  H N N 273 
MET HG3  H N N 274 
MET HE1  H N N 275 
MET HE2  H N N 276 
MET HE3  H N N 277 
MET HXT  H N N 278 
PHE N    N N N 279 
PHE CA   C N S 280 
PHE C    C N N 281 
PHE O    O N N 282 
PHE CB   C N N 283 
PHE CG   C Y N 284 
PHE CD1  C Y N 285 
PHE CD2  C Y N 286 
PHE CE1  C Y N 287 
PHE CE2  C Y N 288 
PHE CZ   C Y N 289 
PHE OXT  O N N 290 
PHE H    H N N 291 
PHE H2   H N N 292 
PHE HA   H N N 293 
PHE HB2  H N N 294 
PHE HB3  H N N 295 
PHE HD1  H N N 296 
PHE HD2  H N N 297 
PHE HE1  H N N 298 
PHE HE2  H N N 299 
PHE HZ   H N N 300 
PHE HXT  H N N 301 
PRO N    N N N 302 
PRO CA   C N S 303 
PRO C    C N N 304 
PRO O    O N N 305 
PRO CB   C N N 306 
PRO CG   C N N 307 
PRO CD   C N N 308 
PRO OXT  O N N 309 
PRO H    H N N 310 
PRO HA   H N N 311 
PRO HB2  H N N 312 
PRO HB3  H N N 313 
PRO HG2  H N N 314 
PRO HG3  H N N 315 
PRO HD2  H N N 316 
PRO HD3  H N N 317 
PRO HXT  H N N 318 
SER N    N N N 319 
SER CA   C N S 320 
SER C    C N N 321 
SER O    O N N 322 
SER CB   C N N 323 
SER OG   O N N 324 
SER OXT  O N N 325 
SER H    H N N 326 
SER H2   H N N 327 
SER HA   H N N 328 
SER HB2  H N N 329 
SER HB3  H N N 330 
SER HG   H N N 331 
SER HXT  H N N 332 
THR N    N N N 333 
THR CA   C N S 334 
THR C    C N N 335 
THR O    O N N 336 
THR CB   C N R 337 
THR OG1  O N N 338 
THR CG2  C N N 339 
THR OXT  O N N 340 
THR H    H N N 341 
THR H2   H N N 342 
THR HA   H N N 343 
THR HB   H N N 344 
THR HG1  H N N 345 
THR HG21 H N N 346 
THR HG22 H N N 347 
THR HG23 H N N 348 
THR HXT  H N N 349 
TRP N    N N N 350 
TRP CA   C N S 351 
TRP C    C N N 352 
TRP O    O N N 353 
TRP CB   C N N 354 
TRP CG   C Y N 355 
TRP CD1  C Y N 356 
TRP CD2  C Y N 357 
TRP NE1  N Y N 358 
TRP CE2  C Y N 359 
TRP CE3  C Y N 360 
TRP CZ2  C Y N 361 
TRP CZ3  C Y N 362 
TRP CH2  C Y N 363 
TRP OXT  O N N 364 
TRP H    H N N 365 
TRP H2   H N N 366 
TRP HA   H N N 367 
TRP HB2  H N N 368 
TRP HB3  H N N 369 
TRP HD1  H N N 370 
TRP HE1  H N N 371 
TRP HE3  H N N 372 
TRP HZ2  H N N 373 
TRP HZ3  H N N 374 
TRP HH2  H N N 375 
TRP HXT  H N N 376 
TYR N    N N N 377 
TYR CA   C N S 378 
TYR C    C N N 379 
TYR O    O N N 380 
TYR CB   C N N 381 
TYR CG   C Y N 382 
TYR CD1  C Y N 383 
TYR CD2  C Y N 384 
TYR CE1  C Y N 385 
TYR CE2  C Y N 386 
TYR CZ   C Y N 387 
TYR OH   O N N 388 
TYR OXT  O N N 389 
TYR H    H N N 390 
TYR H2   H N N 391 
TYR HA   H N N 392 
TYR HB2  H N N 393 
TYR HB3  H N N 394 
TYR HD1  H N N 395 
TYR HD2  H N N 396 
TYR HE1  H N N 397 
TYR HE2  H N N 398 
TYR HH   H N N 399 
TYR HXT  H N N 400 
VAL N    N N N 401 
VAL CA   C N S 402 
VAL C    C N N 403 
VAL O    O N N 404 
VAL CB   C N N 405 
VAL CG1  C N N 406 
VAL CG2  C N N 407 
VAL OXT  O N N 408 
VAL H    H N N 409 
VAL H2   H N N 410 
VAL HA   H N N 411 
VAL HB   H N N 412 
VAL HG11 H N N 413 
VAL HG12 H N N 414 
VAL HG13 H N N 415 
VAL HG21 H N N 416 
VAL HG22 H N N 417 
VAL HG23 H N N 418 
VAL HXT  H N N 419 
# 
loop_
_chem_comp_bond.comp_id 
_chem_comp_bond.atom_id_1 
_chem_comp_bond.atom_id_2 
_chem_comp_bond.value_order 
_chem_comp_bond.pdbx_aromatic_flag 
_chem_comp_bond.pdbx_stereo_config 
_chem_comp_bond.pdbx_ordinal 
ALA N   CA   sing N N 1   
ALA N   H    sing N N 2   
ALA N   H2   sing N N 3   
ALA CA  C    sing N N 4   
ALA CA  CB   sing N N 5   
ALA CA  HA   sing N N 6   
ALA C   O    doub N N 7   
ALA C   OXT  sing N N 8   
ALA CB  HB1  sing N N 9   
ALA CB  HB2  sing N N 10  
ALA CB  HB3  sing N N 11  
ALA OXT HXT  sing N N 12  
ALY OH  CH   doub N N 13  
ALY CH  CH3  sing N N 14  
ALY CH  NZ   sing N N 15  
ALY CH3 HH31 sing N N 16  
ALY CH3 HH32 sing N N 17  
ALY CH3 HH33 sing N N 18  
ALY NZ  CE   sing N N 19  
ALY NZ  HZ   sing N N 20  
ALY CE  CD   sing N N 21  
ALY CE  HE3  sing N N 22  
ALY CE  HE2  sing N N 23  
ALY CD  CG   sing N N 24  
ALY CD  HD3  sing N N 25  
ALY CD  HD2  sing N N 26  
ALY CG  CB   sing N N 27  
ALY CG  HG3  sing N N 28  
ALY CG  HG2  sing N N 29  
ALY CB  CA   sing N N 30  
ALY CB  HB3  sing N N 31  
ALY CB  HB2  sing N N 32  
ALY CA  N    sing N N 33  
ALY CA  C    sing N N 34  
ALY CA  HA   sing N N 35  
ALY N   H    sing N N 36  
ALY N   H2   sing N N 37  
ALY C   O    doub N N 38  
ALY C   OXT  sing N N 39  
ALY OXT HXT  sing N N 40  
ARG N   CA   sing N N 41  
ARG N   H    sing N N 42  
ARG N   H2   sing N N 43  
ARG CA  C    sing N N 44  
ARG CA  CB   sing N N 45  
ARG CA  HA   sing N N 46  
ARG C   O    doub N N 47  
ARG C   OXT  sing N N 48  
ARG CB  CG   sing N N 49  
ARG CB  HB2  sing N N 50  
ARG CB  HB3  sing N N 51  
ARG CG  CD   sing N N 52  
ARG CG  HG2  sing N N 53  
ARG CG  HG3  sing N N 54  
ARG CD  NE   sing N N 55  
ARG CD  HD2  sing N N 56  
ARG CD  HD3  sing N N 57  
ARG NE  CZ   sing N N 58  
ARG NE  HE   sing N N 59  
ARG CZ  NH1  sing N N 60  
ARG CZ  NH2  doub N N 61  
ARG NH1 HH11 sing N N 62  
ARG NH1 HH12 sing N N 63  
ARG NH2 HH21 sing N N 64  
ARG NH2 HH22 sing N N 65  
ARG OXT HXT  sing N N 66  
ASN N   CA   sing N N 67  
ASN N   H    sing N N 68  
ASN N   H2   sing N N 69  
ASN CA  C    sing N N 70  
ASN CA  CB   sing N N 71  
ASN CA  HA   sing N N 72  
ASN C   O    doub N N 73  
ASN C   OXT  sing N N 74  
ASN CB  CG   sing N N 75  
ASN CB  HB2  sing N N 76  
ASN CB  HB3  sing N N 77  
ASN CG  OD1  doub N N 78  
ASN CG  ND2  sing N N 79  
ASN ND2 HD21 sing N N 80  
ASN ND2 HD22 sing N N 81  
ASN OXT HXT  sing N N 82  
ASP N   CA   sing N N 83  
ASP N   H    sing N N 84  
ASP N   H2   sing N N 85  
ASP CA  C    sing N N 86  
ASP CA  CB   sing N N 87  
ASP CA  HA   sing N N 88  
ASP C   O    doub N N 89  
ASP C   OXT  sing N N 90  
ASP CB  CG   sing N N 91  
ASP CB  HB2  sing N N 92  
ASP CB  HB3  sing N N 93  
ASP CG  OD1  doub N N 94  
ASP CG  OD2  sing N N 95  
ASP OD2 HD2  sing N N 96  
ASP OXT HXT  sing N N 97  
CYS N   CA   sing N N 98  
CYS N   H    sing N N 99  
CYS N   H2   sing N N 100 
CYS CA  C    sing N N 101 
CYS CA  CB   sing N N 102 
CYS CA  HA   sing N N 103 
CYS C   O    doub N N 104 
CYS C   OXT  sing N N 105 
CYS CB  SG   sing N N 106 
CYS CB  HB2  sing N N 107 
CYS CB  HB3  sing N N 108 
CYS SG  HG   sing N N 109 
CYS OXT HXT  sing N N 110 
GLN N   CA   sing N N 111 
GLN N   H    sing N N 112 
GLN N   H2   sing N N 113 
GLN CA  C    sing N N 114 
GLN CA  CB   sing N N 115 
GLN CA  HA   sing N N 116 
GLN C   O    doub N N 117 
GLN C   OXT  sing N N 118 
GLN CB  CG   sing N N 119 
GLN CB  HB2  sing N N 120 
GLN CB  HB3  sing N N 121 
GLN CG  CD   sing N N 122 
GLN CG  HG2  sing N N 123 
GLN CG  HG3  sing N N 124 
GLN CD  OE1  doub N N 125 
GLN CD  NE2  sing N N 126 
GLN NE2 HE21 sing N N 127 
GLN NE2 HE22 sing N N 128 
GLN OXT HXT  sing N N 129 
GLU N   CA   sing N N 130 
GLU N   H    sing N N 131 
GLU N   H2   sing N N 132 
GLU CA  C    sing N N 133 
GLU CA  CB   sing N N 134 
GLU CA  HA   sing N N 135 
GLU C   O    doub N N 136 
GLU C   OXT  sing N N 137 
GLU CB  CG   sing N N 138 
GLU CB  HB2  sing N N 139 
GLU CB  HB3  sing N N 140 
GLU CG  CD   sing N N 141 
GLU CG  HG2  sing N N 142 
GLU CG  HG3  sing N N 143 
GLU CD  OE1  doub N N 144 
GLU CD  OE2  sing N N 145 
GLU OE2 HE2  sing N N 146 
GLU OXT HXT  sing N N 147 
GLY N   CA   sing N N 148 
GLY N   H    sing N N 149 
GLY N   H2   sing N N 150 
GLY CA  C    sing N N 151 
GLY CA  HA2  sing N N 152 
GLY CA  HA3  sing N N 153 
GLY C   O    doub N N 154 
GLY C   OXT  sing N N 155 
GLY OXT HXT  sing N N 156 
HIS N   CA   sing N N 157 
HIS N   H    sing N N 158 
HIS N   H2   sing N N 159 
HIS CA  C    sing N N 160 
HIS CA  CB   sing N N 161 
HIS CA  HA   sing N N 162 
HIS C   O    doub N N 163 
HIS C   OXT  sing N N 164 
HIS CB  CG   sing N N 165 
HIS CB  HB2  sing N N 166 
HIS CB  HB3  sing N N 167 
HIS CG  ND1  sing Y N 168 
HIS CG  CD2  doub Y N 169 
HIS ND1 CE1  doub Y N 170 
HIS ND1 HD1  sing N N 171 
HIS CD2 NE2  sing Y N 172 
HIS CD2 HD2  sing N N 173 
HIS CE1 NE2  sing Y N 174 
HIS CE1 HE1  sing N N 175 
HIS NE2 HE2  sing N N 176 
HIS OXT HXT  sing N N 177 
HOH O   H1   sing N N 178 
HOH O   H2   sing N N 179 
ILE N   CA   sing N N 180 
ILE N   H    sing N N 181 
ILE N   H2   sing N N 182 
ILE CA  C    sing N N 183 
ILE CA  CB   sing N N 184 
ILE CA  HA   sing N N 185 
ILE C   O    doub N N 186 
ILE C   OXT  sing N N 187 
ILE CB  CG1  sing N N 188 
ILE CB  CG2  sing N N 189 
ILE CB  HB   sing N N 190 
ILE CG1 CD1  sing N N 191 
ILE CG1 HG12 sing N N 192 
ILE CG1 HG13 sing N N 193 
ILE CG2 HG21 sing N N 194 
ILE CG2 HG22 sing N N 195 
ILE CG2 HG23 sing N N 196 
ILE CD1 HD11 sing N N 197 
ILE CD1 HD12 sing N N 198 
ILE CD1 HD13 sing N N 199 
ILE OXT HXT  sing N N 200 
LEU N   CA   sing N N 201 
LEU N   H    sing N N 202 
LEU N   H2   sing N N 203 
LEU CA  C    sing N N 204 
LEU CA  CB   sing N N 205 
LEU CA  HA   sing N N 206 
LEU C   O    doub N N 207 
LEU C   OXT  sing N N 208 
LEU CB  CG   sing N N 209 
LEU CB  HB2  sing N N 210 
LEU CB  HB3  sing N N 211 
LEU CG  CD1  sing N N 212 
LEU CG  CD2  sing N N 213 
LEU CG  HG   sing N N 214 
LEU CD1 HD11 sing N N 215 
LEU CD1 HD12 sing N N 216 
LEU CD1 HD13 sing N N 217 
LEU CD2 HD21 sing N N 218 
LEU CD2 HD22 sing N N 219 
LEU CD2 HD23 sing N N 220 
LEU OXT HXT  sing N N 221 
LYS N   CA   sing N N 222 
LYS N   H    sing N N 223 
LYS N   H2   sing N N 224 
LYS CA  C    sing N N 225 
LYS CA  CB   sing N N 226 
LYS CA  HA   sing N N 227 
LYS C   O    doub N N 228 
LYS C   OXT  sing N N 229 
LYS CB  CG   sing N N 230 
LYS CB  HB2  sing N N 231 
LYS CB  HB3  sing N N 232 
LYS CG  CD   sing N N 233 
LYS CG  HG2  sing N N 234 
LYS CG  HG3  sing N N 235 
LYS CD  CE   sing N N 236 
LYS CD  HD2  sing N N 237 
LYS CD  HD3  sing N N 238 
LYS CE  NZ   sing N N 239 
LYS CE  HE2  sing N N 240 
LYS CE  HE3  sing N N 241 
LYS NZ  HZ1  sing N N 242 
LYS NZ  HZ2  sing N N 243 
LYS NZ  HZ3  sing N N 244 
LYS OXT HXT  sing N N 245 
MET N   CA   sing N N 246 
MET N   H    sing N N 247 
MET N   H2   sing N N 248 
MET CA  C    sing N N 249 
MET CA  CB   sing N N 250 
MET CA  HA   sing N N 251 
MET C   O    doub N N 252 
MET C   OXT  sing N N 253 
MET CB  CG   sing N N 254 
MET CB  HB2  sing N N 255 
MET CB  HB3  sing N N 256 
MET CG  SD   sing N N 257 
MET CG  HG2  sing N N 258 
MET CG  HG3  sing N N 259 
MET SD  CE   sing N N 260 
MET CE  HE1  sing N N 261 
MET CE  HE2  sing N N 262 
MET CE  HE3  sing N N 263 
MET OXT HXT  sing N N 264 
PHE N   CA   sing N N 265 
PHE N   H    sing N N 266 
PHE N   H2   sing N N 267 
PHE CA  C    sing N N 268 
PHE CA  CB   sing N N 269 
PHE CA  HA   sing N N 270 
PHE C   O    doub N N 271 
PHE C   OXT  sing N N 272 
PHE CB  CG   sing N N 273 
PHE CB  HB2  sing N N 274 
PHE CB  HB3  sing N N 275 
PHE CG  CD1  doub Y N 276 
PHE CG  CD2  sing Y N 277 
PHE CD1 CE1  sing Y N 278 
PHE CD1 HD1  sing N N 279 
PHE CD2 CE2  doub Y N 280 
PHE CD2 HD2  sing N N 281 
PHE CE1 CZ   doub Y N 282 
PHE CE1 HE1  sing N N 283 
PHE CE2 CZ   sing Y N 284 
PHE CE2 HE2  sing N N 285 
PHE CZ  HZ   sing N N 286 
PHE OXT HXT  sing N N 287 
PRO N   CA   sing N N 288 
PRO N   CD   sing N N 289 
PRO N   H    sing N N 290 
PRO CA  C    sing N N 291 
PRO CA  CB   sing N N 292 
PRO CA  HA   sing N N 293 
PRO C   O    doub N N 294 
PRO C   OXT  sing N N 295 
PRO CB  CG   sing N N 296 
PRO CB  HB2  sing N N 297 
PRO CB  HB3  sing N N 298 
PRO CG  CD   sing N N 299 
PRO CG  HG2  sing N N 300 
PRO CG  HG3  sing N N 301 
PRO CD  HD2  sing N N 302 
PRO CD  HD3  sing N N 303 
PRO OXT HXT  sing N N 304 
SER N   CA   sing N N 305 
SER N   H    sing N N 306 
SER N   H2   sing N N 307 
SER CA  C    sing N N 308 
SER CA  CB   sing N N 309 
SER CA  HA   sing N N 310 
SER C   O    doub N N 311 
SER C   OXT  sing N N 312 
SER CB  OG   sing N N 313 
SER CB  HB2  sing N N 314 
SER CB  HB3  sing N N 315 
SER OG  HG   sing N N 316 
SER OXT HXT  sing N N 317 
THR N   CA   sing N N 318 
THR N   H    sing N N 319 
THR N   H2   sing N N 320 
THR CA  C    sing N N 321 
THR CA  CB   sing N N 322 
THR CA  HA   sing N N 323 
THR C   O    doub N N 324 
THR C   OXT  sing N N 325 
THR CB  OG1  sing N N 326 
THR CB  CG2  sing N N 327 
THR CB  HB   sing N N 328 
THR OG1 HG1  sing N N 329 
THR CG2 HG21 sing N N 330 
THR CG2 HG22 sing N N 331 
THR CG2 HG23 sing N N 332 
THR OXT HXT  sing N N 333 
TRP N   CA   sing N N 334 
TRP N   H    sing N N 335 
TRP N   H2   sing N N 336 
TRP CA  C    sing N N 337 
TRP CA  CB   sing N N 338 
TRP CA  HA   sing N N 339 
TRP C   O    doub N N 340 
TRP C   OXT  sing N N 341 
TRP CB  CG   sing N N 342 
TRP CB  HB2  sing N N 343 
TRP CB  HB3  sing N N 344 
TRP CG  CD1  doub Y N 345 
TRP CG  CD2  sing Y N 346 
TRP CD1 NE1  sing Y N 347 
TRP CD1 HD1  sing N N 348 
TRP CD2 CE2  doub Y N 349 
TRP CD2 CE3  sing Y N 350 
TRP NE1 CE2  sing Y N 351 
TRP NE1 HE1  sing N N 352 
TRP CE2 CZ2  sing Y N 353 
TRP CE3 CZ3  doub Y N 354 
TRP CE3 HE3  sing N N 355 
TRP CZ2 CH2  doub Y N 356 
TRP CZ2 HZ2  sing N N 357 
TRP CZ3 CH2  sing Y N 358 
TRP CZ3 HZ3  sing N N 359 
TRP CH2 HH2  sing N N 360 
TRP OXT HXT  sing N N 361 
TYR N   CA   sing N N 362 
TYR N   H    sing N N 363 
TYR N   H2   sing N N 364 
TYR CA  C    sing N N 365 
TYR CA  CB   sing N N 366 
TYR CA  HA   sing N N 367 
TYR C   O    doub N N 368 
TYR C   OXT  sing N N 369 
TYR CB  CG   sing N N 370 
TYR CB  HB2  sing N N 371 
TYR CB  HB3  sing N N 372 
TYR CG  CD1  doub Y N 373 
TYR CG  CD2  sing Y N 374 
TYR CD1 CE1  sing Y N 375 
TYR CD1 HD1  sing N N 376 
TYR CD2 CE2  doub Y N 377 
TYR CD2 HD2  sing N N 378 
TYR CE1 CZ   doub Y N 379 
TYR CE1 HE1  sing N N 380 
TYR CE2 CZ   sing Y N 381 
TYR CE2 HE2  sing N N 382 
TYR CZ  OH   sing N N 383 
TYR OH  HH   sing N N 384 
TYR OXT HXT  sing N N 385 
VAL N   CA   sing N N 386 
VAL N   H    sing N N 387 
VAL N   H2   sing N N 388 
VAL CA  C    sing N N 389 
VAL CA  CB   sing N N 390 
VAL CA  HA   sing N N 391 
VAL C   O    doub N N 392 
VAL C   OXT  sing N N 393 
VAL CB  CG1  sing N N 394 
VAL CB  CG2  sing N N 395 
VAL CB  HB   sing N N 396 
VAL CG1 HG11 sing N N 397 
VAL CG1 HG12 sing N N 398 
VAL CG1 HG13 sing N N 399 
VAL CG2 HG21 sing N N 400 
VAL CG2 HG22 sing N N 401 
VAL CG2 HG23 sing N N 402 
VAL OXT HXT  sing N N 403 
# 
_atom_sites.entry_id                    1E6I 
_atom_sites.fract_transf_matrix[1][1]   -0.00394673 
_atom_sites.fract_transf_matrix[1][2]   0.00891134 
_atom_sites.fract_transf_matrix[1][3]   -0.02071585 
_atom_sites.fract_transf_matrix[2][1]   0.00741123 
_atom_sites.fract_transf_matrix[2][2]   -0.01022825 
_atom_sites.fract_transf_matrix[2][3]   -0.00581186 
_atom_sites.fract_transf_matrix[3][1]   -0.00928662 
_atom_sites.fract_transf_matrix[3][2]   -0.00621511 
_atom_sites.fract_transf_matrix[3][3]   -0.00090429 
_atom_sites.fract_transf_vector[1]      0.199106 
_atom_sites.fract_transf_vector[2]      0.322759 
_atom_sites.fract_transf_vector[3]      0.031150 
# 
loop_
_atom_type.symbol 
C 
N 
O 
S 
# 
loop_
_atom_site.group_PDB 
_atom_site.id 
_atom_site.type_symbol 
_atom_site.label_atom_id 
_atom_site.label_alt_id 
_atom_site.label_comp_id 
_atom_site.label_asym_id 
_atom_site.label_entity_id 
_atom_site.label_seq_id 
_atom_site.pdbx_PDB_ins_code 
_atom_site.Cartn_x 
_atom_site.Cartn_y 
_atom_site.Cartn_z 
_atom_site.occupancy 
_atom_site.B_iso_or_equiv 
_atom_site.pdbx_formal_charge 
_atom_site.auth_seq_id 
_atom_site.auth_comp_id 
_atom_site.auth_asym_id 
_atom_site.auth_atom_id 
_atom_site.pdbx_PDB_model_num 
ATOM   1    N N   . ARG A 1 11  ? -7.269  -22.194 -7.549  1.00 49.55 ? 329  ARG A N   1 
ATOM   2    C CA  . ARG A 1 11  ? -6.823  -20.843 -7.083  1.00 48.41 ? 329  ARG A CA  1 
ATOM   3    C C   . ARG A 1 11  ? -6.946  -20.685 -5.569  1.00 47.85 ? 329  ARG A C   1 
ATOM   4    O O   . ARG A 1 11  ? -7.835  -21.265 -4.942  1.00 47.81 ? 329  ARG A O   1 
ATOM   5    C CB  . ARG A 1 11  ? -7.630  -19.734 -7.770  1.00 48.63 ? 329  ARG A CB  1 
ATOM   6    C CG  . ARG A 1 11  ? -7.052  -19.254 -9.098  1.00 48.14 ? 329  ARG A CG  1 
ATOM   7    C CD  . ARG A 1 11  ? -7.360  -17.797 -9.437  1.00 48.98 ? 329  ARG A CD  1 
ATOM   8    N NE  . ARG A 1 11  ? -6.187  -16.935 -9.324  1.00 48.74 ? 329  ARG A NE  1 
ATOM   9    C CZ  . ARG A 1 11  ? -6.181  -15.632 -9.573  1.00 47.64 ? 329  ARG A CZ  1 
ATOM   10   N NH1 . ARG A 1 11  ? -7.286  -15.019 -9.961  1.00 47.88 ? 329  ARG A NH1 1 
ATOM   11   N NH2 . ARG A 1 11  ? -5.059  -14.940 -9.447  1.00 47.78 ? 329  ARG A NH2 1 
ATOM   12   N N   . GLY A 1 12  ? -5.994  -19.971 -4.977  1.00 45.58 ? 330  GLY A N   1 
ATOM   13   C CA  . GLY A 1 12  ? -6.083  -19.562 -3.585  1.00 44.32 ? 330  GLY A CA  1 
ATOM   14   C C   . GLY A 1 12  ? -7.434  -18.964 -3.237  1.00 40.45 ? 330  GLY A C   1 
ATOM   15   O O   . GLY A 1 12  ? -8.007  -18.256 -4.047  1.00 36.27 ? 330  GLY A O   1 
ATOM   16   N N   . PRO A 1 13  ? -7.938  -19.255 -2.037  1.00 38.55 ? 331  PRO A N   1 
ATOM   17   C CA  . PRO A 1 13  ? -9.229  -18.740 -1.581  1.00 37.06 ? 331  PRO A CA  1 
ATOM   18   C C   . PRO A 1 13  ? -9.341  -17.219 -1.585  1.00 34.05 ? 331  PRO A C   1 
ATOM   19   O O   . PRO A 1 13  ? -10.463 -16.735 -1.596  1.00 35.25 ? 331  PRO A O   1 
ATOM   20   C CB  . PRO A 1 13  ? -9.322  -19.257 -0.139  1.00 37.87 ? 331  PRO A CB  1 
ATOM   21   C CG  . PRO A 1 13  ? -8.501  -20.413 -0.109  1.00 40.39 ? 331  PRO A CG  1 
ATOM   22   C CD  . PRO A 1 13  ? -7.338  -20.130 -1.022  1.00 39.87 ? 331  PRO A CD  1 
ATOM   23   N N   . HIS A 1 14  ? -8.223  -16.495 -1.569  1.00 30.11 ? 332  HIS A N   1 
ATOM   24   C CA  . HIS A 1 14  ? -8.261  -15.032 -1.613  1.00 26.42 ? 332  HIS A CA  1 
ATOM   25   C C   . HIS A 1 14  ? -7.560  -14.435 -2.834  1.00 23.99 ? 332  HIS A C   1 
ATOM   26   O O   . HIS A 1 14  ? -7.538  -13.212 -3.002  1.00 19.80 ? 332  HIS A O   1 
ATOM   27   C CB  . HIS A 1 14  ? -7.604  -14.440 -0.371  1.00 26.01 ? 332  HIS A CB  1 
ATOM   28   C CG  . HIS A 1 14  ? -8.019  -15.091 0.908   1.00 28.13 ? 332  HIS A CG  1 
ATOM   29   N ND1 . HIS A 1 14  ? -9.312  -15.042 1.383   1.00 29.44 ? 332  HIS A ND1 1 
ATOM   30   C CD2 . HIS A 1 14  ? -7.289  -15.671 1.887   1.00 30.17 ? 332  HIS A CD2 1 
ATOM   31   C CE1 . HIS A 1 14  ? -9.400  -15.820 2.447   1.00 31.32 ? 332  HIS A CE1 1 
ATOM   32   N NE2 . HIS A 1 14  ? -8.182  -16.214 2.776   1.00 29.46 ? 332  HIS A NE2 1 
ATOM   33   N N   . ASP A 1 15  ? -6.985  -15.280 -3.683  1.00 25.47 ? 333  ASP A N   1 
ATOM   34   C CA  . ASP A 1 15  ? -6.233  -14.798 -4.841  1.00 25.26 ? 333  ASP A CA  1 
ATOM   35   C C   . ASP A 1 15  ? -7.006  -13.819 -5.732  1.00 22.69 ? 333  ASP A C   1 
ATOM   36   O O   . ASP A 1 15  ? -6.469  -12.782 -6.129  1.00 21.82 ? 333  ASP A O   1 
ATOM   37   C CB  . ASP A 1 15  ? -5.761  -15.976 -5.703  1.00 27.19 ? 333  ASP A CB  1 
ATOM   38   C CG  . ASP A 1 15  ? -4.681  -16.800 -5.037  1.00 31.92 ? 333  ASP A CG  1 
ATOM   39   O OD1 . ASP A 1 15  ? -4.199  -16.393 -3.961  1.00 29.16 ? 333  ASP A OD1 1 
ATOM   40   O OD2 . ASP A 1 15  ? -4.248  -17.874 -5.526  1.00 33.49 ? 333  ASP A OD2 1 
ATOM   41   N N   . ALA A 1 16  ? -8.242  -14.160 -6.083  1.00 22.74 ? 334  ALA A N   1 
ATOM   42   C CA  . ALA A 1 16  ? -8.987  -13.337 -7.031  1.00 23.64 ? 334  ALA A CA  1 
ATOM   43   C C   . ALA A 1 16  ? -9.368  -12.006 -6.406  1.00 20.43 ? 334  ALA A C   1 
ATOM   44   O O   . ALA A 1 16  ? -9.282  -10.974 -7.046  1.00 19.32 ? 334  ALA A O   1 
ATOM   45   C CB  . ALA A 1 16  ? -10.235 -14.056 -7.560  1.00 26.18 ? 334  ALA A CB  1 
ATOM   46   N N   . ALA A 1 17  ? -9.745  -12.031 -5.140  1.00 19.90 ? 335  ALA A N   1 
ATOM   47   C CA  . ALA A 1 17  ? -10.160 -10.811 -4.481  1.00 18.82 ? 335  ALA A CA  1 
ATOM   48   C C   . ALA A 1 17  ? -8.943  -9.887  -4.338  1.00 17.87 ? 335  ALA A C   1 
ATOM   49   O O   . ALA A 1 17  ? -9.022  -8.683  -4.581  1.00 13.64 ? 335  ALA A O   1 
ATOM   50   C CB  . ALA A 1 17  ? -10.773 -11.131 -3.135  1.00 21.24 ? 335  ALA A CB  1 
ATOM   51   N N   . ILE A 1 18  ? -7.813  -10.463 -3.952  1.00 18.80 ? 336  ILE A N   1 
ATOM   52   C CA  . ILE A 1 18  ? -6.581  -9.683  -3.791  1.00 18.23 ? 336  ILE A CA  1 
ATOM   53   C C   . ILE A 1 18  ? -6.120  -9.071  -5.137  1.00 19.47 ? 336  ILE A C   1 
ATOM   54   O O   . ILE A 1 18  ? -5.773  -7.882  -5.190  1.00 18.19 ? 336  ILE A O   1 
ATOM   55   C CB  . ILE A 1 18  ? -5.481  -10.534 -3.125  1.00 17.84 ? 336  ILE A CB  1 
ATOM   56   C CG1 . ILE A 1 18  ? -5.921  -10.939 -1.712  1.00 18.17 ? 336  ILE A CG1 1 
ATOM   57   C CG2 . ILE A 1 18  ? -4.158  -9.746  -3.061  1.00 19.00 ? 336  ILE A CG2 1 
ATOM   58   C CD1 . ILE A 1 18  ? -4.878  -11.689 -0.873  1.00 19.78 ? 336  ILE A CD1 1 
ATOM   59   N N   . GLN A 1 19  ? -6.094  -9.868  -6.212  1.00 16.80 ? 337  GLN A N   1 
ATOM   60   C CA  . GLN A 1 19  ? -5.714  -9.354  -7.532  1.00 19.11 ? 337  GLN A CA  1 
ATOM   61   C C   . GLN A 1 19  ? -6.613  -8.202  -7.955  1.00 18.06 ? 337  GLN A C   1 
ATOM   62   O O   . GLN A 1 19  ? -6.133  -7.213  -8.487  1.00 16.45 ? 337  GLN A O   1 
ATOM   63   C CB  . GLN A 1 19  ? -5.766  -10.443 -8.624  1.00 19.05 ? 337  GLN A CB  1 
ATOM   64   C CG  . GLN A 1 19  ? -5.258  -9.973  -9.995  1.00 23.26 ? 337  GLN A CG  1 
ATOM   65   C CD  . GLN A 1 19  ? -3.817  -9.461  -9.973  1.00 27.70 ? 337  GLN A CD  1 
ATOM   66   O OE1 . GLN A 1 19  ? -2.887  -10.232 -10.186 1.00 27.89 ? 337  GLN A OE1 1 
ATOM   67   N NE2 . GLN A 1 19  ? -3.636  -8.157  -9.738  1.00 24.71 ? 337  GLN A NE2 1 
ATOM   68   N N   . ASN A 1 20  ? -7.924  -8.348  -7.759  1.00 17.61 ? 338  ASN A N   1 
ATOM   69   C CA  . ASN A 1 20  ? -8.856  -7.287  -8.136  1.00 19.10 ? 338  ASN A CA  1 
ATOM   70   C C   . ASN A 1 20  ? -8.582  -5.990  -7.352  1.00 16.85 ? 338  ASN A C   1 
ATOM   71   O O   . ASN A 1 20  ? -8.555  -4.909  -7.913  1.00 14.93 ? 338  ASN A O   1 
ATOM   72   C CB  . ASN A 1 20  ? -10.312 -7.733  -7.929  1.00 23.52 ? 338  ASN A CB  1 
ATOM   73   C CG  . ASN A 1 20  ? -11.312 -6.572  -8.054  1.00 30.46 ? 338  ASN A CG  1 
ATOM   74   O OD1 . ASN A 1 20  ? -11.864 -6.087  -7.059  1.00 34.60 ? 338  ASN A OD1 1 
ATOM   75   N ND2 . ASN A 1 20  ? -11.542 -6.126  -9.280  1.00 33.85 ? 338  ASN A ND2 1 
ATOM   76   N N   . ILE A 1 21  ? -8.388  -6.108  -6.045  1.00 16.27 ? 339  ILE A N   1 
ATOM   77   C CA  . ILE A 1 21  ? -8.152  -4.933  -5.216  1.00 15.64 ? 339  ILE A CA  1 
ATOM   78   C C   . ILE A 1 21  ? -6.827  -4.289  -5.594  1.00 15.76 ? 339  ILE A C   1 
ATOM   79   O O   . ILE A 1 21  ? -6.733  -3.083  -5.733  1.00 12.37 ? 339  ILE A O   1 
ATOM   80   C CB  . ILE A 1 21  ? -8.125  -5.289  -3.718  1.00 14.56 ? 339  ILE A CB  1 
ATOM   81   C CG1 . ILE A 1 21  ? -9.488  -5.755  -3.234  1.00 17.52 ? 339  ILE A CG1 1 
ATOM   82   C CG2 . ILE A 1 21  ? -7.672  -4.083  -2.924  1.00 13.27 ? 339  ILE A CG2 1 
ATOM   83   C CD1 . ILE A 1 21  ? -9.409  -6.607  -2.007  1.00 19.56 ? 339  ILE A CD1 1 
ATOM   84   N N   . LEU A 1 22  ? -5.809  -5.115  -5.809  1.00 13.08 ? 340  LEU A N   1 
ATOM   85   C CA  . LEU A 1 22  ? -4.491  -4.579  -6.145  1.00 14.53 ? 340  LEU A CA  1 
ATOM   86   C C   . LEU A 1 22  ? -4.502  -3.838  -7.496  1.00 17.18 ? 340  LEU A C   1 
ATOM   87   O O   . LEU A 1 22  ? -3.918  -2.770  -7.639  1.00 13.85 ? 340  LEU A O   1 
ATOM   88   C CB  . LEU A 1 22  ? -3.482  -5.712  -6.147  1.00 14.27 ? 340  LEU A CB  1 
ATOM   89   C CG  . LEU A 1 22  ? -2.072  -5.306  -6.544  1.00 15.91 ? 340  LEU A CG  1 
ATOM   90   C CD1 . LEU A 1 22  ? -1.582  -4.279  -5.569  1.00 16.51 ? 340  LEU A CD1 1 
ATOM   91   C CD2 . LEU A 1 22  ? -1.170  -6.511  -6.517  1.00 16.41 ? 340  LEU A CD2 1 
ATOM   92   N N   . THR A 1 23  ? -5.149  -4.430  -8.489  1.00 14.75 ? 341  THR A N   1 
ATOM   93   C CA  . THR A 1 23  ? -5.341  -3.772  -9.775  1.00 16.19 ? 341  THR A CA  1 
ATOM   94   C C   . THR A 1 23  ? -6.018  -2.380  -9.634  1.00 14.53 ? 341  THR A C   1 
ATOM   95   O O   . THR A 1 23  ? -5.559  -1.391  -10.202 1.00 16.23 ? 341  THR A O   1 
ATOM   96   C CB  . THR A 1 23  ? -6.162  -4.689  -10.669 1.00 19.98 ? 341  THR A CB  1 
ATOM   97   O OG1 . THR A 1 23  ? -5.406  -5.887  -10.927 1.00 20.70 ? 341  THR A OG1 1 
ATOM   98   C CG2 . THR A 1 23  ? -6.375  -4.060  -12.034 1.00 21.21 ? 341  THR A CG2 1 
ATOM   99   N N   . GLU A 1 24  ? -7.089  -2.313  -8.863  1.00 14.68 ? 342  GLU A N   1 
ATOM   100  C CA  . GLU A 1 24  ? -7.756  -1.040  -8.586  1.00 18.22 ? 342  GLU A CA  1 
ATOM   101  C C   . GLU A 1 24  ? -6.837  -0.034  -7.878  1.00 15.66 ? 342  GLU A C   1 
ATOM   102  O O   . GLU A 1 24  ? -6.847  1.135   -8.206  1.00 14.71 ? 342  GLU A O   1 
ATOM   103  C CB  . GLU A 1 24  ? -8.971  -1.272  -7.713  1.00 20.91 ? 342  GLU A CB  1 
ATOM   104  C CG  . GLU A 1 24  ? -10.047 -2.091  -8.390  1.00 24.90 ? 342  GLU A CG  1 
ATOM   105  C CD  . GLU A 1 24  ? -11.245 -1.270  -8.785  1.00 31.18 ? 342  GLU A CD  1 
ATOM   106  O OE1 . GLU A 1 24  ? -11.158 -0.023  -8.730  1.00 31.19 ? 342  GLU A OE1 1 
ATOM   107  O OE2 . GLU A 1 24  ? -12.270 -1.889  -9.145  1.00 32.35 ? 342  GLU A OE2 1 
ATOM   108  N N   . LEU A 1 25  ? -6.090  -0.490  -6.876  1.00 13.97 ? 343  LEU A N   1 
ATOM   109  C CA  . LEU A 1 25  ? -5.147  0.388   -6.200  1.00 15.04 ? 343  LEU A CA  1 
ATOM   110  C C   . LEU A 1 25  ? -4.168  0.934   -7.212  1.00 14.09 ? 343  LEU A C   1 
ATOM   111  O O   . LEU A 1 25  ? -3.926  2.120   -7.243  1.00 15.00 ? 343  LEU A O   1 
ATOM   112  C CB  . LEU A 1 25  ? -4.343  -0.348  -5.129  1.00 15.57 ? 343  LEU A CB  1 
ATOM   113  C CG  . LEU A 1 25  ? -5.059  -0.720  -3.851  1.00 14.09 ? 343  LEU A CG  1 
ATOM   114  C CD1 . LEU A 1 25  ? -4.229  -1.632  -2.961  1.00 13.59 ? 343  LEU A CD1 1 
ATOM   115  C CD2 . LEU A 1 25  ? -5.337  0.592   -3.096  1.00 15.57 ? 343  LEU A CD2 1 
ATOM   116  N N   . GLN A 1 26  ? -3.580  0.064   -8.026  1.00 9.65  ? 344  GLN A N   1 
ATOM   117  C CA  . GLN A 1 26  ? -2.560  0.519   -8.966  1.00 12.01 ? 344  GLN A CA  1 
ATOM   118  C C   . GLN A 1 26  ? -3.110  1.509   -9.996  1.00 14.23 ? 344  GLN A C   1 
ATOM   119  O O   . GLN A 1 26  ? -2.376  2.362   -10.463 1.00 15.50 ? 344  GLN A O   1 
ATOM   120  C CB  . GLN A 1 26  ? -1.886  -0.658  -9.691  1.00 16.01 ? 344  GLN A CB  1 
ATOM   121  C CG  . GLN A 1 26  ? -1.108  -1.591  -8.771  1.00 15.23 ? 344  GLN A CG  1 
ATOM   122  C CD  . GLN A 1 26  ? -0.670  -2.870  -9.441  1.00 20.42 ? 344  GLN A CD  1 
ATOM   123  O OE1 . GLN A 1 26  ? -1.458  -3.522  -10.132 1.00 19.31 ? 344  GLN A OE1 1 
ATOM   124  N NE2 . GLN A 1 26  ? 0.584   -3.254  -9.214  1.00 14.28 ? 344  GLN A NE2 1 
ATOM   125  N N   . ASN A 1 27  ? -4.385  1.369   -10.341 1.00 13.40 ? 345  ASN A N   1 
ATOM   126  C CA  . ASN A 1 27  ? -5.080  2.238   -11.296 1.00 14.03 ? 345  ASN A CA  1 
ATOM   127  C C   . ASN A 1 27  ? -5.485  3.584   -10.683 1.00 16.38 ? 345  ASN A C   1 
ATOM   128  O O   . ASN A 1 27  ? -5.844  4.519   -11.390 1.00 12.27 ? 345  ASN A O   1 
ATOM   129  C CB  . ASN A 1 27  ? -6.361  1.512   -11.736 1.00 18.89 ? 345  ASN A CB  1 
ATOM   130  C CG  . ASN A 1 27  ? -7.187  2.302   -12.729 1.00 22.11 ? 345  ASN A CG  1 
ATOM   131  O OD1 . ASN A 1 27  ? -6.730  2.554   -13.852 1.00 24.03 ? 345  ASN A OD1 1 
ATOM   132  N ND2 . ASN A 1 27  ? -8.438  2.659   -12.345 1.00 20.57 ? 345  ASN A ND2 1 
ATOM   133  N N   . HIS A 1 28  ? -5.435  3.669   -9.355  1.00 13.54 ? 346  HIS A N   1 
ATOM   134  C CA  . HIS A 1 28  ? -6.015  4.825   -8.656  1.00 15.23 ? 346  HIS A CA  1 
ATOM   135  C C   . HIS A 1 28  ? -5.230  6.107   -8.888  1.00 14.15 ? 346  HIS A C   1 
ATOM   136  O O   . HIS A 1 28  ? -3.990  6.088   -8.976  1.00 11.50 ? 346  HIS A O   1 
ATOM   137  C CB  . HIS A 1 28  ? -6.138  4.535   -7.138  1.00 13.68 ? 346  HIS A CB  1 
ATOM   138  C CG  . HIS A 1 28  ? -7.067  5.469   -6.418  1.00 12.85 ? 346  HIS A CG  1 
ATOM   139  N ND1 . HIS A 1 28  ? -6.698  6.737   -6.040  1.00 15.76 ? 346  HIS A ND1 1 
ATOM   140  C CD2 . HIS A 1 28  ? -8.354  5.320   -6.030  1.00 10.65 ? 346  HIS A CD2 1 
ATOM   141  C CE1 . HIS A 1 28  ? -7.690  7.306   -5.381  1.00 12.12 ? 346  HIS A CE1 1 
ATOM   142  N NE2 . HIS A 1 28  ? -8.729  6.494   -5.416  1.00 12.30 ? 346  HIS A NE2 1 
ATOM   143  N N   . ALA A 1 29  ? -5.953  7.234   -8.886  1.00 13.30 ? 347  ALA A N   1 
ATOM   144  C CA  . ALA A 1 29  ? -5.354  8.541   -9.124  1.00 12.47 ? 347  ALA A CA  1 
ATOM   145  C C   . ALA A 1 29  ? -4.290  8.860   -8.098  1.00 12.59 ? 347  ALA A C   1 
ATOM   146  O O   . ALA A 1 29  ? -3.326  9.559   -8.396  1.00 13.55 ? 347  ALA A O   1 
ATOM   147  C CB  . ALA A 1 29  ? -6.402  9.614   -9.080  1.00 13.18 ? 347  ALA A CB  1 
ATOM   148  N N   . ALA A 1 30  ? -4.473  8.345   -6.876  1.00 11.70 ? 348  ALA A N   1 
ATOM   149  C CA  . ALA A 1 30  ? -3.539  8.625   -5.777  1.00 11.46 ? 348  ALA A CA  1 
ATOM   150  C C   . ALA A 1 30  ? -2.414  7.587   -5.624  1.00 11.87 ? 348  ALA A C   1 
ATOM   151  O O   . ALA A 1 30  ? -1.597  7.680   -4.695  1.00 11.87 ? 348  ALA A O   1 
ATOM   152  C CB  . ALA A 1 30  ? -4.314  8.767   -4.480  1.00 12.10 ? 348  ALA A CB  1 
ATOM   153  N N   . ALA A 1 31  ? -2.326  6.645   -6.565  1.00 11.56 ? 349  ALA A N   1 
ATOM   154  C CA  . ALA A 1 31  ? -1.373  5.537   -6.410  1.00 12.57 ? 349  ALA A CA  1 
ATOM   155  C C   . ALA A 1 31  ? 0.042   5.851   -6.865  1.00 10.87 ? 349  ALA A C   1 
ATOM   156  O O   . ALA A 1 31  ? 0.986   5.195   -6.402  1.00 12.85 ? 349  ALA A O   1 
ATOM   157  C CB  . ALA A 1 31  ? -1.865  4.299   -7.158  1.00 12.42 ? 349  ALA A CB  1 
ATOM   158  N N   . TRP A 1 32  ? 0.192   6.823   -7.765  1.00 10.05 ? 350  TRP A N   1 
ATOM   159  C CA  . TRP A 1 32  ? 1.506   7.080   -8.380  1.00 10.25 ? 350  TRP A CA  1 
ATOM   160  C C   . TRP A 1 32  ? 2.740   7.087   -7.434  1.00 9.52  ? 350  TRP A C   1 
ATOM   161  O O   . TRP A 1 32  ? 3.760   6.503   -7.777  1.00 12.95 ? 350  TRP A O   1 
ATOM   162  C CB  . TRP A 1 32  ? 1.515   8.269   -9.373  1.00 12.35 ? 350  TRP A CB  1 
ATOM   163  C CG  . TRP A 1 32  ? 1.473   9.608   -8.806  1.00 12.82 ? 350  TRP A CG  1 
ATOM   164  C CD1 . TRP A 1 32  ? 0.374   10.414  -8.712  1.00 12.83 ? 350  TRP A CD1 1 
ATOM   165  C CD2 . TRP A 1 32  ? 2.566   10.359  -8.270  1.00 15.19 ? 350  TRP A CD2 1 
ATOM   166  N NE1 . TRP A 1 32  ? 0.709   11.606  -8.119  1.00 16.87 ? 350  TRP A NE1 1 
ATOM   167  C CE2 . TRP A 1 32  ? 2.047   11.602  -7.829  1.00 16.37 ? 350  TRP A CE2 1 
ATOM   168  C CE3 . TRP A 1 32  ? 3.926   10.100  -8.079  1.00 14.96 ? 350  TRP A CE3 1 
ATOM   169  C CZ2 . TRP A 1 32  ? 2.839   12.587  -7.242  1.00 14.54 ? 350  TRP A CZ2 1 
ATOM   170  C CZ3 . TRP A 1 32  ? 4.719   11.089  -7.488  1.00 16.15 ? 350  TRP A CZ3 1 
ATOM   171  C CH2 . TRP A 1 32  ? 4.166   12.312  -7.076  1.00 14.77 ? 350  TRP A CH2 1 
ATOM   172  N N   . PRO A 1 33  ? 2.695   7.709   -6.258  1.00 9.78  ? 351  PRO A N   1 
ATOM   173  C CA  . PRO A 1 33  ? 3.879   7.674   -5.380  1.00 7.76  ? 351  PRO A CA  1 
ATOM   174  C C   . PRO A 1 33  ? 4.259   6.286   -4.836  1.00 12.61 ? 351  PRO A C   1 
ATOM   175  O O   . PRO A 1 33  ? 5.380   6.087   -4.357  1.00 10.70 ? 351  PRO A O   1 
ATOM   176  C CB  . PRO A 1 33  ? 3.476   8.536   -4.201  1.00 11.07 ? 351  PRO A CB  1 
ATOM   177  C CG  . PRO A 1 33  ? 2.357   9.342   -4.660  1.00 9.95  ? 351  PRO A CG  1 
ATOM   178  C CD  . PRO A 1 33  ? 1.606   8.503   -5.681  1.00 9.95  ? 351  PRO A CD  1 
ATOM   179  N N   . PHE A 1 34  ? 3.319   5.362   -4.905  1.00 10.49 ? 352  PHE A N   1 
ATOM   180  C CA  . PHE A 1 34  ? 3.417   4.057   -4.238  1.00 12.05 ? 352  PHE A CA  1 
ATOM   181  C C   . PHE A 1 34  ? 3.585   2.875   -5.215  1.00 13.22 ? 352  PHE A C   1 
ATOM   182  O O   . PHE A 1 34  ? 3.624   1.731   -4.799  1.00 12.38 ? 352  PHE A O   1 
ATOM   183  C CB  . PHE A 1 34  ? 2.142   3.845   -3.403  1.00 13.13 ? 352  PHE A CB  1 
ATOM   184  C CG  . PHE A 1 34  ? 1.787   5.038   -2.521  1.00 9.09  ? 352  PHE A CG  1 
ATOM   185  C CD1 . PHE A 1 34  ? 2.632   5.453   -1.505  1.00 9.90  ? 352  PHE A CD1 1 
ATOM   186  C CD2 . PHE A 1 34  ? 0.623   5.743   -2.735  1.00 13.73 ? 352  PHE A CD2 1 
ATOM   187  C CE1 . PHE A 1 34  ? 2.301   6.544   -0.719  1.00 13.76 ? 352  PHE A CE1 1 
ATOM   188  C CE2 . PHE A 1 34  ? 0.292   6.844   -1.959  1.00 12.14 ? 352  PHE A CE2 1 
ATOM   189  C CZ  . PHE A 1 34  ? 1.127   7.244   -0.961  1.00 12.97 ? 352  PHE A CZ  1 
ATOM   190  N N   . LEU A 1 35  ? 3.681   3.155   -6.513  1.00 13.74 ? 353  LEU A N   1 
ATOM   191  C CA  . LEU A 1 35  ? 3.756   2.079   -7.517  1.00 12.15 ? 353  LEU A CA  1 
ATOM   192  C C   . LEU A 1 35  ? 5.045   1.282   -7.489  1.00 16.01 ? 353  LEU A C   1 
ATOM   193  O O   . LEU A 1 35  ? 5.061   0.141   -7.928  1.00 14.34 ? 353  LEU A O   1 
ATOM   194  C CB  . LEU A 1 35  ? 3.600   2.636   -8.933  1.00 12.81 ? 353  LEU A CB  1 
ATOM   195  C CG  . LEU A 1 35  ? 2.267   3.280   -9.237  1.00 14.26 ? 353  LEU A CG  1 
ATOM   196  C CD1 . LEU A 1 35  ? 2.291   3.922   -10.632 1.00 17.11 ? 353  LEU A CD1 1 
ATOM   197  C CD2 . LEU A 1 35  ? 1.147   2.253   -9.110  1.00 14.14 ? 353  LEU A CD2 1 
ATOM   198  N N   . GLN A 1 36  ? 6.119   1.899   -7.028  1.00 15.02 ? 354  GLN A N   1 
ATOM   199  C CA  . GLN A 1 36  ? 7.417   1.244   -6.955  1.00 17.90 ? 354  GLN A CA  1 
ATOM   200  C C   . GLN A 1 36  ? 8.102   1.620   -5.663  1.00 15.86 ? 354  GLN A C   1 
ATOM   201  O O   . GLN A 1 36  ? 7.715   2.603   -5.029  1.00 13.88 ? 354  GLN A O   1 
ATOM   202  C CB  . GLN A 1 36  ? 8.290   1.707   -8.127  1.00 19.83 ? 354  GLN A CB  1 
ATOM   203  C CG  . GLN A 1 36  ? 7.901   1.024   -9.427  1.00 29.97 ? 354  GLN A CG  1 
ATOM   204  C CD  . GLN A 1 36  ? 8.095   1.899   -10.636 1.00 38.38 ? 354  GLN A CD  1 
ATOM   205  O OE1 . GLN A 1 36  ? 9.201   2.392   -10.886 1.00 42.66 ? 354  GLN A OE1 1 
ATOM   206  N NE2 . GLN A 1 36  ? 7.017   2.107   -11.397 1.00 44.62 ? 354  GLN A NE2 1 
ATOM   207  N N   . PRO A 1 37  ? 9.109   0.855   -5.259  1.00 12.44 ? 355  PRO A N   1 
ATOM   208  C CA  . PRO A 1 37  ? 9.866   1.213   -4.057  1.00 14.68 ? 355  PRO A CA  1 
ATOM   209  C C   . PRO A 1 37  ? 10.426  2.612   -4.129  1.00 13.53 ? 355  PRO A C   1 
ATOM   210  O O   . PRO A 1 37  ? 10.744  3.129   -5.205  1.00 10.05 ? 355  PRO A O   1 
ATOM   211  C CB  . PRO A 1 37  ? 11.034  0.208   -4.043  1.00 15.07 ? 355  PRO A CB  1 
ATOM   212  C CG  . PRO A 1 37  ? 10.589  -0.919  -4.845  1.00 13.41 ? 355  PRO A CG  1 
ATOM   213  C CD  . PRO A 1 37  ? 9.598   -0.405  -5.858  1.00 14.57 ? 355  PRO A CD  1 
ATOM   214  N N   . VAL A 1 38  ? 10.573  3.227   -2.964  1.00 13.19 ? 356  VAL A N   1 
ATOM   215  C CA  . VAL A 1 38  ? 11.199  4.531   -2.923  1.00 12.86 ? 356  VAL A CA  1 
ATOM   216  C C   . VAL A 1 38  ? 12.636  4.375   -3.373  1.00 14.41 ? 356  VAL A C   1 
ATOM   217  O O   . VAL A 1 38  ? 13.307  3.429   -2.990  1.00 15.12 ? 356  VAL A O   1 
ATOM   218  C CB  . VAL A 1 38  ? 11.092  5.167   -1.529  1.00 15.13 ? 356  VAL A CB  1 
ATOM   219  C CG1 . VAL A 1 38  ? 12.077  6.345   -1.380  1.00 12.86 ? 356  VAL A CG1 1 
ATOM   220  C CG2 . VAL A 1 38  ? 9.632   5.608   -1.276  1.00 15.46 ? 356  VAL A CG2 1 
ATOM   221  N N   . ASN A 1 39  ? 13.064  5.277   -4.257  1.00 18.16 ? 357  ASN A N   1 
ATOM   222  C CA  . ASN A 1 39  ? 14.421  5.315   -4.768  1.00 19.60 ? 357  ASN A CA  1 
ATOM   223  C C   . ASN A 1 39  ? 15.374  6.003   -3.796  1.00 17.63 ? 357  ASN A C   1 
ATOM   224  O O   . ASN A 1 39  ? 15.232  7.193   -3.525  1.00 19.71 ? 357  ASN A O   1 
ATOM   225  C CB  . ASN A 1 39  ? 14.467  6.075   -6.092  1.00 23.74 ? 357  ASN A CB  1 
ATOM   226  C CG  . ASN A 1 39  ? 15.831  6.004   -6.746  1.00 28.56 ? 357  ASN A CG  1 
ATOM   227  O OD1 . ASN A 1 39  ? 16.850  6.274   -6.118  1.00 32.21 ? 357  ASN A OD1 1 
ATOM   228  N ND2 . ASN A 1 39  ? 15.853  5.639   -8.012  1.00 35.42 ? 357  ASN A ND2 1 
ATOM   229  N N   . LYS A 1 40  ? 16.348  5.252   -3.300  1.00 19.33 ? 358  LYS A N   1 
ATOM   230  C CA  . LYS A 1 40  ? 17.298  5.740   -2.286  1.00 21.39 ? 358  LYS A CA  1 
ATOM   231  C C   . LYS A 1 40  ? 18.154  6.907   -2.784  1.00 24.69 ? 358  LYS A C   1 
ATOM   232  O O   . LYS A 1 40  ? 18.557  7.756   -2.003  1.00 25.28 ? 358  LYS A O   1 
ATOM   233  C CB  . LYS A 1 40  ? 18.195  4.593   -1.809  1.00 24.50 ? 358  LYS A CB  1 
ATOM   234  C CG  . LYS A 1 40  ? 19.119  4.949   -0.665  1.00 27.38 ? 358  LYS A CG  1 
ATOM   235  C CD  . LYS A 1 40  ? 19.792  3.731   -0.014  1.00 32.55 ? 358  LYS A CD  1 
ATOM   236  C CE  . LYS A 1 40  ? 20.708  2.953   -0.981  1.00 34.45 ? 358  LYS A CE  1 
ATOM   237  N NZ  . LYS A 1 40  ? 21.531  1.903   -0.275  1.00 34.18 ? 358  LYS A NZ  1 
ATOM   238  N N   . GLU A 1 41  ? 18.420  6.959   -4.082  1.00 25.86 ? 359  GLU A N   1 
ATOM   239  C CA  . GLU A 1 41  ? 19.230  8.041   -4.626  1.00 28.96 ? 359  GLU A CA  1 
ATOM   240  C C   . GLU A 1 41  ? 18.437  9.346   -4.660  1.00 28.85 ? 359  GLU A C   1 
ATOM   241  O O   . GLU A 1 41  ? 19.018  10.430  -4.564  1.00 29.40 ? 359  GLU A O   1 
ATOM   242  C CB  . GLU A 1 41  ? 19.771  7.671   -6.013  1.00 32.30 ? 359  GLU A CB  1 
ATOM   243  C CG  . GLU A 1 41  ? 20.753  6.512   -5.931  1.00 37.13 ? 359  GLU A CG  1 
ATOM   244  C CD  . GLU A 1 41  ? 21.623  6.363   -7.153  1.00 42.39 ? 359  GLU A CD  1 
ATOM   245  O OE1 . GLU A 1 41  ? 22.625  7.114   -7.274  1.00 46.85 ? 359  GLU A OE1 1 
ATOM   246  O OE2 . GLU A 1 41  ? 21.314  5.473   -7.971  1.00 43.72 ? 359  GLU A OE2 1 
ATOM   247  N N   . GLU A 1 42  ? 17.115  9.240   -4.784  1.00 25.06 ? 360  GLU A N   1 
ATOM   248  C CA  . GLU A 1 42  ? 16.253  10.417  -4.788  1.00 25.55 ? 360  GLU A CA  1 
ATOM   249  C C   . GLU A 1 42  ? 15.837  10.805  -3.365  1.00 24.60 ? 360  GLU A C   1 
ATOM   250  O O   . GLU A 1 42  ? 15.508  11.962  -3.108  1.00 21.26 ? 360  GLU A O   1 
ATOM   251  C CB  . GLU A 1 42  ? 15.019  10.191  -5.648  1.00 27.38 ? 360  GLU A CB  1 
ATOM   252  C CG  . GLU A 1 42  ? 15.249  10.325  -7.153  1.00 37.23 ? 360  GLU A CG  1 
ATOM   253  C CD  . GLU A 1 42  ? 15.484  11.760  -7.628  1.00 44.51 ? 360  GLU A CD  1 
ATOM   254  O OE1 . GLU A 1 42  ? 15.466  12.712  -6.806  1.00 48.98 ? 360  GLU A OE1 1 
ATOM   255  O OE2 . GLU A 1 42  ? 15.691  11.943  -8.848  1.00 51.18 ? 360  GLU A OE2 1 
ATOM   256  N N   . VAL A 1 43  ? 15.841  9.836   -2.453  1.00 17.86 ? 361  VAL A N   1 
ATOM   257  C CA  . VAL A 1 43  ? 15.451  10.080  -1.067  1.00 19.91 ? 361  VAL A CA  1 
ATOM   258  C C   . VAL A 1 43  ? 16.443  9.344   -0.185  1.00 22.95 ? 361  VAL A C   1 
ATOM   259  O O   . VAL A 1 43  ? 16.112  8.326   0.400   1.00 16.14 ? 361  VAL A O   1 
ATOM   260  C CB  . VAL A 1 43  ? 14.017  9.592   -0.746  1.00 17.12 ? 361  VAL A CB  1 
ATOM   261  C CG1 . VAL A 1 43  ? 13.528  10.232  0.571   1.00 17.16 ? 361  VAL A CG1 1 
ATOM   262  C CG2 . VAL A 1 43  ? 13.068  9.887   -1.895  1.00 16.47 ? 361  VAL A CG2 1 
ATOM   263  N N   . PRO A 1 44  ? 17.658  9.901   -0.092  1.00 25.39 ? 362  PRO A N   1 
ATOM   264  C CA  . PRO A 1 44  ? 18.802  9.263   0.572   1.00 23.10 ? 362  PRO A CA  1 
ATOM   265  C C   . PRO A 1 44  ? 18.608  8.719   1.986   1.00 21.41 ? 362  PRO A C   1 
ATOM   266  O O   . PRO A 1 44  ? 19.233  7.712   2.288   1.00 21.96 ? 362  PRO A O   1 
ATOM   267  C CB  . PRO A 1 44  ? 19.869  10.378  0.585   1.00 25.70 ? 362  PRO A CB  1 
ATOM   268  C CG  . PRO A 1 44  ? 19.490  11.306  -0.492  1.00 25.56 ? 362  PRO A CG  1 
ATOM   269  C CD  . PRO A 1 44  ? 18.013  11.211  -0.662  1.00 23.57 ? 362  PRO A CD  1 
ATOM   270  N N   . ASP A 1 45  ? 17.805  9.349   2.831   1.00 19.23 ? 363  ASP A N   1 
ATOM   271  C CA  . ASP A 1 45  ? 17.638  8.849   4.206   1.00 19.26 ? 363  ASP A CA  1 
ATOM   272  C C   . ASP A 1 45  ? 16.398  7.978   4.410   1.00 17.85 ? 363  ASP A C   1 
ATOM   273  O O   . ASP A 1 45  ? 16.140  7.539   5.520   1.00 18.01 ? 363  ASP A O   1 
ATOM   274  C CB  . ASP A 1 45  ? 17.589  10.002  5.213   1.00 21.00 ? 363  ASP A CB  1 
ATOM   275  C CG  . ASP A 1 45  ? 16.375  10.888  5.045   1.00 23.81 ? 363  ASP A CG  1 
ATOM   276  O OD1 . ASP A 1 45  ? 15.518  10.605  4.177   1.00 24.65 ? 363  ASP A OD1 1 
ATOM   277  O OD2 . ASP A 1 45  ? 16.212  11.912  5.734   1.00 24.18 ? 363  ASP A OD2 1 
ATOM   278  N N   . TYR A 1 46  ? 15.621  7.749   3.357   1.00 15.61 ? 364  TYR A N   1 
ATOM   279  C CA  . TYR A 1 46  ? 14.345  7.023   3.522   1.00 16.22 ? 364  TYR A CA  1 
ATOM   280  C C   . TYR A 1 46  ? 14.449  5.726   4.341   1.00 13.69 ? 364  TYR A C   1 
ATOM   281  O O   . TYR A 1 46  ? 13.708  5.528   5.301   1.00 13.97 ? 364  TYR A O   1 
ATOM   282  C CB  . TYR A 1 46  ? 13.713  6.743   2.172   1.00 14.44 ? 364  TYR A CB  1 
ATOM   283  C CG  . TYR A 1 46  ? 12.313  6.144   2.276   1.00 12.47 ? 364  TYR A CG  1 
ATOM   284  C CD1 . TYR A 1 46  ? 11.207  6.942   2.550   1.00 11.10 ? 364  TYR A CD1 1 
ATOM   285  C CD2 . TYR A 1 46  ? 12.108  4.780   2.122   1.00 15.16 ? 364  TYR A CD2 1 
ATOM   286  C CE1 . TYR A 1 46  ? 9.947   6.392   2.658   1.00 11.43 ? 364  TYR A CE1 1 
ATOM   287  C CE2 . TYR A 1 46  ? 10.851  4.225   2.226   1.00 13.61 ? 364  TYR A CE2 1 
ATOM   288  C CZ  . TYR A 1 46  ? 9.771   5.030   2.492   1.00 13.23 ? 364  TYR A CZ  1 
ATOM   289  O OH  . TYR A 1 46  ? 8.518   4.466   2.582   1.00 12.47 ? 364  TYR A OH  1 
ATOM   290  N N   . TYR A 1 47  ? 15.406  4.869   3.990   1.00 13.98 ? 365  TYR A N   1 
ATOM   291  C CA  . TYR A 1 47  ? 15.543  3.556   4.623   1.00 14.68 ? 365  TYR A CA  1 
ATOM   292  C C   . TYR A 1 47  ? 16.216  3.629   5.987   1.00 17.86 ? 365  TYR A C   1 
ATOM   293  O O   . TYR A 1 47  ? 16.270  2.632   6.719   1.00 16.48 ? 365  TYR A O   1 
ATOM   294  C CB  . TYR A 1 47  ? 16.244  2.569   3.671   1.00 15.25 ? 365  TYR A CB  1 
ATOM   295  C CG  . TYR A 1 47  ? 15.406  2.355   2.445   1.00 14.01 ? 365  TYR A CG  1 
ATOM   296  C CD1 . TYR A 1 47  ? 14.305  1.504   2.479   1.00 13.39 ? 365  TYR A CD1 1 
ATOM   297  C CD2 . TYR A 1 47  ? 15.654  3.065   1.269   1.00 13.21 ? 365  TYR A CD2 1 
ATOM   298  C CE1 . TYR A 1 47  ? 13.512  1.317   1.372   1.00 13.77 ? 365  TYR A CE1 1 
ATOM   299  C CE2 . TYR A 1 47  ? 14.841  2.892   0.158   1.00 14.82 ? 365  TYR A CE2 1 
ATOM   300  C CZ  . TYR A 1 47  ? 13.783  2.012   0.222   1.00 12.99 ? 365  TYR A CZ  1 
ATOM   301  O OH  . TYR A 1 47  ? 12.978  1.829   -0.843  1.00 11.60 ? 365  TYR A OH  1 
ATOM   302  N N   . ASP A 1 48  ? 16.702  4.813   6.343   1.00 18.97 ? 366  ASP A N   1 
ATOM   303  C CA  . ASP A 1 48  ? 17.204  5.027   7.697   1.00 22.11 ? 366  ASP A CA  1 
ATOM   304  C C   . ASP A 1 48  ? 16.030  5.057   8.657   1.00 21.63 ? 366  ASP A C   1 
ATOM   305  O O   . ASP A 1 48  ? 16.164  4.708   9.831   1.00 23.79 ? 366  ASP A O   1 
ATOM   306  C CB  . ASP A 1 48  ? 17.924  6.358   7.830   1.00 26.09 ? 366  ASP A CB  1 
ATOM   307  C CG  . ASP A 1 48  ? 19.248  6.397   7.095   1.00 29.46 ? 366  ASP A CG  1 
ATOM   308  O OD1 . ASP A 1 48  ? 19.802  5.323   6.754   1.00 31.90 ? 366  ASP A OD1 1 
ATOM   309  O OD2 . ASP A 1 48  ? 19.805  7.486   6.837   1.00 31.18 ? 366  ASP A OD2 1 
ATOM   310  N N   . PHE A 1 49  ? 14.880  5.494   8.154   1.00 15.74 ? 367  PHE A N   1 
ATOM   311  C CA  . PHE A 1 49  ? 13.699  5.643   8.975   1.00 18.62 ? 367  PHE A CA  1 
ATOM   312  C C   . PHE A 1 49  ? 12.639  4.572   8.790   1.00 16.50 ? 367  PHE A C   1 
ATOM   313  O O   . PHE A 1 49  ? 11.973  4.199   9.742   1.00 17.78 ? 367  PHE A O   1 
ATOM   314  C CB  . PHE A 1 49  ? 13.064  6.998   8.689   1.00 22.23 ? 367  PHE A CB  1 
ATOM   315  C CG  . PHE A 1 49  ? 13.937  8.142   9.064   1.00 24.91 ? 367  PHE A CG  1 
ATOM   316  C CD1 . PHE A 1 49  ? 14.111  8.479   10.393  1.00 30.56 ? 367  PHE A CD1 1 
ATOM   317  C CD2 . PHE A 1 49  ? 14.598  8.870   8.093   1.00 27.59 ? 367  PHE A CD2 1 
ATOM   318  C CE1 . PHE A 1 49  ? 14.931  9.532   10.755  1.00 36.03 ? 367  PHE A CE1 1 
ATOM   319  C CE2 . PHE A 1 49  ? 15.420  9.926   8.438   1.00 34.03 ? 367  PHE A CE2 1 
ATOM   320  C CZ  . PHE A 1 49  ? 15.588  10.264  9.777   1.00 36.16 ? 367  PHE A CZ  1 
ATOM   321  N N   . ILE A 1 50  ? 12.448  4.125   7.557   1.00 11.53 ? 368  ILE A N   1 
ATOM   322  C CA  . ILE A 1 50  ? 11.402  3.161   7.258   1.00 12.49 ? 368  ILE A CA  1 
ATOM   323  C C   . ILE A 1 50  ? 12.017  1.781   7.239   1.00 14.31 ? 368  ILE A C   1 
ATOM   324  O O   . ILE A 1 50  ? 12.783  1.466   6.328   1.00 14.87 ? 368  ILE A O   1 
ATOM   325  C CB  . ILE A 1 50  ? 10.737  3.517   5.905   1.00 14.83 ? 368  ILE A CB  1 
ATOM   326  C CG1 . ILE A 1 50  ? 10.095  4.919   5.999   1.00 17.15 ? 368  ILE A CG1 1 
ATOM   327  C CG2 . ILE A 1 50  ? 9.739   2.481   5.528   1.00 14.33 ? 368  ILE A CG2 1 
ATOM   328  C CD1 . ILE A 1 50  ? 9.052   5.050   7.061   1.00 19.48 ? 368  ILE A CD1 1 
ATOM   329  N N   . LYS A 1 51  ? 11.702  0.974   8.263   1.00 12.52 ? 369  LYS A N   1 
ATOM   330  C CA  . LYS A 1 51  ? 12.295  -0.358  8.422   1.00 14.72 ? 369  LYS A CA  1 
ATOM   331  C C   . LYS A 1 51  ? 11.547  -1.510  7.758   1.00 16.56 ? 369  LYS A C   1 
ATOM   332  O O   . LYS A 1 51  ? 12.147  -2.549  7.482   1.00 15.08 ? 369  LYS A O   1 
ATOM   333  C CB  . LYS A 1 51  ? 12.563  -0.637  9.906   1.00 15.44 ? 369  LYS A CB  1 
ATOM   334  C CG  . LYS A 1 51  ? 13.622  0.335   10.473  1.00 18.59 ? 369  LYS A CG  1 
ATOM   335  C CD  . LYS A 1 51  ? 14.760  0.573   9.475   1.00 26.58 ? 369  LYS A CD  1 
ATOM   336  C CE  . LYS A 1 51  ? 16.076  1.029   10.102  1.00 32.02 ? 369  LYS A CE  1 
ATOM   337  N NZ  . LYS A 1 51  ? 17.140  1.316   9.055   1.00 28.58 ? 369  LYS A NZ  1 
ATOM   338  N N   . GLU A 1 52  ? 10.264  -1.299  7.462   1.00 13.77 ? 370  GLU A N   1 
ATOM   339  C CA  . GLU A 1 52  ? 9.433   -2.282  6.759   1.00 11.76 ? 370  GLU A CA  1 
ATOM   340  C C   . GLU A 1 52  ? 8.844   -1.598  5.531   1.00 11.56 ? 370  GLU A C   1 
ATOM   341  O O   . GLU A 1 52  ? 7.661   -1.307  5.483   1.00 12.30 ? 370  GLU A O   1 
ATOM   342  C CB  . GLU A 1 52  ? 8.296   -2.779  7.639   1.00 15.14 ? 370  GLU A CB  1 
ATOM   343  C CG  . GLU A 1 52  ? 8.727   -3.682  8.784   1.00 19.43 ? 370  GLU A CG  1 
ATOM   344  C CD  . GLU A 1 52  ? 7.543   -4.096  9.660   1.00 24.59 ? 370  GLU A CD  1 
ATOM   345  O OE1 . GLU A 1 52  ? 6.612   -4.812  9.196   1.00 20.30 ? 370  GLU A OE1 1 
ATOM   346  O OE2 . GLU A 1 52  ? 7.549   -3.690  10.829  1.00 29.38 ? 370  GLU A OE2 1 
ATOM   347  N N   . PRO A 1 53  ? 9.673   -1.347  4.543   1.00 12.07 ? 371  PRO A N   1 
ATOM   348  C CA  . PRO A 1 53  ? 9.212   -0.639  3.350   1.00 12.12 ? 371  PRO A CA  1 
ATOM   349  C C   . PRO A 1 53  ? 8.215   -1.487  2.589   1.00 12.11 ? 371  PRO A C   1 
ATOM   350  O O   . PRO A 1 53  ? 8.209   -2.721  2.691   1.00 13.07 ? 371  PRO A O   1 
ATOM   351  C CB  . PRO A 1 53  ? 10.501  -0.468  2.533   1.00 12.24 ? 371  PRO A CB  1 
ATOM   352  C CG  . PRO A 1 53  ? 11.374  -1.659  2.986   1.00 15.85 ? 371  PRO A CG  1 
ATOM   353  C CD  . PRO A 1 53  ? 11.106  -1.724  4.468   1.00 13.43 ? 371  PRO A CD  1 
ATOM   354  N N   . MET A 1 54  ? 7.359   -0.843  1.824   1.00 12.74 ? 372  MET A N   1 
ATOM   355  C CA  . MET A 1 54  ? 6.373   -1.568  1.043   1.00 11.88 ? 372  MET A CA  1 
ATOM   356  C C   . MET A 1 54  ? 5.929   -0.651  -0.096  1.00 13.30 ? 372  MET A C   1 
ATOM   357  O O   . MET A 1 54  ? 6.011   0.566   0.026   1.00 10.86 ? 372  MET A O   1 
ATOM   358  C CB  . MET A 1 54  ? 5.197   -1.960  1.926   1.00 12.49 ? 372  MET A CB  1 
ATOM   359  C CG  . MET A 1 54  ? 4.133   -2.818  1.290   1.00 10.67 ? 372  MET A CG  1 
ATOM   360  S SD  . MET A 1 54  ? 4.721   -4.278  0.411   1.00 11.99 ? 372  MET A SD  1 
ATOM   361  C CE  . MET A 1 54  ? 5.473   -5.213  1.740   1.00 15.92 ? 372  MET A CE  1 
ATOM   362  N N   . ASP A 1 55  ? 5.426   -1.246  -1.170  1.00 13.37 ? 373  ASP A N   1 
ATOM   363  C CA  . ASP A 1 55  ? 4.958   -0.510  -2.344  1.00 13.75 ? 373  ASP A CA  1 
ATOM   364  C C   . ASP A 1 55  ? 4.084   -1.456  -3.153  1.00 12.45 ? 373  ASP A C   1 
ATOM   365  O O   . ASP A 1 55  ? 4.076   -2.653  -2.908  1.00 12.57 ? 373  ASP A O   1 
ATOM   366  C CB  . ASP A 1 55  ? 6.127   -0.005  -3.183  1.00 12.61 ? 373  ASP A CB  1 
ATOM   367  C CG  . ASP A 1 55  ? 6.926   -1.138  -3.761  1.00 12.62 ? 373  ASP A CG  1 
ATOM   368  O OD1 . ASP A 1 55  ? 7.735   -1.766  -3.085  1.00 12.75 ? 373  ASP A OD1 1 
ATOM   369  O OD2 . ASP A 1 55  ? 6.666   -1.483  -4.908  1.00 11.42 ? 373  ASP A OD2 1 
ATOM   370  N N   . LEU A 1 56  ? 3.368   -0.960  -4.144  1.00 10.42 ? 374  LEU A N   1 
ATOM   371  C CA  . LEU A 1 56  ? 2.434   -1.833  -4.834  1.00 11.21 ? 374  LEU A CA  1 
ATOM   372  C C   . LEU A 1 56  ? 3.093   -2.876  -5.770  1.00 12.78 ? 374  LEU A C   1 
ATOM   373  O O   . LEU A 1 56  ? 2.470   -3.896  -6.101  1.00 14.13 ? 374  LEU A O   1 
ATOM   374  C CB  . LEU A 1 56  ? 1.427   -0.967  -5.599  1.00 10.52 ? 374  LEU A CB  1 
ATOM   375  C CG  . LEU A 1 56  ? 0.581   0.025   -4.774  1.00 14.06 ? 374  LEU A CG  1 
ATOM   376  C CD1 . LEU A 1 56  ? -0.254  0.944   -5.657  1.00 13.62 ? 374  LEU A CD1 1 
ATOM   377  C CD2 . LEU A 1 56  ? -0.295  -0.722  -3.777  1.00 13.15 ? 374  LEU A CD2 1 
ATOM   378  N N   . SER A 1 57  ? 4.335   -2.645  -6.171  1.00 16.11 ? 375  SER A N   1 
ATOM   379  C CA  . SER A 1 57  ? 4.966   -3.564  -7.108  1.00 14.53 ? 375  SER A CA  1 
ATOM   380  C C   . SER A 1 57  ? 5.438   -4.739  -6.251  1.00 15.44 ? 375  SER A C   1 
ATOM   381  O O   . SER A 1 57  ? 5.409   -5.885  -6.692  1.00 15.40 ? 375  SER A O   1 
ATOM   382  C CB  . SER A 1 57  ? 6.118   -2.911  -7.861  1.00 16.97 ? 375  SER A CB  1 
ATOM   383  O OG  . SER A 1 57  ? 7.236   -2.790  -7.014  1.00 25.16 ? 375  SER A OG  1 
ATOM   384  N N   . THR A 1 58  ? 5.868   -4.439  -5.032  1.00 10.41 ? 376  THR A N   1 
ATOM   385  C CA  . THR A 1 58  ? 6.217   -5.492  -4.097  1.00 13.40 ? 376  THR A CA  1 
ATOM   386  C C   . THR A 1 58  ? 4.975   -6.316  -3.752  1.00 12.74 ? 376  THR A C   1 
ATOM   387  O O   . THR A 1 58  ? 5.024   -7.537  -3.671  1.00 12.68 ? 376  THR A O   1 
ATOM   388  C CB  . THR A 1 58  ? 6.825   -4.901  -2.815  1.00 13.03 ? 376  THR A CB  1 
ATOM   389  O OG1 . THR A 1 58  ? 8.092   -4.309  -3.123  1.00 12.48 ? 376  THR A OG1 1 
ATOM   390  C CG2 . THR A 1 58  ? 7.122   -6.003  -1.790  1.00 15.02 ? 376  THR A CG2 1 
ATOM   391  N N   . MET A 1 59  ? 3.850   -5.655  -3.512  1.00 10.01 ? 377  MET A N   1 
ATOM   392  C CA  . MET A 1 59  ? 2.629   -6.419  -3.229  1.00 10.84 ? 377  MET A CA  1 
ATOM   393  C C   . MET A 1 59  ? 2.225   -7.310  -4.402  1.00 11.99 ? 377  MET A C   1 
ATOM   394  O O   . MET A 1 59  ? 1.833   -8.454  -4.212  1.00 13.42 ? 377  MET A O   1 
ATOM   395  C CB  . MET A 1 59  ? 1.501   -5.467  -2.816  1.00 11.92 ? 377  MET A CB  1 
ATOM   396  C CG  . MET A 1 59  ? 1.785   -4.857  -1.506  1.00 14.19 ? 377  MET A CG  1 
ATOM   397  S SD  . MET A 1 59  ? 0.893   -3.285  -1.167  1.00 9.88  ? 377  MET A SD  1 
ATOM   398  C CE  . MET A 1 59  ? -0.793  -3.791  -1.261  1.00 15.50 ? 377  MET A CE  1 
ATOM   399  N N   . GLU A 1 60  ? 2.345   -6.798  -5.620  1.00 13.23 ? 378  GLU A N   1 
ATOM   400  C CA  . GLU A 1 60  ? 2.058   -7.597  -6.813  1.00 15.30 ? 378  GLU A CA  1 
ATOM   401  C C   . GLU A 1 60  ? 2.987   -8.827  -6.894  1.00 13.63 ? 378  GLU A C   1 
ATOM   402  O O   . GLU A 1 60  ? 2.548   -9.936  -7.215  1.00 15.15 ? 378  GLU A O   1 
ATOM   403  C CB  . GLU A 1 60  ? 2.250   -6.754  -8.074  1.00 18.21 ? 378  GLU A CB  1 
ATOM   404  C CG  . GLU A 1 60  ? 2.040   -7.524  -9.365  1.00 21.40 ? 378  GLU A CG  1 
ATOM   405  C CD  . GLU A 1 60  ? 2.197   -6.640  -10.590 1.00 28.24 ? 378  GLU A CD  1 
ATOM   406  O OE1 . GLU A 1 60  ? 1.529   -5.609  -10.707 1.00 21.33 ? 378  GLU A OE1 1 
ATOM   407  O OE2 . GLU A 1 60  ? 3.070   -6.961  -11.427 1.00 37.63 ? 378  GLU A OE2 1 
ATOM   408  N N   . ILE A 1 61  ? 4.254   -8.616  -6.589  1.00 14.74 ? 379  ILE A N   1 
ATOM   409  C CA  . ILE A 1 61  ? 5.226   -9.711  -6.663  1.00 15.94 ? 379  ILE A CA  1 
ATOM   410  C C   . ILE A 1 61  ? 4.949   -10.757 -5.568  1.00 16.41 ? 379  ILE A C   1 
ATOM   411  O O   . ILE A 1 61  ? 5.054   -11.971 -5.797  1.00 14.34 ? 379  ILE A O   1 
ATOM   412  C CB  . ILE A 1 61  ? 6.633   -9.169  -6.542  1.00 24.05 ? 379  ILE A CB  1 
ATOM   413  C CG1 . ILE A 1 61  ? 6.988   -8.296  -7.754  1.00 28.88 ? 379  ILE A CG1 1 
ATOM   414  C CG2 . ILE A 1 61  ? 7.593   -10.282 -6.409  1.00 25.71 ? 379  ILE A CG2 1 
ATOM   415  C CD1 . ILE A 1 61  ? 7.010   -9.029  -9.038  1.00 33.77 ? 379  ILE A CD1 1 
ATOM   416  N N   . LYS A 1 62  ? 4.608   -10.283 -4.369  1.00 14.39 ? 380  LYS A N   1 
ATOM   417  C CA  . LYS A 1 62  ? 4.204   -11.186 -3.301  1.00 14.65 ? 380  LYS A CA  1 
ATOM   418  C C   . LYS A 1 62  ? 2.951   -11.991 -3.717  1.00 17.85 ? 380  LYS A C   1 
ATOM   419  O O   . LYS A 1 62  ? 2.889   -13.209 -3.531  1.00 17.05 ? 380  LYS A O   1 
ATOM   420  C CB  . LYS A 1 62  ? 3.998   -10.409 -1.995  1.00 14.78 ? 380  LYS A CB  1 
ATOM   421  C CG  . LYS A 1 62  ? 5.351   -9.983  -1.375  1.00 16.18 ? 380  LYS A CG  1 
ATOM   422  C CD  . LYS A 1 62  ? 5.206   -9.284  -0.022  1.00 19.83 ? 380  LYS A CD  1 
ATOM   423  C CE  . LYS A 1 62  ? 4.680   -10.208 1.061   1.00 19.08 ? 380  LYS A CE  1 
ATOM   424  N NZ  . LYS A 1 62  ? 4.729   -9.599  2.428   1.00 18.32 ? 380  LYS A NZ  1 
ATOM   425  N N   . LEU A 1 63  ? 1.968   -11.328 -4.311  1.00 15.58 ? 381  LEU A N   1 
ATOM   426  C CA  . LEU A 1 63  ? 0.745   -12.007 -4.706  1.00 15.56 ? 381  LEU A CA  1 
ATOM   427  C C   . LEU A 1 63  ? 1.088   -13.171 -5.706  1.00 17.57 ? 381  LEU A C   1 
ATOM   428  O O   . LEU A 1 63  ? 0.653   -14.312 -5.539  1.00 14.66 ? 381  LEU A O   1 
ATOM   429  C CB  . LEU A 1 63  ? -0.175  -11.017 -5.391  1.00 15.16 ? 381  LEU A CB  1 
ATOM   430  C CG  . LEU A 1 63  ? -1.377  -11.628 -6.094  1.00 17.63 ? 381  LEU A CG  1 
ATOM   431  C CD1 . LEU A 1 63  ? -2.195  -12.383 -5.068  1.00 16.07 ? 381  LEU A CD1 1 
ATOM   432  C CD2 . LEU A 1 63  ? -2.180  -10.518 -6.753  1.00 22.14 ? 381  LEU A CD2 1 
ATOM   433  N N   . GLU A 1 64  ? 1.872   -12.827 -6.721  1.00 12.51 ? 382  GLU A N   1 
ATOM   434  C CA  . GLU A 1 64  ? 2.259   -13.761 -7.779  1.00 18.10 ? 382  GLU A CA  1 
ATOM   435  C C   . GLU A 1 64  ? 3.144   -14.890 -7.275  1.00 18.28 ? 382  GLU A C   1 
ATOM   436  O O   . GLU A 1 64  ? 3.145   -15.980 -7.854  1.00 17.56 ? 382  GLU A O   1 
ATOM   437  C CB  . GLU A 1 64  ? 2.931   -13.004 -8.916  1.00 19.54 ? 382  GLU A CB  1 
ATOM   438  C CG  . GLU A 1 64  ? 1.945   -12.135 -9.683  1.00 27.70 ? 382  GLU A CG  1 
ATOM   439  C CD  . GLU A 1 64  ? 2.589   -11.296 -10.773 1.00 36.28 ? 382  GLU A CD  1 
ATOM   440  O OE1 . GLU A 1 64  ? 3.818   -11.428 -11.001 1.00 42.35 ? 382  GLU A OE1 1 
ATOM   441  O OE2 . GLU A 1 64  ? 1.854   -10.495 -11.405 1.00 36.01 ? 382  GLU A OE2 1 
ATOM   442  N N   . SER A 1 65  ? 3.876   -14.621 -6.195  1.00 16.56 ? 383  SER A N   1 
ATOM   443  C CA  . SER A 1 65  ? 4.803   -15.583 -5.566  1.00 18.55 ? 383  SER A CA  1 
ATOM   444  C C   . SER A 1 65  ? 4.129   -16.393 -4.451  1.00 16.73 ? 383  SER A C   1 
ATOM   445  O O   . SER A 1 65  ? 4.806   -17.015 -3.651  1.00 15.16 ? 383  SER A O   1 
ATOM   446  C CB  . SER A 1 65  ? 6.027   -14.835 -4.998  1.00 18.94 ? 383  SER A CB  1 
ATOM   447  O OG  . SER A 1 65  ? 6.738   -14.189 -6.046  1.00 22.49 ? 383  SER A OG  1 
ATOM   448  N N   . ASN A 1 66  ? 2.797   -16.339 -4.386  1.00 15.91 ? 384  ASN A N   1 
ATOM   449  C CA  . ASN A 1 66  ? 2.005   -17.104 -3.415  1.00 18.51 ? 384  ASN A CA  1 
ATOM   450  C C   . ASN A 1 66  ? 2.226   -16.739 -1.958  1.00 19.29 ? 384  ASN A C   1 
ATOM   451  O O   . ASN A 1 66  ? 2.105   -17.609 -1.095  1.00 17.58 ? 384  ASN A O   1 
ATOM   452  C CB  . ASN A 1 66  ? 2.276   -18.605 -3.563  1.00 19.14 ? 384  ASN A CB  1 
ATOM   453  C CG  . ASN A 1 66  ? 1.023   -19.453 -3.364  1.00 21.75 ? 384  ASN A CG  1 
ATOM   454  O OD1 . ASN A 1 66  ? -0.016  -19.221 -4.010  1.00 20.60 ? 384  ASN A OD1 1 
ATOM   455  N ND2 . ASN A 1 66  ? 1.122   -20.456 -2.483  1.00 21.13 ? 384  ASN A ND2 1 
ATOM   456  N N   . LYS A 1 67  ? 2.533   -15.470 -1.688  1.00 18.29 ? 385  LYS A N   1 
ATOM   457  C CA  . LYS A 1 67  ? 2.810   -15.001 -0.331  1.00 17.13 ? 385  LYS A CA  1 
ATOM   458  C C   . LYS A 1 67  ? 1.563   -14.529 0.444   1.00 21.72 ? 385  LYS A C   1 
ATOM   459  O O   . LYS A 1 67  ? 1.653   -14.273 1.633   1.00 18.43 ? 385  LYS A O   1 
ATOM   460  C CB  . LYS A 1 67  ? 3.855   -13.875 -0.363  1.00 20.66 ? 385  LYS A CB  1 
ATOM   461  C CG  . LYS A 1 67  ? 5.137   -14.208 -1.132  1.00 22.07 ? 385  LYS A CG  1 
ATOM   462  C CD  . LYS A 1 67  ? 6.057   -15.140 -0.361  1.00 25.96 ? 385  LYS A CD  1 
ATOM   463  C CE  . LYS A 1 67  ? 7.416   -15.289 -1.053  1.00 25.93 ? 385  LYS A CE  1 
ATOM   464  N NZ  . LYS A 1 67  ? 8.419   -14.303 -0.599  1.00 27.98 ? 385  LYS A NZ  1 
ATOM   465  N N   . TYR A 1 68  ? 0.425   -14.430 -0.227  1.00 21.39 ? 386  TYR A N   1 
ATOM   466  C CA  . TYR A 1 68  ? -0.801  -13.953 0.421   1.00 20.79 ? 386  TYR A CA  1 
ATOM   467  C C   . TYR A 1 68  ? -1.848  -15.039 0.624   1.00 24.44 ? 386  TYR A C   1 
ATOM   468  O O   . TYR A 1 68  ? -2.920  -14.997 0.043   1.00 26.69 ? 386  TYR A O   1 
ATOM   469  C CB  . TYR A 1 68  ? -1.416  -12.791 -0.354  1.00 19.84 ? 386  TYR A CB  1 
ATOM   470  C CG  . TYR A 1 68  ? -0.577  -11.529 -0.339  1.00 13.70 ? 386  TYR A CG  1 
ATOM   471  C CD1 . TYR A 1 68  ? 0.099   -11.118 0.811   1.00 14.07 ? 386  TYR A CD1 1 
ATOM   472  C CD2 . TYR A 1 68  ? -0.481  -10.741 -1.457  1.00 14.78 ? 386  TYR A CD2 1 
ATOM   473  C CE1 . TYR A 1 68  ? 0.838   -9.958  0.816   1.00 14.99 ? 386  TYR A CE1 1 
ATOM   474  C CE2 . TYR A 1 68  ? 0.268   -9.597  -1.473  1.00 13.70 ? 386  TYR A CE2 1 
ATOM   475  C CZ  . TYR A 1 68  ? 0.933   -9.197  -0.333  1.00 16.66 ? 386  TYR A CZ  1 
ATOM   476  O OH  . TYR A 1 68  ? 1.699   -8.037  -0.352  1.00 17.32 ? 386  TYR A OH  1 
ATOM   477  N N   . GLN A 1 69  ? -1.510  -15.975 1.491   1.00 28.28 ? 387  GLN A N   1 
ATOM   478  C CA  . GLN A 1 69  ? -2.403  -17.069 1.929   1.00 31.35 ? 387  GLN A CA  1 
ATOM   479  C C   . GLN A 1 69  ? -3.524  -16.574 2.809   1.00 27.78 ? 387  GLN A C   1 
ATOM   480  O O   . GLN A 1 69  ? -4.613  -17.163 2.832   1.00 23.59 ? 387  GLN A O   1 
ATOM   481  C CB  . GLN A 1 69  ? -1.616  -18.034 2.802   1.00 35.57 ? 387  GLN A CB  1 
ATOM   482  C CG  . GLN A 1 69  ? -1.101  -17.333 4.056   1.00 40.83 ? 387  GLN A CG  1 
ATOM   483  C CD  . GLN A 1 69  ? 0.143   -17.937 4.597   1.00 45.67 ? 387  GLN A CD  1 
ATOM   484  O OE1 . GLN A 1 69  ? 0.865   -18.625 3.870   1.00 51.51 ? 387  GLN A OE1 1 
ATOM   485  N NE2 . GLN A 1 69  ? 0.424   -17.687 5.867   1.00 50.43 ? 387  GLN A NE2 1 
ATOM   486  N N   . LYS A 1 70  ? -3.200  -15.571 3.620   1.00 24.51 ? 388  LYS A N   1 
ATOM   487  C CA  . LYS A 1 70  ? -4.148  -14.935 4.514   1.00 25.55 ? 388  LYS A CA  1 
ATOM   488  C C   . LYS A 1 70  ? -4.403  -13.522 4.016   1.00 20.75 ? 388  LYS A C   1 
ATOM   489  O O   . LYS A 1 70  ? -3.467  -12.782 3.763   1.00 21.07 ? 388  LYS A O   1 
ATOM   490  C CB  . LYS A 1 70  ? -3.571  -14.873 5.937   1.00 31.55 ? 388  LYS A CB  1 
ATOM   491  C CG  . LYS A 1 70  ? -3.344  -16.222 6.576   1.00 39.96 ? 388  LYS A CG  1 
ATOM   492  C CD  . LYS A 1 70  ? -3.023  -16.104 8.067   1.00 46.44 ? 388  LYS A CD  1 
ATOM   493  C CE  . LYS A 1 70  ? -2.796  -17.489 8.683   1.00 51.57 ? 388  LYS A CE  1 
ATOM   494  N NZ  . LYS A 1 70  ? -2.476  -17.428 10.149  1.00 54.00 ? 388  LYS A NZ  1 
ATOM   495  N N   . MET A 1 71  ? -5.662  -13.144 3.882   1.00 20.84 ? 389  MET A N   1 
ATOM   496  C CA  . MET A 1 71  ? -5.996  -11.795 3.472   1.00 21.77 ? 389  MET A CA  1 
ATOM   497  C C   . MET A 1 71  ? -5.297  -10.803 4.409   1.00 20.30 ? 389  MET A C   1 
ATOM   498  O O   . MET A 1 71  ? -4.882  -9.740  3.989   1.00 16.97 ? 389  MET A O   1 
ATOM   499  C CB  . MET A 1 71  ? -7.508  -11.557 3.482   1.00 21.64 ? 389  MET A CB  1 
ATOM   500  C CG  . MET A 1 71  ? -7.931  -10.152 2.988   1.00 25.76 ? 389  MET A CG  1 
ATOM   501  S SD  . MET A 1 71  ? -7.303  -9.790  1.391   1.00 26.97 ? 389  MET A SD  1 
ATOM   502  C CE  . MET A 1 71  ? -8.146  -8.536  0.802   1.00 31.59 ? 389  MET A CE  1 
ATOM   503  N N   . GLU A 1 72  ? -5.218  -11.144 5.692   1.00 19.71 ? 390  GLU A N   1 
ATOM   504  C CA  . GLU A 1 72  ? -4.556  -10.301 6.698   1.00 17.34 ? 390  GLU A CA  1 
ATOM   505  C C   . GLU A 1 72  ? -3.152  -9.829  6.302   1.00 16.56 ? 390  GLU A C   1 
ATOM   506  O O   . GLU A 1 72  ? -2.754  -8.720  6.631   1.00 13.37 ? 390  GLU A O   1 
ATOM   507  C CB  . GLU A 1 72  ? -4.431  -11.067 8.023   1.00 18.37 ? 390  GLU A CB  1 
ATOM   508  C CG  . GLU A 1 72  ? -5.716  -11.172 8.816   1.00 21.81 ? 390  GLU A CG  1 
ATOM   509  C CD  . GLU A 1 72  ? -6.575  -12.381 8.447   1.00 24.87 ? 390  GLU A CD  1 
ATOM   510  O OE1 . GLU A 1 72  ? -6.401  -12.989 7.356   1.00 20.92 ? 390  GLU A OE1 1 
ATOM   511  O OE2 . GLU A 1 72  ? -7.454  -12.698 9.259   1.00 21.97 ? 390  GLU A OE2 1 
ATOM   512  N N   . ASP A 1 73  ? -2.387  -10.689 5.632   1.00 15.47 ? 391  ASP A N   1 
ATOM   513  C CA  . ASP A 1 73  ? -1.048  -10.318 5.187   1.00 15.84 ? 391  ASP A CA  1 
ATOM   514  C C   . ASP A 1 73  ? -1.060  -9.234  4.109   1.00 12.94 ? 391  ASP A C   1 
ATOM   515  O O   . ASP A 1 73  ? -0.208  -8.366  4.107   1.00 11.19 ? 391  ASP A O   1 
ATOM   516  C CB  . ASP A 1 73  ? -0.259  -11.537 4.752   1.00 17.77 ? 391  ASP A CB  1 
ATOM   517  C CG  . ASP A 1 73  ? 0.083   -12.419 5.919   1.00 23.62 ? 391  ASP A CG  1 
ATOM   518  O OD1 . ASP A 1 73  ? 0.240   -11.889 7.032   1.00 27.53 ? 391  ASP A OD1 1 
ATOM   519  O OD2 . ASP A 1 73  ? 0.205   -13.629 5.825   1.00 26.00 ? 391  ASP A OD2 1 
ATOM   520  N N   . PHE A 1 74  ? -2.052  -9.281  3.231   1.00 12.08 ? 392  PHE A N   1 
ATOM   521  C CA  . PHE A 1 74  ? -2.188  -8.296  2.167   1.00 12.12 ? 392  PHE A CA  1 
ATOM   522  C C   . PHE A 1 74  ? -2.605  -6.962  2.763   1.00 11.43 ? 392  PHE A C   1 
ATOM   523  O O   . PHE A 1 74  ? -2.083  -5.920  2.403   1.00 11.02 ? 392  PHE A O   1 
ATOM   524  C CB  . PHE A 1 74  ? -3.251  -8.754  1.184   1.00 11.53 ? 392  PHE A CB  1 
ATOM   525  C CG  . PHE A 1 74  ? -3.561  -7.761  0.109   1.00 11.43 ? 392  PHE A CG  1 
ATOM   526  C CD1 . PHE A 1 74  ? -2.616  -7.419  -0.824  1.00 11.93 ? 392  PHE A CD1 1 
ATOM   527  C CD2 . PHE A 1 74  ? -4.816  -7.198  0.014   1.00 13.40 ? 392  PHE A CD2 1 
ATOM   528  C CE1 . PHE A 1 74  ? -2.919  -6.535  -1.847  1.00 12.67 ? 392  PHE A CE1 1 
ATOM   529  C CE2 . PHE A 1 74  ? -5.108  -6.307  -1.006  1.00 13.34 ? 392  PHE A CE2 1 
ATOM   530  C CZ  . PHE A 1 74  ? -4.149  -5.979  -1.925  1.00 12.30 ? 392  PHE A CZ  1 
ATOM   531  N N   . ILE A 1 75  ? -3.540  -7.024  3.706   1.00 14.08 ? 393  ILE A N   1 
ATOM   532  C CA  . ILE A 1 75  ? -4.016  -5.807  4.351   1.00 11.35 ? 393  ILE A CA  1 
ATOM   533  C C   . ILE A 1 75  ? -2.864  -5.164  5.127   1.00 13.81 ? 393  ILE A C   1 
ATOM   534  O O   . ILE A 1 75  ? -2.696  -3.928  5.143   1.00 11.93 ? 393  ILE A O   1 
ATOM   535  C CB  . ILE A 1 75  ? -5.215  -6.118  5.258   1.00 13.21 ? 393  ILE A CB  1 
ATOM   536  C CG1 . ILE A 1 75  ? -6.458  -6.377  4.397   1.00 14.32 ? 393  ILE A CG1 1 
ATOM   537  C CG2 . ILE A 1 75  ? -5.455  -4.968  6.239   1.00 11.14 ? 393  ILE A CG2 1 
ATOM   538  C CD1 . ILE A 1 75  ? -7.581  -6.948  5.176   1.00 18.32 ? 393  ILE A CD1 1 
ATOM   539  N N   . TYR A 1 76  ? -2.081  -5.999  5.795   1.00 11.26 ? 394  TYR A N   1 
ATOM   540  C CA  . TYR A 1 76  ? -0.910  -5.493  6.530   1.00 11.19 ? 394  TYR A CA  1 
ATOM   541  C C   . TYR A 1 76  ? 0.024   -4.728  5.606   1.00 10.30 ? 394  TYR A C   1 
ATOM   542  O O   . TYR A 1 76  ? 0.524   -3.664  5.945   1.00 11.50 ? 394  TYR A O   1 
ATOM   543  C CB  . TYR A 1 76  ? -0.126  -6.634  7.138   1.00 11.77 ? 394  TYR A CB  1 
ATOM   544  C CG  . TYR A 1 76  ? 1.032   -6.188  8.011   1.00 13.57 ? 394  TYR A CG  1 
ATOM   545  C CD1 . TYR A 1 76  ? 0.838   -5.889  9.331   1.00 12.71 ? 394  TYR A CD1 1 
ATOM   546  C CD2 . TYR A 1 76  ? 2.312   -6.042  7.494   1.00 11.52 ? 394  TYR A CD2 1 
ATOM   547  C CE1 . TYR A 1 76  ? 1.890   -5.496  10.139  1.00 12.92 ? 394  TYR A CE1 1 
ATOM   548  C CE2 . TYR A 1 76  ? 3.381   -5.616  8.299   1.00 14.08 ? 394  TYR A CE2 1 
ATOM   549  C CZ  . TYR A 1 76  ? 3.152   -5.356  9.632   1.00 13.78 ? 394  TYR A CZ  1 
ATOM   550  O OH  . TYR A 1 76  ? 4.162   -4.949  10.482  1.00 12.55 ? 394  TYR A OH  1 
ATOM   551  N N   . ASP A 1 77  ? 0.279   -5.290  4.435   1.00 12.08 ? 395  ASP A N   1 
ATOM   552  C CA  . ASP A 1 77  ? 1.212   -4.678  3.501   1.00 11.10 ? 395  ASP A CA  1 
ATOM   553  C C   . ASP A 1 77  ? 0.641   -3.369  2.961   1.00 10.24 ? 395  ASP A C   1 
ATOM   554  O O   . ASP A 1 77  ? 1.373   -2.401  2.829   1.00 8.21  ? 395  ASP A O   1 
ATOM   555  C CB  . ASP A 1 77  ? 1.542   -5.649  2.376   1.00 12.71 ? 395  ASP A CB  1 
ATOM   556  C CG  . ASP A 1 77  ? 2.556   -6.697  2.780   1.00 13.20 ? 395  ASP A CG  1 
ATOM   557  O OD1 . ASP A 1 77  ? 3.082   -6.636  3.924   1.00 11.62 ? 395  ASP A OD1 1 
ATOM   558  O OD2 . ASP A 1 77  ? 2.899   -7.598  1.976   1.00 13.11 ? 395  ASP A OD2 1 
ATOM   559  N N   . ALA A 1 78  ? -0.641  -3.358  2.613   1.00 10.46 ? 396  ALA A N   1 
ATOM   560  C CA  . ALA A 1 78  ? -1.314  -2.117  2.178   1.00 11.29 ? 396  ALA A CA  1 
ATOM   561  C C   . ALA A 1 78  ? -1.163  -1.045  3.263   1.00 13.65 ? 396  ALA A C   1 
ATOM   562  O O   . ALA A 1 78  ? -0.898  0.127   2.987   1.00 10.22 ? 396  ALA A O   1 
ATOM   563  C CB  . ALA A 1 78  ? -2.751  -2.371  1.882   1.00 12.05 ? 396  ALA A CB  1 
ATOM   564  N N   . ARG A 1 79  ? -1.356  -1.445  4.513   1.00 9.05  ? 397  ARG A N   1 
ATOM   565  C CA  . ARG A 1 79  ? -1.199  -0.481  5.603   1.00 11.06 ? 397  ARG A CA  1 
ATOM   566  C C   . ARG A 1 79  ? 0.239   0.039   5.794   1.00 10.07 ? 397  ARG A C   1 
ATOM   567  O O   . ARG A 1 79  ? 0.427   1.150   6.289   1.00 11.89 ? 397  ARG A O   1 
ATOM   568  C CB  . ARG A 1 79  ? -1.804  -1.025  6.894   1.00 11.38 ? 397  ARG A CB  1 
ATOM   569  C CG  . ARG A 1 79  ? -3.338  -0.976  6.838   1.00 12.18 ? 397  ARG A CG  1 
ATOM   570  C CD  . ARG A 1 79  ? -4.024  -1.778  7.934   1.00 13.25 ? 397  ARG A CD  1 
ATOM   571  N NE  . ARG A 1 79  ? -5.467  -1.611  7.932   1.00 13.82 ? 397  ARG A NE  1 
ATOM   572  C CZ  . ARG A 1 79  ? -6.298  -2.400  8.613   1.00 17.58 ? 397  ARG A CZ  1 
ATOM   573  N NH1 . ARG A 1 79  ? -5.817  -3.399  9.333   1.00 16.65 ? 397  ARG A NH1 1 
ATOM   574  N NH2 . ARG A 1 79  ? -7.610  -2.204  8.563   1.00 16.07 ? 397  ARG A NH2 1 
ATOM   575  N N   . LEU A 1 80  ? 1.246   -0.740  5.401   1.00 11.13 ? 398  LEU A N   1 
ATOM   576  C CA  . LEU A 1 80  ? 2.633   -0.269  5.475   1.00 8.87  ? 398  LEU A CA  1 
ATOM   577  C C   . LEU A 1 80  ? 2.783   0.865   4.480   1.00 12.50 ? 398  LEU A C   1 
ATOM   578  O O   . LEU A 1 80  ? 3.407   1.832   4.744   1.00 9.26  ? 398  LEU A O   1 
ATOM   579  C CB  . LEU A 1 80  ? 3.634   -1.368  5.110   1.00 10.49 ? 398  LEU A CB  1 
ATOM   580  C CG  . LEU A 1 80  ? 3.962   -2.448  6.141   1.00 10.43 ? 398  LEU A CG  1 
ATOM   581  C CD1 . LEU A 1 80  ? 4.862   -3.508  5.468   1.00 12.23 ? 398  LEU A CD1 1 
ATOM   582  C CD2 . LEU A 1 80  ? 4.596   -1.861  7.389   1.00 11.66 ? 398  LEU A CD2 1 
ATOM   583  N N   . VAL A 1 81  ? 2.220   0.690   3.299   1.00 10.43 ? 399  VAL A N   1 
ATOM   584  C CA  . VAL A 1 81  ? 2.308   1.727   2.278   1.00 10.69 ? 399  VAL A CA  1 
ATOM   585  C C   . VAL A 1 81  ? 1.718   3.031   2.819   1.00 10.81 ? 399  VAL A C   1 
ATOM   586  O O   . VAL A 1 81  ? 2.341   4.073   2.732   1.00 11.26 ? 399  VAL A O   1 
ATOM   587  C CB  . VAL A 1 81  ? 1.538   1.355   0.985   1.00 10.80 ? 399  VAL A CB  1 
ATOM   588  C CG1 . VAL A 1 81  ? 1.577   2.519   -0.049  1.00 11.74 ? 399  VAL A CG1 1 
ATOM   589  C CG2 . VAL A 1 81  ? 2.090   0.075   0.359   1.00 13.04 ? 399  VAL A CG2 1 
ATOM   590  N N   . PHE A 1 82  ? 0.543   2.966   3.428   1.00 8.38  ? 400  PHE A N   1 
ATOM   591  C CA  . PHE A 1 82  ? -0.149  4.197   3.844   1.00 11.35 ? 400  PHE A CA  1 
ATOM   592  C C   . PHE A 1 82  ? 0.541   4.778   5.078   1.00 11.76 ? 400  PHE A C   1 
ATOM   593  O O   . PHE A 1 82  ? 0.810   5.974   5.164   1.00 13.29 ? 400  PHE A O   1 
ATOM   594  C CB  . PHE A 1 82  ? -1.615  3.941   4.222   1.00 11.08 ? 400  PHE A CB  1 
ATOM   595  C CG  . PHE A 1 82  ? -2.377  3.080   3.251   1.00 14.38 ? 400  PHE A CG  1 
ATOM   596  C CD1 . PHE A 1 82  ? -2.300  3.295   1.887   1.00 10.78 ? 400  PHE A CD1 1 
ATOM   597  C CD2 . PHE A 1 82  ? -3.239  2.097   3.725   1.00 12.38 ? 400  PHE A CD2 1 
ATOM   598  C CE1 . PHE A 1 82  ? -3.023  2.494   0.993   1.00 12.07 ? 400  PHE A CE1 1 
ATOM   599  C CE2 . PHE A 1 82  ? -3.967  1.325   2.852   1.00 13.33 ? 400  PHE A CE2 1 
ATOM   600  C CZ  . PHE A 1 82  ? -3.856  1.518   1.487   1.00 16.70 ? 400  PHE A CZ  1 
ATOM   601  N N   . ASN A 1 83  ? 0.819   3.904   6.045   1.00 11.64 ? 401  ASN A N   1 
ATOM   602  C CA  . ASN A 1 83  ? 1.407   4.327   7.322   1.00 12.23 ? 401  ASN A CA  1 
ATOM   603  C C   . ASN A 1 83  ? 2.870   4.746   7.251   1.00 14.32 ? 401  ASN A C   1 
ATOM   604  O O   . ASN A 1 83  ? 3.298   5.720   7.925   1.00 10.00 ? 401  ASN A O   1 
ATOM   605  C CB  . ASN A 1 83  ? 1.164   3.244   8.372   1.00 10.16 ? 401  ASN A CB  1 
ATOM   606  C CG  . ASN A 1 83  ? -0.280  3.203   8.778   1.00 14.13 ? 401  ASN A CG  1 
ATOM   607  O OD1 . ASN A 1 83  ? -0.755  4.108   9.465   1.00 13.85 ? 401  ASN A OD1 1 
ATOM   608  N ND2 . ASN A 1 83  ? -1.007  2.194   8.313   1.00 12.51 ? 401  ASN A ND2 1 
ATOM   609  N N   . ASN A 1 84  ? 3.658   4.015   6.452   1.00 11.84 ? 402  ASN A N   1 
ATOM   610  C CA  . ASN A 1 84  ? 5.037   4.419   6.239   1.00 11.69 ? 402  ASN A CA  1 
ATOM   611  C C   . ASN A 1 84  ? 5.052   5.843   5.673   1.00 12.34 ? 402  ASN A C   1 
ATOM   612  O O   . ASN A 1 84  ? 5.890   6.686   6.054   1.00 11.00 ? 402  ASN A O   1 
ATOM   613  C CB  . ASN A 1 84  ? 5.748   3.491   5.237   1.00 11.84 ? 402  ASN A CB  1 
ATOM   614  C CG  . ASN A 1 84  ? 6.201   2.207   5.855   1.00 11.75 ? 402  ASN A CG  1 
ATOM   615  O OD1 . ASN A 1 84  ? 6.316   2.101   7.101   1.00 9.15  ? 402  ASN A OD1 1 
ATOM   616  N ND2 . ASN A 1 84  ? 6.482   1.207   5.002   1.00 7.67  ? 402  ASN A ND2 1 
ATOM   617  N N   . CYS A 1 85  ? 4.124   6.093   4.744   1.00 12.45 ? 403  CYS A N   1 
ATOM   618  C CA  . CYS A 1 85  ? 4.058   7.377   4.048   1.00 9.51  ? 403  CYS A CA  1 
ATOM   619  C C   . CYS A 1 85  ? 3.759   8.509   5.027   1.00 12.45 ? 403  CYS A C   1 
ATOM   620  O O   . CYS A 1 85  ? 4.388   9.548   4.979   1.00 12.02 ? 403  CYS A O   1 
ATOM   621  C CB  . CYS A 1 85  ? 2.978   7.368   2.982   1.00 9.26  ? 403  CYS A CB  1 
ATOM   622  S SG  . CYS A 1 85  ? 2.980   8.895   1.960   1.00 10.31 ? 403  CYS A SG  1 
ATOM   623  N N   . ARG A 1 86  ? 2.804   8.287   5.918   1.00 10.76 ? 404  ARG A N   1 
ATOM   624  C CA  . ARG A 1 86  ? 2.432   9.320   6.884   1.00 11.73 ? 404  ARG A CA  1 
ATOM   625  C C   . ARG A 1 86  ? 3.476   9.420   7.997   1.00 13.38 ? 404  ARG A C   1 
ATOM   626  O O   . ARG A 1 86  ? 3.555   10.431  8.680   1.00 15.94 ? 404  ARG A O   1 
ATOM   627  C CB  . ARG A 1 86  ? 1.046   9.074   7.447   1.00 11.22 ? 404  ARG A CB  1 
ATOM   628  C CG  . ARG A 1 86  ? -0.069  9.233   6.444   1.00 13.00 ? 404  ARG A CG  1 
ATOM   629  C CD  . ARG A 1 86  ? -1.438  9.202   7.052   1.00 15.33 ? 404  ARG A CD  1 
ATOM   630  N NE  . ARG A 1 86  ? -1.694  7.877   7.597   1.00 15.49 ? 404  ARG A NE  1 
ATOM   631  C CZ  . ARG A 1 86  ? -2.477  6.965   7.024   1.00 15.34 ? 404  ARG A CZ  1 
ATOM   632  N NH1 . ARG A 1 86  ? -3.151  7.233   5.925   1.00 16.54 ? 404  ARG A NH1 1 
ATOM   633  N NH2 . ARG A 1 86  ? -2.612  5.771   7.572   1.00 18.34 ? 404  ARG A NH2 1 
ATOM   634  N N   . MET A 1 87  ? 4.276   8.377   8.179   1.00 12.66 ? 405  MET A N   1 
ATOM   635  C CA  . MET A 1 87  ? 5.336   8.431   9.156   1.00 13.30 ? 405  MET A CA  1 
ATOM   636  C C   . MET A 1 87  ? 6.509   9.296   8.629   1.00 14.75 ? 405  MET A C   1 
ATOM   637  O O   . MET A 1 87  ? 7.081   10.096  9.371   1.00 13.18 ? 405  MET A O   1 
ATOM   638  C CB  . MET A 1 87  ? 5.829   7.025   9.499   1.00 14.38 ? 405  MET A CB  1 
ATOM   639  C CG  . MET A 1 87  ? 7.026   6.987   10.467  1.00 15.13 ? 405  MET A CG  1 
ATOM   640  S SD  . MET A 1 87  ? 7.650   5.287   10.671  1.00 11.96 ? 405  MET A SD  1 
ATOM   641  C CE  . MET A 1 87  ? 9.066   5.568   11.646  1.00 19.19 ? 405  MET A CE  1 
ATOM   642  N N   . TYR A 1 88  ? 6.874   9.125   7.362   1.00 12.48 ? 406  TYR A N   1 
ATOM   643  C CA  . TYR A 1 88  ? 8.036   9.833   6.813   1.00 13.66 ? 406  TYR A CA  1 
ATOM   644  C C   . TYR A 1 88  ? 7.773   11.273  6.396   1.00 13.97 ? 406  TYR A C   1 
ATOM   645  O O   . TYR A 1 88  ? 8.599   12.146  6.611   1.00 13.54 ? 406  TYR A O   1 
ATOM   646  C CB  . TYR A 1 88  ? 8.605   9.063   5.624   1.00 13.15 ? 406  TYR A CB  1 
ATOM   647  C CG  . TYR A 1 88  ? 9.863   9.689   5.060   1.00 15.03 ? 406  TYR A CG  1 
ATOM   648  C CD1 . TYR A 1 88  ? 11.102  9.413   5.607   1.00 16.57 ? 406  TYR A CD1 1 
ATOM   649  C CD2 . TYR A 1 88  ? 9.807   10.536  3.960   1.00 13.60 ? 406  TYR A CD2 1 
ATOM   650  C CE1 . TYR A 1 88  ? 12.251  9.959   5.086   1.00 17.32 ? 406  TYR A CE1 1 
ATOM   651  C CE2 . TYR A 1 88  ? 10.960  11.108  3.436   1.00 16.11 ? 406  TYR A CE2 1 
ATOM   652  C CZ  . TYR A 1 88  ? 12.170  10.816  4.004   1.00 16.25 ? 406  TYR A CZ  1 
ATOM   653  O OH  . TYR A 1 88  ? 13.297  11.380  3.479   1.00 19.32 ? 406  TYR A OH  1 
ATOM   654  N N   . ASN A 1 89  ? 6.612   11.496  5.782   1.00 15.83 ? 407  ASN A N   1 
ATOM   655  C CA  . ASN A 1 89  ? 6.243   12.782  5.204   1.00 15.63 ? 407  ASN A CA  1 
ATOM   656  C C   . ASN A 1 89  ? 5.418   13.675  6.126   1.00 14.98 ? 407  ASN A C   1 
ATOM   657  O O   . ASN A 1 89  ? 4.642   13.185  6.950   1.00 15.89 ? 407  ASN A O   1 
ATOM   658  C CB  . ASN A 1 89  ? 5.436   12.530  3.945   1.00 11.28 ? 407  ASN A CB  1 
ATOM   659  C CG  . ASN A 1 89  ? 6.230   11.787  2.902   1.00 14.14 ? 407  ASN A CG  1 
ATOM   660  O OD1 . ASN A 1 89  ? 7.066   12.368  2.224   1.00 15.53 ? 407  ASN A OD1 1 
ATOM   661  N ND2 . ASN A 1 89  ? 5.987   10.499  2.787   1.00 10.42 ? 407  ASN A ND2 1 
ATOM   662  N N   . GLY A 1 90  ? 5.569   14.980  5.953   1.00 15.44 ? 408  GLY A N   1 
ATOM   663  C CA  . GLY A 1 90  ? 4.843   15.958  6.756   1.00 16.04 ? 408  GLY A CA  1 
ATOM   664  C C   . GLY A 1 90  ? 3.361   15.922  6.478   1.00 17.52 ? 408  GLY A C   1 
ATOM   665  O O   . GLY A 1 90  ? 2.952   15.624  5.352   1.00 14.93 ? 408  GLY A O   1 
ATOM   666  N N   . GLU A 1 91  ? 2.546   16.248  7.488   1.00 17.55 ? 409  GLU A N   1 
ATOM   667  C CA  . GLU A 1 91  ? 1.093   16.195  7.342   1.00 20.98 ? 409  GLU A CA  1 
ATOM   668  C C   . GLU A 1 91  ? 0.562   17.169  6.279   1.00 18.93 ? 409  GLU A C   1 
ATOM   669  O O   . GLU A 1 91  ? -0.551  16.988  5.789   1.00 18.67 ? 409  GLU A O   1 
ATOM   670  C CB  . GLU A 1 91  ? 0.390   16.430  8.691   1.00 26.43 ? 409  GLU A CB  1 
ATOM   671  C CG  . GLU A 1 91  ? 0.756   17.739  9.360   1.00 31.51 ? 409  GLU A CG  1 
ATOM   672  C CD  . GLU A 1 91  ? 0.135   17.916  10.747  1.00 39.16 ? 409  GLU A CD  1 
ATOM   673  O OE1 . GLU A 1 91  ? -0.696  17.070  11.155  1.00 38.40 ? 409  GLU A OE1 1 
ATOM   674  O OE2 . GLU A 1 91  ? 0.493   18.916  11.424  1.00 43.19 ? 409  GLU A OE2 1 
ATOM   675  N N   . ASN A 1 92  ? 1.367   18.172  5.916   1.00 17.62 ? 410  ASN A N   1 
ATOM   676  C CA  . ASN A 1 92  ? 0.976   19.176  4.919   1.00 22.24 ? 410  ASN A CA  1 
ATOM   677  C C   . ASN A 1 92  ? 1.444   18.874  3.487   1.00 20.78 ? 410  ASN A C   1 
ATOM   678  O O   . ASN A 1 92  ? 1.190   19.655  2.564   1.00 18.43 ? 410  ASN A O   1 
ATOM   679  C CB  . ASN A 1 92  ? 1.500   20.554  5.346   1.00 24.79 ? 410  ASN A CB  1 
ATOM   680  C CG  . ASN A 1 92  ? 0.850   21.041  6.636   1.00 32.51 ? 410  ASN A CG  1 
ATOM   681  O OD1 . ASN A 1 92  ? -0.370  20.953  6.794   1.00 32.36 ? 410  ASN A OD1 1 
ATOM   682  N ND2 . ASN A 1 92  ? 1.667   21.521  7.576   1.00 34.51 ? 410  ASN A ND2 1 
ATOM   683  N N   . THR A 1 93  ? 2.107   17.737  3.292   1.00 16.93 ? 411  THR A N   1 
ATOM   684  C CA  . THR A 1 93  ? 2.644   17.399  1.977   1.00 15.89 ? 411  THR A CA  1 
ATOM   685  C C   . THR A 1 93  ? 1.630   16.693  1.091   1.00 16.73 ? 411  THR A C   1 
ATOM   686  O O   . THR A 1 93  ? 0.668   16.102  1.574   1.00 15.53 ? 411  THR A O   1 
ATOM   687  C CB  . THR A 1 93  ? 3.875   16.469  2.109   1.00 17.59 ? 411  THR A CB  1 
ATOM   688  O OG1 . THR A 1 93  ? 3.484   15.233  2.747   1.00 15.21 ? 411  THR A OG1 1 
ATOM   689  C CG2 . THR A 1 93  ? 4.957   17.081  3.028   1.00 15.40 ? 411  THR A CG2 1 
ATOM   690  N N   . SER A 1 94  ? 1.875   16.720  -0.215  1.00 12.12 ? 412  SER A N   1 
ATOM   691  C CA  . SER A 1 94  ? 1.020   15.984  -1.145  1.00 16.25 ? 412  SER A CA  1 
ATOM   692  C C   . SER A 1 94  ? 1.010   14.463  -0.835  1.00 11.35 ? 412  SER A C   1 
ATOM   693  O O   . SER A 1 94  ? -0.022  13.811  -0.967  1.00 12.34 ? 412  SER A O   1 
ATOM   694  C CB  . SER A 1 94  ? 1.516   16.198  -2.567  1.00 19.26 ? 412  SER A CB  1 
ATOM   695  O OG  . SER A 1 94  ? 1.345   17.560  -2.924  1.00 21.68 ? 412  SER A OG  1 
ATOM   696  N N   . TYR A 1 95  ? 2.165   13.926  -0.453  1.00 12.35 ? 413  TYR A N   1 
ATOM   697  C CA  . TYR A 1 95  ? 2.295   12.482  -0.177  1.00 12.44 ? 413  TYR A CA  1 
ATOM   698  C C   . TYR A 1 95  ? 1.361   12.034  0.923   1.00 13.45 ? 413  TYR A C   1 
ATOM   699  O O   . TYR A 1 95  ? 0.705   10.977  0.832   1.00 11.93 ? 413  TYR A O   1 
ATOM   700  C CB  . TYR A 1 95  ? 3.748   12.117  0.140   1.00 14.51 ? 413  TYR A CB  1 
ATOM   701  C CG  . TYR A 1 95  ? 4.673   12.469  -0.998  1.00 15.92 ? 413  TYR A CG  1 
ATOM   702  C CD1 . TYR A 1 95  ? 4.603   11.778  -2.205  1.00 17.85 ? 413  TYR A CD1 1 
ATOM   703  C CD2 . TYR A 1 95  ? 5.577   13.530  -0.903  1.00 15.20 ? 413  TYR A CD2 1 
ATOM   704  C CE1 . TYR A 1 95  ? 5.417   12.095  -3.262  1.00 16.85 ? 413  TYR A CE1 1 
ATOM   705  C CE2 . TYR A 1 95  ? 6.404   13.859  -1.978  1.00 17.53 ? 413  TYR A CE2 1 
ATOM   706  C CZ  . TYR A 1 95  ? 6.319   13.129  -3.148  1.00 20.46 ? 413  TYR A CZ  1 
ATOM   707  O OH  . TYR A 1 95  ? 7.108   13.429  -4.231  1.00 23.82 ? 413  TYR A OH  1 
ATOM   708  N N   . TYR A 1 96  ? 1.268   12.856  1.962   1.00 14.56 ? 414  TYR A N   1 
ATOM   709  C CA  . TYR A 1 96  ? 0.378   12.557  3.080   1.00 16.47 ? 414  TYR A CA  1 
ATOM   710  C C   . TYR A 1 96  ? -1.071  12.533  2.562   1.00 14.85 ? 414  TYR A C   1 
ATOM   711  O O   . TYR A 1 96  ? -1.833  11.634  2.867   1.00 13.01 ? 414  TYR A O   1 
ATOM   712  C CB  . TYR A 1 96  ? 0.578   13.604  4.189   1.00 16.38 ? 414  TYR A CB  1 
ATOM   713  C CG  . TYR A 1 96  ? 0.217   13.182  5.598   1.00 16.07 ? 414  TYR A CG  1 
ATOM   714  C CD1 . TYR A 1 96  ? -1.090  13.241  6.043   1.00 16.54 ? 414  TYR A CD1 1 
ATOM   715  C CD2 . TYR A 1 96  ? 1.202   12.768  6.504   1.00 16.18 ? 414  TYR A CD2 1 
ATOM   716  C CE1 . TYR A 1 96  ? -1.417  12.892  7.332   1.00 19.06 ? 414  TYR A CE1 1 
ATOM   717  C CE2 . TYR A 1 96  ? 0.880   12.417  7.796   1.00 16.49 ? 414  TYR A CE2 1 
ATOM   718  C CZ  . TYR A 1 96  ? -0.422  12.487  8.209   1.00 20.44 ? 414  TYR A CZ  1 
ATOM   719  O OH  . TYR A 1 96  ? -0.737  12.161  9.516   1.00 23.15 ? 414  TYR A OH  1 
ATOM   720  N N   . LYS A 1 97  ? -1.435  13.521  1.746   1.00 13.69 ? 415  LYS A N   1 
ATOM   721  C CA  . LYS A 1 97  ? -2.751  13.572  1.139   1.00 17.43 ? 415  LYS A CA  1 
ATOM   722  C C   . LYS A 1 97  ? -3.018  12.327  0.280   1.00 14.79 ? 415  LYS A C   1 
ATOM   723  O O   . LYS A 1 97  ? -4.076  11.740  0.363   1.00 14.71 ? 415  LYS A O   1 
ATOM   724  C CB  . LYS A 1 97  ? -2.870  14.817  0.264   1.00 20.28 ? 415  LYS A CB  1 
ATOM   725  C CG  . LYS A 1 97  ? -4.266  15.317  0.040   1.00 27.82 ? 415  LYS A CG  1 
ATOM   726  C CD  . LYS A 1 97  ? -4.227  16.727  -0.571  1.00 31.71 ? 415  LYS A CD  1 
ATOM   727  C CE  . LYS A 1 97  ? -5.645  17.272  -0.851  1.00 36.39 ? 415  LYS A CE  1 
ATOM   728  N NZ  . LYS A 1 97  ? -5.642  18.688  -1.401  1.00 40.05 ? 415  LYS A NZ  1 
ATOM   729  N N   . TYR A 1 98  ? -2.068  11.942  -0.566  1.00 11.55 ? 416  TYR A N   1 
ATOM   730  C CA  . TYR A 1 98  ? -2.271  10.754  -1.401  1.00 10.09 ? 416  TYR A CA  1 
ATOM   731  C C   . TYR A 1 98  ? -2.481  9.537   -0.497  1.00 12.36 ? 416  TYR A C   1 
ATOM   732  O O   . TYR A 1 98  ? -3.400  8.752   -0.733  1.00 10.91 ? 416  TYR A O   1 
ATOM   733  C CB  . TYR A 1 98  ? -1.077  10.489  -2.327  1.00 10.01 ? 416  TYR A CB  1 
ATOM   734  C CG  . TYR A 1 98  ? -0.891  11.494  -3.461  1.00 10.23 ? 416  TYR A CG  1 
ATOM   735  C CD1 . TYR A 1 98  ? -1.867  11.659  -4.423  1.00 13.88 ? 416  TYR A CD1 1 
ATOM   736  C CD2 . TYR A 1 98  ? 0.276   12.224  -3.590  1.00 9.71  ? 416  TYR A CD2 1 
ATOM   737  C CE1 . TYR A 1 98  ? -1.722  12.537  -5.450  1.00 11.80 ? 416  TYR A CE1 1 
ATOM   738  C CE2 . TYR A 1 98  ? 0.443   13.110  -4.641  1.00 10.95 ? 416  TYR A CE2 1 
ATOM   739  C CZ  . TYR A 1 98  ? -0.555  13.267  -5.570  1.00 14.57 ? 416  TYR A CZ  1 
ATOM   740  O OH  . TYR A 1 98  ? -0.419  14.173  -6.603  1.00 13.70 ? 416  TYR A OH  1 
ATOM   741  N N   . ALA A 1 99  ? -1.640  9.364   0.520   1.00 10.50 ? 417  ALA A N   1 
ATOM   742  C CA  . ALA A 1 99  ? -1.815  8.215   1.432   1.00 13.00 ? 417  ALA A CA  1 
ATOM   743  C C   . ALA A 1 99  ? -3.239  8.150   2.003   1.00 13.40 ? 417  ALA A C   1 
ATOM   744  O O   . ALA A 1 99  ? -3.893  7.094   2.005   1.00 9.98  ? 417  ALA A O   1 
ATOM   745  C CB  . ALA A 1 99  ? -0.798  8.249   2.567   1.00 14.70 ? 417  ALA A CB  1 
ATOM   746  N N   . ASN A 1 100 ? -3.739  9.292   2.459   1.00 12.24 ? 418  ASN A N   1 
ATOM   747  C CA  . ASN A 1 100 ? -5.064  9.308   3.066   1.00 13.25 ? 418  ASN A CA  1 
ATOM   748  C C   . ASN A 1 100 ? -6.124  8.910   2.043   1.00 12.10 ? 418  ASN A C   1 
ATOM   749  O O   . ASN A 1 100 ? -6.998  8.080   2.316   1.00 15.51 ? 418  ASN A O   1 
ATOM   750  C CB  . ASN A 1 100 ? -5.364  10.670  3.703   1.00 15.06 ? 418  ASN A CB  1 
ATOM   751  C CG  . ASN A 1 100 ? -4.706  10.838  5.052   1.00 16.58 ? 418  ASN A CG  1 
ATOM   752  O OD1 . ASN A 1 100 ? -4.325  9.862   5.680   1.00 16.61 ? 418  ASN A OD1 1 
ATOM   753  N ND2 . ASN A 1 100 ? -4.564  12.083  5.502   1.00 18.84 ? 418  ASN A ND2 1 
ATOM   754  N N   . ARG A 1 101 ? -6.026  9.477   0.842   1.00 14.03 ? 419  ARG A N   1 
ATOM   755  C CA  . ARG A 1 101 ? -6.971  9.183   -0.208  1.00 13.06 ? 419  ARG A CA  1 
ATOM   756  C C   . ARG A 1 101 ? -6.935  7.709   -0.620  1.00 14.83 ? 419  ARG A C   1 
ATOM   757  O O   . ARG A 1 101 ? -7.988  7.083   -0.764  1.00 12.70 ? 419  ARG A O   1 
ATOM   758  C CB  . ARG A 1 101 ? -6.719  10.080  -1.435  1.00 15.93 ? 419  ARG A CB  1 
ATOM   759  C CG  . ARG A 1 101 ? -7.729  9.927   -2.507  1.00 21.49 ? 419  ARG A CG  1 
ATOM   760  C CD  . ARG A 1 101 ? -9.174  9.994   -2.005  1.00 28.52 ? 419  ARG A CD  1 
ATOM   761  N NE  . ARG A 1 101 ? -9.655  11.355  -1.818  1.00 32.64 ? 419  ARG A NE  1 
ATOM   762  C CZ  . ARG A 1 101 ? -10.840 11.656  -1.312  1.00 32.04 ? 419  ARG A CZ  1 
ATOM   763  N NH1 . ARG A 1 101 ? -11.667 10.691  -0.948  1.00 28.67 ? 419  ARG A NH1 1 
ATOM   764  N NH2 . ARG A 1 101 ? -11.203 12.920  -1.193  1.00 33.35 ? 419  ARG A NH2 1 
ATOM   765  N N   . LEU A 1 102 ? -5.734  7.171   -0.840  1.00 13.08 ? 420  LEU A N   1 
ATOM   766  C CA  . LEU A 1 102 ? -5.618  5.784   -1.254  1.00 14.01 ? 420  LEU A CA  1 
ATOM   767  C C   . LEU A 1 102 ? -6.112  4.844   -0.141  1.00 14.22 ? 420  LEU A C   1 
ATOM   768  O O   . LEU A 1 102 ? -6.739  3.814   -0.413  1.00 11.25 ? 420  LEU A O   1 
ATOM   769  C CB  . LEU A 1 102 ? -4.171  5.428   -1.620  1.00 12.00 ? 420  LEU A CB  1 
ATOM   770  C CG  . LEU A 1 102 ? -4.036  4.138   -2.444  1.00 13.20 ? 420  LEU A CG  1 
ATOM   771  C CD1 . LEU A 1 102 ? -4.873  4.232   -3.720  1.00 11.59 ? 420  LEU A CD1 1 
ATOM   772  C CD2 . LEU A 1 102 ? -2.592  3.899   -2.767  1.00 14.51 ? 420  LEU A CD2 1 
ATOM   773  N N   . GLU A 1 103 ? -5.865  5.216   1.102   1.00 11.21 ? 421  GLU A N   1 
ATOM   774  C CA  . GLU A 1 103 ? -6.351  4.365   2.192   1.00 15.26 ? 421  GLU A CA  1 
ATOM   775  C C   . GLU A 1 103 ? -7.891  4.335   2.277   1.00 14.59 ? 421  GLU A C   1 
ATOM   776  O O   . GLU A 1 103 ? -8.504  3.275   2.471   1.00 11.82 ? 421  GLU A O   1 
ATOM   777  C CB  . GLU A 1 103 ? -5.770  4.760   3.536   1.00 14.45 ? 421  GLU A CB  1 
ATOM   778  C CG  . GLU A 1 103 ? -6.163  3.754   4.608   1.00 13.81 ? 421  GLU A CG  1 
ATOM   779  C CD  . GLU A 1 103 ? -5.314  3.796   5.884   1.00 14.93 ? 421  GLU A CD  1 
ATOM   780  O OE1 . GLU A 1 103 ? -4.561  4.745   6.103   1.00 13.53 ? 421  GLU A OE1 1 
ATOM   781  O OE2 . GLU A 1 103 ? -5.394  2.829   6.684   1.00 15.85 ? 421  GLU A OE2 1 
ATOM   782  N N   . LYS A 1 104 ? -8.507  5.507   2.173   1.00 15.37 ? 422  LYS A N   1 
ATOM   783  C CA  . LYS A 1 104 ? -9.960  5.592   2.205   1.00 15.16 ? 422  LYS A CA  1 
ATOM   784  C C   . LYS A 1 104 ? -10.499 4.681   1.104   1.00 13.33 ? 422  LYS A C   1 
ATOM   785  O O   . LYS A 1 104 ? -11.422 3.923   1.306   1.00 14.69 ? 422  LYS A O   1 
ATOM   786  C CB  . LYS A 1 104 ? -10.426 7.046   2.008   1.00 17.34 ? 422  LYS A CB  1 
ATOM   787  C CG  . LYS A 1 104 ? -11.977 7.235   2.044   1.00 19.86 ? 422  LYS A CG  1 
ATOM   788  C CD  . LYS A 1 104 ? -12.437 8.713   2.188   1.00 21.28 ? 422  LYS A CD  1 
ATOM   789  C CE  . LYS A 1 104 ? -13.995 8.793   2.265   1.00 25.48 ? 422  LYS A CE  1 
ATOM   790  N NZ  . LYS A 1 104 ? -14.564 10.188  2.340   1.00 26.98 ? 422  LYS A NZ  1 
ATOM   791  N N   . PHE A 1 105 ? -9.912  4.764   -0.081  1.00 13.64 ? 423  PHE A N   1 
ATOM   792  C CA  . PHE A 1 105 ? -10.359 3.946   -1.195  1.00 11.36 ? 423  PHE A CA  1 
ATOM   793  C C   . PHE A 1 105 ? -10.210 2.456   -0.892  1.00 13.87 ? 423  PHE A C   1 
ATOM   794  O O   . PHE A 1 105 ? -11.144 1.657   -1.090  1.00 13.44 ? 423  PHE A O   1 
ATOM   795  C CB  . PHE A 1 105 ? -9.598  4.337   -2.449  1.00 14.30 ? 423  PHE A CB  1 
ATOM   796  C CG  . PHE A 1 105 ? -9.855  3.448   -3.606  1.00 13.19 ? 423  PHE A CG  1 
ATOM   797  C CD1 . PHE A 1 105 ? -11.050 3.508   -4.307  1.00 15.72 ? 423  PHE A CD1 1 
ATOM   798  C CD2 . PHE A 1 105 ? -8.893  2.515   -3.980  1.00 17.28 ? 423  PHE A CD2 1 
ATOM   799  C CE1 . PHE A 1 105 ? -11.277 2.667   -5.372  1.00 15.80 ? 423  PHE A CE1 1 
ATOM   800  C CE2 . PHE A 1 105 ? -9.101  1.686   -5.043  1.00 17.26 ? 423  PHE A CE2 1 
ATOM   801  C CZ  . PHE A 1 105 ? -10.301 1.751   -5.748  1.00 19.13 ? 423  PHE A CZ  1 
ATOM   802  N N   . PHE A 1 106 ? -9.024  2.098   -0.409  1.00 14.32 ? 424  PHE A N   1 
ATOM   803  C CA  . PHE A 1 106 ? -8.712  0.730   -0.033  1.00 13.82 ? 424  PHE A CA  1 
ATOM   804  C C   . PHE A 1 106 ? -9.728  0.203   0.996   1.00 14.44 ? 424  PHE A C   1 
ATOM   805  O O   . PHE A 1 106 ? -10.265 -0.878  0.833   1.00 12.77 ? 424  PHE A O   1 
ATOM   806  C CB  . PHE A 1 106 ? -7.314  0.664   0.572   1.00 11.67 ? 424  PHE A CB  1 
ATOM   807  C CG  . PHE A 1 106 ? -6.922  -0.717  1.025   1.00 12.49 ? 424  PHE A CG  1 
ATOM   808  C CD1 . PHE A 1 106 ? -6.562  -1.689  0.106   1.00 15.19 ? 424  PHE A CD1 1 
ATOM   809  C CD2 . PHE A 1 106 ? -6.940  -1.047  2.367   1.00 14.74 ? 424  PHE A CD2 1 
ATOM   810  C CE1 . PHE A 1 106 ? -6.209  -2.940  0.513   1.00 13.39 ? 424  PHE A CE1 1 
ATOM   811  C CE2 . PHE A 1 106 ? -6.588  -2.309  2.771   1.00 10.87 ? 424  PHE A CE2 1 
ATOM   812  C CZ  . PHE A 1 106 ? -6.223  -3.243  1.860   1.00 9.81  ? 424  PHE A CZ  1 
ATOM   813  N N   . ASN A 1 107 ? -9.975  0.976   2.046   1.00 14.03 ? 425  ASN A N   1 
ATOM   814  C CA  . ASN A 1 107 ? -10.904 0.540   3.089   1.00 16.36 ? 425  ASN A CA  1 
ATOM   815  C C   . ASN A 1 107 ? -12.286 0.223   2.511   1.00 18.28 ? 425  ASN A C   1 
ATOM   816  O O   . ASN A 1 107 ? -12.889 -0.796  2.849   1.00 17.16 ? 425  ASN A O   1 
ATOM   817  C CB  . ASN A 1 107 ? -11.014 1.571   4.186   1.00 16.01 ? 425  ASN A CB  1 
ATOM   818  C CG  . ASN A 1 107 ? -9.798  1.588   5.087   1.00 17.84 ? 425  ASN A CG  1 
ATOM   819  O OD1 . ASN A 1 107 ? -9.043  0.625   5.141   1.00 13.50 ? 425  ASN A OD1 1 
ATOM   820  N ND2 . ASN A 1 107 ? -9.614  2.685   5.810   1.00 18.10 ? 425  ASN A ND2 1 
ATOM   821  N N   . ASN A 1 108 ? -12.781 1.112   1.652   1.00 16.45 ? 426  ASN A N   1 
ATOM   822  C CA  . ASN A 1 108 ? -14.072 0.904   0.994   1.00 19.88 ? 426  ASN A CA  1 
ATOM   823  C C   . ASN A 1 108 ? -14.088 -0.351  0.128   1.00 17.08 ? 426  ASN A C   1 
ATOM   824  O O   . ASN A 1 108 ? -15.022 -1.146  0.199   1.00 19.57 ? 426  ASN A O   1 
ATOM   825  C CB  . ASN A 1 108 ? -14.454 2.122   0.141   1.00 23.81 ? 426  ASN A CB  1 
ATOM   826  C CG  . ASN A 1 108 ? -14.984 3.282   0.972   1.00 30.57 ? 426  ASN A CG  1 
ATOM   827  O OD1 . ASN A 1 108 ? -15.517 3.086   2.065   1.00 32.75 ? 426  ASN A OD1 1 
ATOM   828  N ND2 . ASN A 1 108 ? -14.841 4.504   0.451   1.00 29.88 ? 426  ASN A ND2 1 
ATOM   829  N N   . LYS A 1 109 ? -13.054 -0.536  -0.688  1.00 17.68 ? 427  LYS A N   1 
ATOM   830  C CA  . LYS A 1 109 ? -12.976 -1.688  -1.583  1.00 17.54 ? 427  LYS A CA  1 
ATOM   831  C C   . LYS A 1 109 ? -12.969 -3.021  -0.814  1.00 19.71 ? 427  LYS A C   1 
ATOM   832  O O   . LYS A 1 109 ? -13.551 -4.003  -1.253  1.00 20.92 ? 427  LYS A O   1 
ATOM   833  C CB  . LYS A 1 109 ? -11.732 -1.611  -2.479  1.00 22.19 ? 427  LYS A CB  1 
ATOM   834  C CG  . LYS A 1 109 ? -11.834 -0.606  -3.640  1.00 28.86 ? 427  LYS A CG  1 
ATOM   835  C CD  . LYS A 1 109 ? -12.902 -1.032  -4.647  1.00 32.93 ? 427  LYS A CD  1 
ATOM   836  C CE  . LYS A 1 109 ? -12.851 -0.250  -5.953  1.00 39.02 ? 427  LYS A CE  1 
ATOM   837  N NZ  . LYS A 1 109 ? -14.222 0.170   -6.420  1.00 40.76 ? 427  LYS A NZ  1 
ATOM   838  N N   . VAL A 1 110 ? -12.274 -3.077  0.307   1.00 15.39 ? 428  VAL A N   1 
ATOM   839  C CA  . VAL A 1 110 ? -12.235 -4.323  1.074   1.00 16.79 ? 428  VAL A CA  1 
ATOM   840  C C   . VAL A 1 110 ? -13.517 -4.482  1.891   1.00 20.71 ? 428  VAL A C   1 
ATOM   841  O O   . VAL A 1 110 ? -14.098 -5.553  1.936   1.00 21.87 ? 428  VAL A O   1 
ATOM   842  C CB  . VAL A 1 110 ? -11.047 -4.353  2.030   1.00 17.05 ? 428  VAL A CB  1 
ATOM   843  C CG1 . VAL A 1 110 ? -11.036 -5.602  2.828   1.00 18.40 ? 428  VAL A CG1 1 
ATOM   844  C CG2 . VAL A 1 110 ? -9.740  -4.250  1.236   1.00 16.58 ? 428  VAL A CG2 1 
ATOM   845  N N   . LYS A 1 111 ? -13.957 -3.412  2.534   1.00 21.02 ? 429  LYS A N   1 
ATOM   846  C CA  . LYS A 1 111 ? -15.122 -3.500  3.409   1.00 24.25 ? 429  LYS A CA  1 
ATOM   847  C C   . LYS A 1 111 ? -16.380 -3.923  2.662   1.00 28.55 ? 429  LYS A C   1 
ATOM   848  O O   . LYS A 1 111 ? -17.266 -4.548  3.252   1.00 29.21 ? 429  LYS A O   1 
ATOM   849  C CB  . LYS A 1 111 ? -15.360 -2.201  4.173   1.00 25.06 ? 429  LYS A CB  1 
ATOM   850  C CG  . LYS A 1 111 ? -15.867 -2.484  5.563   1.00 30.61 ? 429  LYS A CG  1 
ATOM   851  C CD  . LYS A 1 111 ? -16.169 -1.269  6.383   1.00 32.65 ? 429  LYS A CD  1 
ATOM   852  C CE  . LYS A 1 111 ? -17.014 -1.682  7.606   1.00 37.79 ? 429  LYS A CE  1 
ATOM   853  N NZ  . LYS A 1 111 ? -16.340 -2.719  8.476   1.00 35.46 ? 429  LYS A NZ  1 
ATOM   854  N N   . GLU A 1 112 ? -16.435 -3.637  1.362   1.00 30.33 ? 430  GLU A N   1 
ATOM   855  C CA  . GLU A 1 112 ? -17.620 -3.942  0.556   1.00 32.24 ? 430  GLU A CA  1 
ATOM   856  C C   . GLU A 1 112 ? -17.720 -5.416  0.155   1.00 30.56 ? 430  GLU A C   1 
ATOM   857  O O   . GLU A 1 112 ? -18.706 -5.833  -0.443  1.00 32.72 ? 430  GLU A O   1 
ATOM   858  C CB  . GLU A 1 112 ? -17.712 -3.004  -0.670  1.00 32.52 ? 430  GLU A CB  1 
ATOM   859  C CG  . GLU A 1 112 ? -16.689 -3.245  -1.771  1.00 35.37 ? 430  GLU A CG  1 
ATOM   860  C CD  . GLU A 1 112 ? -16.813 -2.251  -2.931  1.00 39.53 ? 430  GLU A CD  1 
ATOM   861  O OE1 . GLU A 1 112 ? -17.491 -1.214  -2.782  1.00 39.58 ? 430  GLU A OE1 1 
ATOM   862  O OE2 . GLU A 1 112 ? -16.216 -2.504  -3.992  1.00 41.69 ? 430  GLU A OE2 1 
ATOM   863  N N   . ILE A 1 113 ? -16.692 -6.199  0.469   1.00 26.29 ? 431  ILE A N   1 
ATOM   864  C CA  . ILE A 1 113 ? -16.734 -7.638  0.254   1.00 24.51 ? 431  ILE A CA  1 
ATOM   865  C C   . ILE A 1 113 ? -17.085 -8.214  1.620   1.00 24.24 ? 431  ILE A C   1 
ATOM   866  O O   . ILE A 1 113 ? -16.273 -8.155  2.543   1.00 20.63 ? 431  ILE A O   1 
ATOM   867  C CB  . ILE A 1 113 ? -15.382 -8.137  -0.235  1.00 26.13 ? 431  ILE A CB  1 
ATOM   868  C CG1 . ILE A 1 113 ? -15.035 -7.472  -1.569  1.00 28.50 ? 431  ILE A CG1 1 
ATOM   869  C CG2 . ILE A 1 113 ? -15.362 -9.664  -0.342  1.00 24.70 ? 431  ILE A CG2 1 
ATOM   870  C CD1 . ILE A 1 113 ? -13.566 -7.383  -1.805  1.00 30.54 ? 431  ILE A CD1 1 
ATOM   871  N N   . PRO A 1 114 ? -18.292 -8.750  1.764   1.00 20.21 ? 432  PRO A N   1 
ATOM   872  C CA  . PRO A 1 114 ? -18.760 -9.211  3.075   1.00 18.95 ? 432  PRO A CA  1 
ATOM   873  C C   . PRO A 1 114 ? -17.773 -10.128 3.813   1.00 15.50 ? 432  PRO A C   1 
ATOM   874  O O   . PRO A 1 114 ? -17.626 -9.959  5.015   1.00 18.62 ? 432  PRO A O   1 
ATOM   875  C CB  . PRO A 1 114 ? -20.069 -9.951  2.743   1.00 22.07 ? 432  PRO A CB  1 
ATOM   876  C CG  . PRO A 1 114 ? -20.538 -9.354  1.479   1.00 24.08 ? 432  PRO A CG  1 
ATOM   877  C CD  . PRO A 1 114 ? -19.316 -8.910  0.717   1.00 22.62 ? 432  PRO A CD  1 
ATOM   878  N N   . GLU A 1 115 ? -17.097 -11.039 3.125   1.00 15.12 ? 433  GLU A N   1 
ATOM   879  C CA  . GLU A 1 115 ? -16.170 -11.961 3.765   1.00 19.41 ? 433  GLU A CA  1 
ATOM   880  C C   . GLU A 1 115 ? -15.009 -11.269 4.486   1.00 18.37 ? 433  GLU A C   1 
ATOM   881  O O   . GLU A 1 115 ? -14.405 -11.858 5.384   1.00 15.91 ? 433  GLU A O   1 
ATOM   882  C CB  . GLU A 1 115 ? -15.571 -12.926 2.740   1.00 24.02 ? 433  GLU A CB  1 
ATOM   883  C CG  . GLU A 1 115 ? -16.513 -14.020 2.302   1.00 33.45 ? 433  GLU A CG  1 
ATOM   884  C CD  . GLU A 1 115 ? -17.463 -13.579 1.211   1.00 38.23 ? 433  GLU A CD  1 
ATOM   885  O OE1 . GLU A 1 115 ? -17.222 -12.496 0.604   1.00 36.52 ? 433  GLU A OE1 1 
ATOM   886  O OE2 . GLU A 1 115 ? -18.455 -14.325 0.974   1.00 40.11 ? 433  GLU A OE2 1 
ATOM   887  N N   . TYR A 1 116 ? -14.672 -10.048 4.073   1.00 13.15 ? 434  TYR A N   1 
ATOM   888  C CA  . TYR A 1 116 ? -13.511 -9.346  4.624   1.00 15.66 ? 434  TYR A CA  1 
ATOM   889  C C   . TYR A 1 116 ? -13.893 -8.093  5.410   1.00 18.56 ? 434  TYR A C   1 
ATOM   890  O O   . TYR A 1 116 ? -13.020 -7.380  5.892   1.00 19.06 ? 434  TYR A O   1 
ATOM   891  C CB  . TYR A 1 116 ? -12.507 -8.995  3.502   1.00 18.02 ? 434  TYR A CB  1 
ATOM   892  C CG  . TYR A 1 116 ? -12.076 -10.163 2.661   1.00 16.26 ? 434  TYR A CG  1 
ATOM   893  C CD1 . TYR A 1 116 ? -11.485 -11.272 3.229   1.00 18.83 ? 434  TYR A CD1 1 
ATOM   894  C CD2 . TYR A 1 116 ? -12.265 -10.158 1.286   1.00 20.48 ? 434  TYR A CD2 1 
ATOM   895  C CE1 . TYR A 1 116 ? -11.096 -12.347 2.461   1.00 19.08 ? 434  TYR A CE1 1 
ATOM   896  C CE2 . TYR A 1 116 ? -11.886 -11.228 0.518   1.00 21.20 ? 434  TYR A CE2 1 
ATOM   897  C CZ  . TYR A 1 116 ? -11.301 -12.320 1.111   1.00 23.34 ? 434  TYR A CZ  1 
ATOM   898  O OH  . TYR A 1 116 ? -10.919 -13.378 0.331   1.00 30.43 ? 434  TYR A OH  1 
ATOM   899  N N   . SER A 1 117 ? -15.190 -7.842  5.589   1.00 20.69 ? 435  SER A N   1 
ATOM   900  C CA  . SER A 1 117 ? -15.632 -6.637  6.280   1.00 23.01 ? 435  SER A CA  1 
ATOM   901  C C   . SER A 1 117 ? -15.134 -6.577  7.719   1.00 22.60 ? 435  SER A C   1 
ATOM   902  O O   . SER A 1 117 ? -14.894 -5.487  8.232   1.00 27.91 ? 435  SER A O   1 
ATOM   903  C CB  . SER A 1 117 ? -17.155 -6.504  6.257   1.00 27.71 ? 435  SER A CB  1 
ATOM   904  O OG  . SER A 1 117 ? -17.777 -7.685  6.736   1.00 33.03 ? 435  SER A OG  1 
ATOM   905  N N   . HIS A 1 118 ? -14.954 -7.737  8.354   1.00 22.32 ? 436  HIS A N   1 
ATOM   906  C CA  . HIS A 1 118 ? -14.463 -7.821  9.736   1.00 20.23 ? 436  HIS A CA  1 
ATOM   907  C C   . HIS A 1 118 ? -13.019 -7.310  9.908   1.00 21.74 ? 436  HIS A C   1 
ATOM   908  O O   . HIS A 1 118 ? -12.578 -7.053  11.035  1.00 21.86 ? 436  HIS A O   1 
ATOM   909  C CB  . HIS A 1 118 ? -14.574 -9.271  10.261  1.00 19.95 ? 436  HIS A CB  1 
ATOM   910  C CG  . HIS A 1 118 ? -13.633 -10.249 9.615   1.00 16.65 ? 436  HIS A CG  1 
ATOM   911  N ND1 . HIS A 1 118 ? -13.875 -10.811 8.377   1.00 16.17 ? 436  HIS A ND1 1 
ATOM   912  C CD2 . HIS A 1 118 ? -12.547 -10.893 10.102  1.00 17.01 ? 436  HIS A CD2 1 
ATOM   913  C CE1 . HIS A 1 118 ? -12.965 -11.735 8.128   1.00 19.37 ? 436  HIS A CE1 1 
ATOM   914  N NE2 . HIS A 1 118 ? -12.074 -11.706 9.101   1.00 19.19 ? 436  HIS A NE2 1 
ATOM   915  N N   . LEU A 1 119 ? -12.303 -7.159  8.795   1.00 19.69 ? 437  LEU A N   1 
ATOM   916  C CA  . LEU A 1 119 ? -10.892 -6.751  8.813   1.00 19.66 ? 437  LEU A CA  1 
ATOM   917  C C   . LEU A 1 119 ? -10.657 -5.250  8.637   1.00 21.25 ? 437  LEU A C   1 
ATOM   918  O O   . LEU A 1 119 ? -9.500  -4.801  8.678   1.00 20.93 ? 437  LEU A O   1 
ATOM   919  C CB  . LEU A 1 119 ? -10.126 -7.511  7.735   1.00 16.97 ? 437  LEU A CB  1 
ATOM   920  C CG  . LEU A 1 119 ? -10.175 -9.035  7.841   1.00 18.15 ? 437  LEU A CG  1 
ATOM   921  C CD1 . LEU A 1 119 ? -9.512  -9.653  6.653   1.00 18.51 ? 437  LEU A CD1 1 
ATOM   922  C CD2 . LEU A 1 119 ? -9.545  -9.513  9.145   1.00 17.62 ? 437  LEU A CD2 1 
ATOM   923  N N   . ILE A 1 120 ? -11.740 -4.487  8.463   1.00 21.46 ? 438  ILE A N   1 
ATOM   924  C CA  . ILE A 1 120 ? -11.656 -3.047  8.245   1.00 22.47 ? 438  ILE A CA  1 
ATOM   925  C C   . ILE A 1 120 ? -12.555 -2.325  9.255   1.00 25.20 ? 438  ILE A C   1 
ATOM   926  O O   . ILE A 1 120 ? -13.729 -2.663  9.410   1.00 24.94 ? 438  ILE A O   1 
ATOM   927  C CB  . ILE A 1 120 ? -12.101 -2.686  6.790   1.00 21.54 ? 438  ILE A CB  1 
ATOM   928  C CG1 . ILE A 1 120 ? -11.247 -3.404  5.743   1.00 18.91 ? 438  ILE A CG1 1 
ATOM   929  C CG2 . ILE A 1 120 ? -12.104 -1.169  6.572   1.00 21.64 ? 438  ILE A CG2 1 
ATOM   930  C CD1 . ILE A 1 120 ? -9.765  -3.018  5.693   1.00 20.33 ? 438  ILE A CD1 1 
ATOM   931  N N   . ASP A 1 121 ? -12.000 -1.328  9.937   1.00 27.46 ? 439  ASP A N   1 
ATOM   932  N N   . ALA B 2 1   ? 10.194  17.467  -4.189  1.00 26.06 ? 15   ALA P N   1 
ATOM   933  C CA  . ALA B 2 1   ? 10.993  16.355  -3.696  1.00 27.10 ? 15   ALA P CA  1 
ATOM   934  C C   . ALA B 2 1   ? 10.374  15.810  -2.415  1.00 24.06 ? 15   ALA P C   1 
ATOM   935  O O   . ALA B 2 1   ? 9.709   16.539  -1.686  1.00 24.60 ? 15   ALA P O   1 
ATOM   936  C CB  . ALA B 2 1   ? 12.403  16.804  -3.422  1.00 26.40 ? 15   ALA P CB  1 
HETATM 937  O OH  . ALY B 2 2   ? 6.669   8.309   0.875   1.00 14.99 ? 16   ALY P OH  1 
HETATM 938  C CH  . ALY B 2 2   ? 6.706   8.031   -0.402  1.00 18.85 ? 16   ALY P CH  1 
HETATM 939  C CH3 . ALY B 2 2   ? 6.214   6.711   -0.938  1.00 18.26 ? 16   ALY P CH3 1 
HETATM 940  N NZ  . ALY B 2 2   ? 7.200   8.957   -1.351  1.00 16.85 ? 16   ALY P NZ  1 
HETATM 941  C CE  . ALY B 2 2   ? 7.647   10.220  -0.710  1.00 21.01 ? 16   ALY P CE  1 
HETATM 942  C CD  . ALY B 2 2   ? 9.151   10.203  -0.436  1.00 19.88 ? 16   ALY P CD  1 
HETATM 943  C CG  . ALY B 2 2   ? 9.656   11.576  -0.007  1.00 20.21 ? 16   ALY P CG  1 
HETATM 944  C CB  . ALY B 2 2   ? 9.943   12.429  -1.232  1.00 21.57 ? 16   ALY P CB  1 
HETATM 945  C CA  . ALY B 2 2   ? 10.177  13.903  -0.922  1.00 19.31 ? 16   ALY P CA  1 
HETATM 946  N N   . ALY B 2 2   ? 10.603  14.535  -2.151  1.00 21.28 ? 16   ALY P N   1 
HETATM 947  C C   . ALY B 2 2   ? 11.267  14.024  0.099   1.00 17.50 ? 16   ALY P C   1 
HETATM 948  O O   . ALY B 2 2   ? 12.485  13.702  -0.245  1.00 18.88 ? 16   ALY P O   1 
ATOM   949  N N   . ARG B 2 3   ? 10.973  14.422  1.326   1.00 20.58 ? 17   ARG P N   1 
ATOM   950  C CA  . ARG B 2 3   ? 12.030  14.525  2.333   1.00 24.60 ? 17   ARG P CA  1 
ATOM   951  C C   . ARG B 2 3   ? 11.411  14.343  3.715   1.00 24.08 ? 17   ARG P C   1 
ATOM   952  O O   . ARG B 2 3   ? 10.226  14.629  3.908   1.00 23.55 ? 17   ARG P O   1 
ATOM   953  C CB  . ARG B 2 3   ? 12.753  15.880  2.219   1.00 28.72 ? 17   ARG P CB  1 
ATOM   954  C CG  . ARG B 2 3   ? 11.884  17.075  2.615   1.00 38.06 ? 17   ARG P CG  1 
ATOM   955  C CD  . ARG B 2 3   ? 12.597  18.440  2.562   1.00 45.14 ? 17   ARG P CD  1 
ATOM   956  N NE  . ARG B 2 3   ? 11.752  19.515  3.091   1.00 50.65 ? 17   ARG P NE  1 
ATOM   957  C CZ  . ARG B 2 3   ? 12.048  20.814  3.032   1.00 55.71 ? 17   ARG P CZ  1 
ATOM   958  N NH1 . ARG B 2 3   ? 13.173  21.227  2.461   1.00 55.48 ? 17   ARG P NH1 1 
ATOM   959  N NH2 . ARG B 2 3   ? 11.210  21.709  3.546   1.00 56.93 ? 17   ARG P NH2 1 
ATOM   960  N N   . HIS B 2 4   ? 12.192  13.802  4.645   1.00 23.37 ? 18   HIS P N   1 
ATOM   961  C CA  . HIS B 2 4   ? 11.729  13.580  6.023   1.00 24.53 ? 18   HIS P CA  1 
ATOM   962  C C   . HIS B 2 4   ? 11.129  14.825  6.681   1.00 23.58 ? 18   HIS P C   1 
ATOM   963  O O   . HIS B 2 4   ? 11.698  15.912  6.639   1.00 22.39 ? 18   HIS P O   1 
ATOM   964  C CB  . HIS B 2 4   ? 12.869  13.069  6.892   1.00 25.97 ? 18   HIS P CB  1 
ATOM   965  C CG  . HIS B 2 4   ? 12.409  12.329  8.107   1.00 32.91 ? 18   HIS P CG  1 
ATOM   966  N ND1 . HIS B 2 4   ? 12.955  12.529  9.359   1.00 39.11 ? 18   HIS P ND1 1 
ATOM   967  C CD2 . HIS B 2 4   ? 11.429  11.409  8.269   1.00 35.95 ? 18   HIS P CD2 1 
ATOM   968  C CE1 . HIS B 2 4   ? 12.317  11.777  10.240  1.00 37.43 ? 18   HIS P CE1 1 
ATOM   969  N NE2 . HIS B 2 4   ? 11.428  11.044  9.594   1.00 36.43 ? 18   HIS P NE2 1 
ATOM   970  N N   . ARG B 2 5   ? 9.978   14.634  7.297   1.00 22.27 ? 19   ARG P N   1 
ATOM   971  C CA  . ARG B 2 5   ? 9.249   15.677  7.995   1.00 23.81 ? 19   ARG P CA  1 
ATOM   972  C C   . ARG B 2 5   ? 10.035  16.181  9.201   1.00 25.98 ? 19   ARG P C   1 
ATOM   973  O O   . ARG B 2 5   ? 10.904  15.493  9.714   1.00 24.63 ? 19   ARG P O   1 
ATOM   974  C CB  . ARG B 2 5   ? 7.961   15.085  8.520   1.00 26.09 ? 19   ARG P CB  1 
ATOM   975  C CG  . ARG B 2 5   ? 8.227   14.011  9.581   1.00 30.47 ? 19   ARG P CG  1 
ATOM   976  C CD  . ARG B 2 5   ? 7.047   13.140  9.872   1.00 34.21 ? 19   ARG P CD  1 
ATOM   977  N NE  . ARG B 2 5   ? 6.000   13.872  10.579  1.00 38.06 ? 19   ARG P NE  1 
ATOM   978  C CZ  . ARG B 2 5   ? 4.709   13.606  10.486  1.00 36.74 ? 19   ARG P CZ  1 
ATOM   979  N NH1 . ARG B 2 5   ? 4.289   12.627  9.724   1.00 32.59 ? 19   ARG P NH1 1 
ATOM   980  N NH2 . ARG B 2 5   ? 3.829   14.323  11.172  1.00 43.94 ? 19   ARG P NH2 1 
ATOM   981  N N   . LYS B 2 6   ? 9.697   17.377  9.663   1.00 29.37 ? 20   LYS P N   1 
HETATM 982  O O   . HOH C 3 .   ? -6.132  -7.739  9.091   1.00 23.86 ? 2001 HOH A O   1 
HETATM 983  O O   . HOH C 3 .   ? -16.745 10.016  -0.832  1.00 44.49 ? 2002 HOH A O   1 
HETATM 984  O O   . HOH C 3 .   ? -14.181 -11.841 -2.896  1.00 37.62 ? 2003 HOH A O   1 
HETATM 985  O O   . HOH C 3 .   ? 2.306   -0.433  -11.629 1.00 33.18 ? 2004 HOH A O   1 
HETATM 986  O O   . HOH C 3 .   ? -2.217  0.236   -13.842 1.00 41.94 ? 2005 HOH A O   1 
HETATM 987  O O   . HOH C 3 .   ? -0.182  6.151   -12.391 1.00 33.45 ? 2006 HOH A O   1 
HETATM 988  O O   . HOH C 3 .   ? -12.333 7.004   -1.815  1.00 12.76 ? 2007 HOH A O   1 
HETATM 989  O O   . HOH C 3 .   ? -9.685  -16.670 -5.653  1.00 29.57 ? 2008 HOH A O   1 
HETATM 990  O O   . HOH C 3 .   ? -14.982 8.164   -0.791  1.00 38.87 ? 2009 HOH A O   1 
HETATM 991  O O   . HOH C 3 .   ? -12.765 -13.669 -5.429  1.00 43.68 ? 2010 HOH A O   1 
HETATM 992  O O   . HOH C 3 .   ? -10.755 -14.578 -4.244  1.00 26.23 ? 2011 HOH A O   1 
HETATM 993  O O   . HOH C 3 .   ? -8.781  2.687   -9.492  1.00 22.86 ? 2012 HOH A O   1 
HETATM 994  O O   . HOH C 3 .   ? -0.315  1.551   -12.514 1.00 32.11 ? 2013 HOH A O   1 
HETATM 995  O O   . HOH C 3 .   ? 2.849   -1.545  -9.192  1.00 17.12 ? 2014 HOH A O   1 
HETATM 996  O O   . HOH C 3 .   ? -1.435  -6.300  -10.406 1.00 26.47 ? 2015 HOH A O   1 
HETATM 997  O O   . HOH C 3 .   ? -4.516  1.067   -13.995 1.00 36.81 ? 2016 HOH A O   1 
HETATM 998  O O   . HOH C 3 .   ? -11.442 7.248   -4.572  1.00 16.04 ? 2017 HOH A O   1 
HETATM 999  O O   . HOH C 3 .   ? -3.741  12.203  -8.115  1.00 40.60 ? 2018 HOH A O   1 
HETATM 1000 O O   . HOH C 3 .   ? -1.851  7.821   -9.809  1.00 20.88 ? 2019 HOH A O   1 
HETATM 1001 O O   . HOH C 3 .   ? 4.934   6.673   -10.195 1.00 24.19 ? 2020 HOH A O   1 
HETATM 1002 O O   . HOH C 3 .   ? 6.487   5.097   -7.260  1.00 19.80 ? 2021 HOH A O   1 
HETATM 1003 O O   . HOH C 3 .   ? 6.807   4.028   -3.000  1.00 10.20 ? 2022 HOH A O   1 
HETATM 1004 O O   . HOH C 3 .   ? 8.980   5.189   -6.174  1.00 23.96 ? 2023 HOH A O   1 
HETATM 1005 O O   . HOH C 3 .   ? 12.294  2.634   -7.260  1.00 21.21 ? 2024 HOH A O   1 
HETATM 1006 O O   . HOH C 3 .   ? 10.037  1.676   -0.759  1.00 14.76 ? 2025 HOH A O   1 
HETATM 1007 O O   . HOH C 3 .   ? 11.328  7.440   -5.325  1.00 25.00 ? 2026 HOH A O   1 
HETATM 1008 O O   . HOH C 3 .   ? 14.813  2.518   -7.153  1.00 33.06 ? 2027 HOH A O   1 
HETATM 1009 O O   . HOH C 3 .   ? 18.044  5.354   2.863   1.00 20.26 ? 2028 HOH A O   1 
HETATM 1010 O O   . HOH C 3 .   ? 15.073  13.892  4.443   1.00 29.51 ? 2029 HOH A O   1 
HETATM 1011 O O   . HOH C 3 .   ? 16.337  12.512  1.882   1.00 34.24 ? 2030 HOH A O   1 
HETATM 1012 O O   . HOH C 3 .   ? 17.825  12.499  7.429   1.00 38.38 ? 2031 HOH A O   1 
HETATM 1013 O O   . HOH C 3 .   ? 6.555   6.051   2.426   1.00 10.45 ? 2032 HOH A O   1 
HETATM 1014 O O   . HOH C 3 .   ? 8.126   1.951   1.749   1.00 27.77 ? 2033 HOH A O   1 
HETATM 1015 O O   . HOH C 3 .   ? 22.029  7.011   8.550   1.00 48.13 ? 2034 HOH A O   1 
HETATM 1016 O O   . HOH C 3 .   ? 19.328  9.333   8.574   1.00 37.89 ? 2035 HOH A O   1 
HETATM 1017 O O   . HOH C 3 .   ? 14.806  4.896   13.110  1.00 34.43 ? 2036 HOH A O   1 
HETATM 1018 O O   . HOH C 3 .   ? 12.378  4.496   12.319  1.00 25.19 ? 2037 HOH A O   1 
HETATM 1019 O O   . HOH C 3 .   ? 14.869  -0.311  5.804   1.00 22.02 ? 2038 HOH A O   1 
HETATM 1020 O O   . HOH C 3 .   ? 9.976   1.612   10.395  1.00 18.27 ? 2039 HOH A O   1 
HETATM 1021 O O   . HOH C 3 .   ? 14.959  -2.967  7.660   1.00 25.79 ? 2040 HOH A O   1 
HETATM 1022 O O   . HOH C 3 .   ? 11.985  -5.270  6.936   1.00 34.18 ? 2041 HOH A O   1 
HETATM 1023 O O   . HOH C 3 .   ? 6.885   -6.560  7.307   1.00 21.27 ? 2042 HOH A O   1 
HETATM 1024 O O   . HOH C 3 .   ? 8.143   -7.016  11.780  1.00 37.52 ? 2043 HOH A O   1 
HETATM 1025 O O   . HOH C 3 .   ? 6.176   -0.349  10.472  1.00 24.10 ? 2044 HOH A O   1 
HETATM 1026 O O   . HOH C 3 .   ? 6.093   2.057   2.298   1.00 33.28 ? 2045 HOH A O   1 
HETATM 1027 O O   . HOH C 3 .   ? 5.187   3.035   -1.016  1.00 14.80 ? 2046 HOH A O   1 
HETATM 1028 O O   . HOH C 3 .   ? 9.264   -1.038  -1.061  1.00 17.65 ? 2047 HOH A O   1 
HETATM 1029 O O   . HOH C 3 .   ? 5.542   -5.978  -9.568  1.00 28.74 ? 2048 HOH A O   1 
HETATM 1030 O O   . HOH C 3 .   ? 10.007  -4.436  -1.296  1.00 22.58 ? 2049 HOH A O   1 
HETATM 1031 O O   . HOH C 3 .   ? 1.341   -3.942  -12.663 1.00 30.86 ? 2050 HOH A O   1 
HETATM 1032 O O   . HOH C 3 .   ? 7.257   -8.416  3.178   1.00 23.84 ? 2051 HOH A O   1 
HETATM 1033 O O   . HOH C 3 .   ? -0.412  -15.107 -3.016  1.00 17.24 ? 2052 HOH A O   1 
HETATM 1034 O O   . HOH C 3 .   ? 1.162   -16.909 -9.230  1.00 24.92 ? 2053 HOH A O   1 
HETATM 1035 O O   . HOH C 3 .   ? 1.855   -9.902  -13.706 1.00 39.07 ? 2054 HOH A O   1 
HETATM 1036 O O   . HOH C 3 .   ? 5.637   -18.657 -1.514  1.00 19.93 ? 2055 HOH A O   1 
HETATM 1037 O O   . HOH C 3 .   ? 8.290   -12.004 2.047   1.00 46.38 ? 2056 HOH A O   1 
HETATM 1038 O O   . HOH C 3 .   ? 2.778   -12.240 3.252   1.00 37.09 ? 2057 HOH A O   1 
HETATM 1039 O O   . HOH C 3 .   ? 10.209  -14.330 -2.877  1.00 20.08 ? 2058 HOH A O   1 
HETATM 1040 O O   . HOH C 3 .   ? -7.655  -14.586 5.547   1.00 27.56 ? 2059 HOH A O   1 
HETATM 1041 O O   . HOH C 3 .   ? -7.754  -11.597 11.491  1.00 20.77 ? 2060 HOH A O   1 
HETATM 1042 O O   . HOH C 3 .   ? -0.150  -14.846 3.618   1.00 28.10 ? 2061 HOH A O   1 
HETATM 1043 O O   . HOH C 3 .   ? 4.985   -2.306  11.338  1.00 28.79 ? 2062 HOH A O   1 
HETATM 1044 O O   . HOH C 3 .   ? 2.422   -8.909  5.236   1.00 20.01 ? 2063 HOH A O   1 
HETATM 1045 O O   . HOH C 3 .   ? 5.598   -7.028  5.005   1.00 19.42 ? 2064 HOH A O   1 
HETATM 1046 O O   . HOH C 3 .   ? -9.178  -0.146  8.107   1.00 24.48 ? 2065 HOH A O   1 
HETATM 1047 O O   . HOH C 3 .   ? 4.768   4.296   1.400   1.00 10.22 ? 2066 HOH A O   1 
HETATM 1048 O O   . HOH C 3 .   ? 2.064   6.401   10.295  1.00 18.73 ? 2067 HOH A O   1 
HETATM 1049 O O   . HOH C 3 .   ? 8.229   0.761   8.456   1.00 15.70 ? 2068 HOH A O   1 
HETATM 1050 O O   . HOH C 3 .   ? -0.491  7.147   10.194  1.00 18.64 ? 2069 HOH A O   1 
HETATM 1051 O O   . HOH C 3 .   ? 7.980   14.905  1.836   1.00 16.07 ? 2070 HOH A O   1 
HETATM 1052 O O   . HOH C 3 .   ? -1.568  17.130  3.357   1.00 27.05 ? 2071 HOH A O   1 
HETATM 1053 O O   . HOH C 3 .   ? -3.804  16.409  4.290   1.00 33.70 ? 2072 HOH A O   1 
HETATM 1054 O O   . HOH C 3 .   ? -3.385  15.925  6.495   1.00 44.77 ? 2073 HOH A O   1 
HETATM 1055 O O   . HOH C 3 .   ? 4.166   19.203  6.420   1.00 33.54 ? 2074 HOH A O   1 
HETATM 1056 O O   . HOH C 3 .   ? 2.372   18.710  -5.095  1.00 17.30 ? 2075 HOH A O   1 
HETATM 1057 O O   . HOH C 3 .   ? 3.675   18.923  -0.778  1.00 37.98 ? 2076 HOH A O   1 
HETATM 1058 O O   . HOH C 3 .   ? 7.493   16.232  -4.573  1.00 26.11 ? 2077 HOH A O   1 
HETATM 1059 O O   . HOH C 3 .   ? -6.491  13.183  1.373   1.00 27.13 ? 2078 HOH A O   1 
HETATM 1060 O O   . HOH C 3 .   ? -2.776  14.849  -7.694  1.00 13.86 ? 2079 HOH A O   1 
HETATM 1061 O O   . HOH C 3 .   ? 1.672   16.098  -6.459  1.00 4.39  ? 2080 HOH A O   1 
HETATM 1062 O O   . HOH C 3 .   ? -5.602  14.492  3.916   1.00 24.79 ? 2081 HOH A O   1 
HETATM 1063 O O   . HOH C 3 .   ? -7.887  7.936   5.113   1.00 23.53 ? 2082 HOH A O   1 
HETATM 1064 O O   . HOH C 3 .   ? -4.790  9.931   8.296   1.00 36.16 ? 2083 HOH A O   1 
HETATM 1065 O O   . HOH C 3 .   ? -10.582 8.127   -1.820  1.00 27.62 ? 2084 HOH A O   1 
HETATM 1066 O O   . HOH C 3 .   ? -4.062  2.581   8.800   1.00 16.21 ? 2085 HOH A O   1 
HETATM 1067 O O   . HOH C 3 .   ? -6.174  2.150   9.990   1.00 34.08 ? 2086 HOH A O   1 
HETATM 1068 O O   . HOH C 3 .   ? -6.386  0.343   6.146   1.00 15.61 ? 2087 HOH A O   1 
HETATM 1069 O O   . HOH C 3 .   ? -14.437 12.439  -0.132  1.00 40.99 ? 2088 HOH A O   1 
HETATM 1070 O O   . HOH C 3 .   ? -13.172 4.205   3.564   1.00 23.54 ? 2089 HOH A O   1 
HETATM 1071 O O   . HOH C 3 .   ? -13.565 2.246   -2.576  1.00 32.00 ? 2090 HOH A O   1 
HETATM 1072 O O   . HOH C 3 .   ? -11.777 4.850   5.540   1.00 26.89 ? 2091 HOH A O   1 
HETATM 1073 O O   . HOH C 3 .   ? -14.375 -4.204  -3.875  1.00 27.50 ? 2092 HOH A O   1 
HETATM 1074 O O   . HOH C 3 .   ? -12.498 -14.806 4.975   1.00 33.78 ? 2093 HOH A O   1 
HETATM 1075 O O   . HOH C 3 .   ? -14.724 -14.134 6.309   0.50 22.55 ? 2094 HOH A O   1 
HETATM 1076 O O   . HOH C 3 .   ? -16.492 -10.430 7.636   0.50 17.17 ? 2095 HOH A O   1 
HETATM 1077 O O   . HOH C 3 .   ? -10.539 -4.591  12.469  1.00 35.15 ? 2096 HOH A O   1 
HETATM 1078 O O   . HOH C 3 .   ? -10.104 -13.538 8.733   1.00 25.46 ? 2097 HOH A O   1 
HETATM 1079 O O   . HOH C 3 .   ? -7.383  -5.680  10.123  1.00 24.72 ? 2098 HOH A O   1 
HETATM 1080 O O   . HOH C 3 .   ? -14.213 0.400   9.784   1.00 42.39 ? 2099 HOH A O   1 
HETATM 1081 O O   . HOH D 3 .   ? 10.399  19.622  -2.092  1.00 34.44 ? 2001 HOH P O   1 
HETATM 1082 O O   . HOH D 3 .   ? 7.360   16.719  -0.013  1.00 17.52 ? 2002 HOH P O   1 
HETATM 1083 O O   . HOH D 3 .   ? 15.512  14.906  -0.233  1.00 44.99 ? 2003 HOH P O   1 
HETATM 1084 O O   . HOH D 3 .   ? 7.243   8.286   -3.997  1.00 23.96 ? 2004 HOH P O   1 
HETATM 1085 O O   . HOH D 3 .   ? 10.416  19.057  5.684   1.00 37.47 ? 2005 HOH P O   1 
HETATM 1086 O O   . HOH D 3 .   ? 7.879   15.959  4.501   1.00 18.14 ? 2006 HOH P O   1 
HETATM 1087 O O   . HOH D 3 .   ? 10.334  9.270   10.232  1.00 25.88 ? 2007 HOH P O   1 
HETATM 1088 O O   . HOH D 3 .   ? 4.408   17.544  10.106  1.00 45.20 ? 2008 HOH P O   1 
HETATM 1089 O O   . HOH D 3 .   ? 7.505   18.801  8.362   1.00 40.06 ? 2009 HOH P O   1 
HETATM 1090 O O   . HOH D 3 .   ? 7.087   19.308  0.648   1.00 28.25 ? 2010 HOH P O   1 
# 
